data_7H36
# 
_entry.id   7H36 
# 
_audit_conform.dict_name       mmcif_pdbx.dic 
_audit_conform.dict_version    5.397 
_audit_conform.dict_location   http://mmcif.pdb.org/dictionaries/ascii/mmcif_pdbx.dic 
# 
loop_
_database_2.database_id 
_database_2.database_code 
_database_2.pdbx_database_accession 
_database_2.pdbx_DOI 
PDB   7H36         pdb_00007h36 10.2210/pdb7h36/pdb 
WWPDB D_1001406965 ?            ?                   
# 
loop_
_pdbx_audit_revision_history.ordinal 
_pdbx_audit_revision_history.data_content_type 
_pdbx_audit_revision_history.major_revision 
_pdbx_audit_revision_history.minor_revision 
_pdbx_audit_revision_history.revision_date 
1 'Structure model' 1 0 2024-04-24 
2 'Structure model' 1 1 2024-10-16 
# 
_pdbx_audit_revision_details.ordinal             1 
_pdbx_audit_revision_details.revision_ordinal    1 
_pdbx_audit_revision_details.data_content_type   'Structure model' 
_pdbx_audit_revision_details.provider            repository 
_pdbx_audit_revision_details.type                'Initial release' 
_pdbx_audit_revision_details.description         ? 
_pdbx_audit_revision_details.details             ? 
# 
loop_
_pdbx_audit_revision_group.ordinal 
_pdbx_audit_revision_group.revision_ordinal 
_pdbx_audit_revision_group.data_content_type 
_pdbx_audit_revision_group.group 
1 2 'Structure model' 'Database references' 
2 2 'Structure model' 'Structure summary'   
# 
loop_
_pdbx_audit_revision_category.ordinal 
_pdbx_audit_revision_category.revision_ordinal 
_pdbx_audit_revision_category.data_content_type 
_pdbx_audit_revision_category.category 
1 2 'Structure model' citation           
2 2 'Structure model' citation_author    
3 2 'Structure model' pdbx_entry_details 
# 
loop_
_pdbx_audit_revision_item.ordinal 
_pdbx_audit_revision_item.revision_ordinal 
_pdbx_audit_revision_item.data_content_type 
_pdbx_audit_revision_item.item 
1 2 'Structure model' '_citation.country'                 
2 2 'Structure model' '_citation.journal_abbrev'          
3 2 'Structure model' '_citation.journal_id_CSD'          
4 2 'Structure model' '_citation.journal_id_ISSN'         
5 2 'Structure model' '_citation.pdbx_database_id_DOI'    
6 2 'Structure model' '_citation.pdbx_database_id_PubMed' 
7 2 'Structure model' '_citation.title'                   
8 2 'Structure model' '_citation.year'                    
# 
_pdbx_database_status.entry_id                        7H36 
_pdbx_database_status.status_code                     REL 
_pdbx_database_status.status_code_sf                  REL 
_pdbx_database_status.status_code_mr                  ? 
_pdbx_database_status.status_code_cs                  ? 
_pdbx_database_status.recvd_initial_deposition_date   2024-04-04 
_pdbx_database_status.status_code_nmr_data            ? 
_pdbx_database_status.deposit_site                    RCSB 
_pdbx_database_status.process_site                    RCSB 
_pdbx_database_status.SG_entry                        ? 
_pdbx_database_status.pdb_format_compatible           Y 
_pdbx_database_status.methods_development_category    ? 
# 
_pdbx_contact_author.id                 1 
_pdbx_contact_author.email              frank.von-delft@diamond.ac.uk 
_pdbx_contact_author.name_first         Frank 
_pdbx_contact_author.name_last          'von Delft' 
_pdbx_contact_author.role               'principal investigator/group leader' 
_pdbx_contact_author.identifier_ORCID   0000-0003-0378-0017 
_pdbx_contact_author.name_mi            ? 
# 
loop_
_audit_author.name 
_audit_author.pdbx_ordinal 
'Lithgo, R.M.'        1  
'Fairhead, M.'        2  
'Koekemoer, L.'       3  
'Balcomb, B.H.'       4  
'Capkin, E.'          5  
'Chandran, A.V.'      6  
'Golding, M.'         7  
'Godoy, A.S.'         8  
'Aschenbrenner, J.C.' 9  
'Marples, P.G.'       10 
'Ni, X.'              11 
'Thompson, W.'        12 
'Tomlinson, C.W.E.'   13 
'Wild, C.'            14 
'Winokan, M.'         15 
'Xavier, M.-A.E.'     16 
'Fearon, D.'          17 
'von Delft, F.'       18 
# 
_citation.id                        primary 
_citation.title                     
;Crystallographic Fragment Screen of Coxsackievirus A16 2A Protease identifies new opportunities for the development of broad-spectrum anti-enterovirals.
;
_citation.journal_abbrev            Biorxiv 
_citation.journal_volume            ? 
_citation.page_first                ? 
_citation.page_last                 ? 
_citation.year                      2024 
_citation.journal_id_ASTM           ? 
_citation.country                   US 
_citation.journal_id_ISSN           2692-8205 
_citation.journal_id_CSD            ? 
_citation.book_publisher            ? 
_citation.pdbx_database_id_PubMed   38746446 
_citation.pdbx_database_id_DOI      10.1101/2024.04.29.591684 
# 
loop_
_citation_author.citation_id 
_citation_author.name 
_citation_author.identifier_ORCID 
_citation_author.ordinal 
primary 'Lithgo, R.M.'        0000-0002-4706-9916 1  
primary 'Tomlinson, C.W.E.'   0000-0002-1845-6028 2  
primary 'Fairhead, M.'        0000-0001-5361-3933 3  
primary 'Winokan, M.'         ?                   4  
primary 'Thompson, W.'        0000-0003-1474-7810 5  
primary 'Wild, C.'            0000-0003-0654-8141 6  
primary 'Aschenbrenner, J.C.' 0000-0002-4318-0481 7  
primary 'Balcomb, B.H.'       0000-0001-7599-8467 8  
primary 'Marples, P.G.'       0000-0002-8787-7969 9  
primary 'Chandran, A.V.'      0000-0001-9942-2614 10 
primary 'Golding, M.'         0009-0004-7472-8333 11 
primary 'Koekemoer, L.'       0000-0001-9226-9127 12 
primary 'Williams, E.P.'      0000-0002-1331-9518 13 
primary 'Wang, S.'            ?                   14 
primary 'Ni, X.'              0000-0002-7769-8297 15 
primary 'MacLean, E.'         0000-0003-1680-4292 16 
primary 'Giroud, C.'          0000-0002-1629-1581 17 
primary 'Godoy, A.S.'         0000-0002-0613-9164 18 
primary 'Xavier, M.A.'        0000-0002-1709-9479 19 
primary 'Walsh, M.'           0000-0001-5683-1151 20 
primary 'Fearon, D.'          0000-0003-3529-7863 21 
primary 'von Delft, F.'       0000-0003-0378-0017 22 
# 
loop_
_entity.id 
_entity.type 
_entity.src_method 
_entity.pdbx_description 
_entity.formula_weight 
_entity.pdbx_number_of_molecules 
_entity.pdbx_ec 
_entity.pdbx_mutation 
_entity.pdbx_fragment 
_entity.details 
1 polymer     man 'Protease 2A'                                          16493.311 1   3.4.22.29 ? ? ? 
2 non-polymer man '2-cyano-~{N}-(1,3,5-trimethylpyrazol-4-yl)ethanamide' 192.218   1   ?         ? ? ? 
3 non-polymer syn 'ZINC ION'                                             65.409    1   ?         ? ? ? 
4 non-polymer syn 'DIMETHYL SULFOXIDE'                                   78.133    4   ?         ? ? ? 
5 water       nat water                                                  18.015    231 ?         ? ? ? 
# 
_entity_name_com.entity_id   1 
_entity_name_com.name        'P2A,Picornain 2A,Protein 2A' 
# 
_entity_poly.entity_id                      1 
_entity_poly.type                           'polypeptide(L)' 
_entity_poly.nstd_linkage                   no 
_entity_poly.nstd_monomer                   no 
_entity_poly.pdbx_seq_one_letter_code       
;QEQTGGSGAIYVGNYRVVNRHLATHNDWANLVWEDSSRDLLVSSTTAQGCDTIARCDCQTGVYYCSSRRKHYPVSFSKPS
LIFVEASEYYPARYQSHLMLAVGHSEPGDCGGILRCQHGVVGIVSTGGNGLVGFADVRDLLWLDEEAMEQ
;
_entity_poly.pdbx_seq_one_letter_code_can   
;QEQTGGSGAIYVGNYRVVNRHLATHNDWANLVWEDSSRDLLVSSTTAQGCDTIARCDCQTGVYYCSSRRKHYPVSFSKPS
LIFVEASEYYPARYQSHLMLAVGHSEPGDCGGILRCQHGVVGIVSTGGNGLVGFADVRDLLWLDEEAMEQ
;
_entity_poly.pdbx_strand_id                 A 
_entity_poly.pdbx_target_identifier         ? 
# 
loop_
_pdbx_entity_nonpoly.entity_id 
_pdbx_entity_nonpoly.name 
_pdbx_entity_nonpoly.comp_id 
2 '2-cyano-~{N}-(1,3,5-trimethylpyrazol-4-yl)ethanamide' GV4 
3 'ZINC ION'                                             ZN  
4 'DIMETHYL SULFOXIDE'                                   DMS 
5 water                                                  HOH 
# 
loop_
_entity_poly_seq.entity_id 
_entity_poly_seq.num 
_entity_poly_seq.mon_id 
_entity_poly_seq.hetero 
1 1   GLN n 
1 2   GLU n 
1 3   GLN n 
1 4   THR n 
1 5   GLY n 
1 6   GLY n 
1 7   SER n 
1 8   GLY n 
1 9   ALA n 
1 10  ILE n 
1 11  TYR n 
1 12  VAL n 
1 13  GLY n 
1 14  ASN n 
1 15  TYR n 
1 16  ARG n 
1 17  VAL n 
1 18  VAL n 
1 19  ASN n 
1 20  ARG n 
1 21  HIS n 
1 22  LEU n 
1 23  ALA n 
1 24  THR n 
1 25  HIS n 
1 26  ASN n 
1 27  ASP n 
1 28  TRP n 
1 29  ALA n 
1 30  ASN n 
1 31  LEU n 
1 32  VAL n 
1 33  TRP n 
1 34  GLU n 
1 35  ASP n 
1 36  SER n 
1 37  SER n 
1 38  ARG n 
1 39  ASP n 
1 40  LEU n 
1 41  LEU n 
1 42  VAL n 
1 43  SER n 
1 44  SER n 
1 45  THR n 
1 46  THR n 
1 47  ALA n 
1 48  GLN n 
1 49  GLY n 
1 50  CYS n 
1 51  ASP n 
1 52  THR n 
1 53  ILE n 
1 54  ALA n 
1 55  ARG n 
1 56  CYS n 
1 57  ASP n 
1 58  CYS n 
1 59  GLN n 
1 60  THR n 
1 61  GLY n 
1 62  VAL n 
1 63  TYR n 
1 64  TYR n 
1 65  CYS n 
1 66  SER n 
1 67  SER n 
1 68  ARG n 
1 69  ARG n 
1 70  LYS n 
1 71  HIS n 
1 72  TYR n 
1 73  PRO n 
1 74  VAL n 
1 75  SER n 
1 76  PHE n 
1 77  SER n 
1 78  LYS n 
1 79  PRO n 
1 80  SER n 
1 81  LEU n 
1 82  ILE n 
1 83  PHE n 
1 84  VAL n 
1 85  GLU n 
1 86  ALA n 
1 87  SER n 
1 88  GLU n 
1 89  TYR n 
1 90  TYR n 
1 91  PRO n 
1 92  ALA n 
1 93  ARG n 
1 94  TYR n 
1 95  GLN n 
1 96  SER n 
1 97  HIS n 
1 98  LEU n 
1 99  MET n 
1 100 LEU n 
1 101 ALA n 
1 102 VAL n 
1 103 GLY n 
1 104 HIS n 
1 105 SER n 
1 106 GLU n 
1 107 PRO n 
1 108 GLY n 
1 109 ASP n 
1 110 CYS n 
1 111 GLY n 
1 112 GLY n 
1 113 ILE n 
1 114 LEU n 
1 115 ARG n 
1 116 CYS n 
1 117 GLN n 
1 118 HIS n 
1 119 GLY n 
1 120 VAL n 
1 121 VAL n 
1 122 GLY n 
1 123 ILE n 
1 124 VAL n 
1 125 SER n 
1 126 THR n 
1 127 GLY n 
1 128 GLY n 
1 129 ASN n 
1 130 GLY n 
1 131 LEU n 
1 132 VAL n 
1 133 GLY n 
1 134 PHE n 
1 135 ALA n 
1 136 ASP n 
1 137 VAL n 
1 138 ARG n 
1 139 ASP n 
1 140 LEU n 
1 141 LEU n 
1 142 TRP n 
1 143 LEU n 
1 144 ASP n 
1 145 GLU n 
1 146 GLU n 
1 147 ALA n 
1 148 MET n 
1 149 GLU n 
1 150 GLN n 
# 
loop_
_entity_src_gen.entity_id 
_entity_src_gen.pdbx_src_id 
_entity_src_gen.pdbx_alt_source_flag 
_entity_src_gen.pdbx_seq_type 
_entity_src_gen.pdbx_beg_seq_num 
_entity_src_gen.pdbx_end_seq_num 
_entity_src_gen.gene_src_common_name 
_entity_src_gen.gene_src_genus 
_entity_src_gen.pdbx_gene_src_gene 
_entity_src_gen.gene_src_species 
_entity_src_gen.gene_src_strain 
_entity_src_gen.gene_src_tissue 
_entity_src_gen.gene_src_tissue_fraction 
_entity_src_gen.gene_src_details 
_entity_src_gen.pdbx_gene_src_fragment 
_entity_src_gen.pdbx_gene_src_scientific_name 
_entity_src_gen.pdbx_gene_src_ncbi_taxonomy_id 
_entity_src_gen.pdbx_gene_src_variant 
_entity_src_gen.pdbx_gene_src_cell_line 
_entity_src_gen.pdbx_gene_src_atcc 
_entity_src_gen.pdbx_gene_src_organ 
_entity_src_gen.pdbx_gene_src_organelle 
_entity_src_gen.pdbx_gene_src_cell 
_entity_src_gen.pdbx_gene_src_cellular_location 
_entity_src_gen.host_org_common_name 
_entity_src_gen.pdbx_host_org_scientific_name 
_entity_src_gen.pdbx_host_org_ncbi_taxonomy_id 
_entity_src_gen.host_org_genus 
_entity_src_gen.pdbx_host_org_gene 
_entity_src_gen.pdbx_host_org_organ 
_entity_src_gen.host_org_species 
_entity_src_gen.pdbx_host_org_tissue 
_entity_src_gen.pdbx_host_org_tissue_fraction 
_entity_src_gen.pdbx_host_org_strain 
_entity_src_gen.pdbx_host_org_variant 
_entity_src_gen.pdbx_host_org_cell_line 
_entity_src_gen.pdbx_host_org_atcc 
_entity_src_gen.pdbx_host_org_culture_collection 
_entity_src_gen.pdbx_host_org_cell 
_entity_src_gen.pdbx_host_org_organelle 
_entity_src_gen.pdbx_host_org_cellular_location 
_entity_src_gen.pdbx_host_org_vector_type 
_entity_src_gen.pdbx_host_org_vector 
_entity_src_gen.host_org_details 
_entity_src_gen.expression_system_id 
_entity_src_gen.plasmid_name 
_entity_src_gen.plasmid_details 
_entity_src_gen.pdbx_description 
1 1 sample 'Biological sequence' 1 150 ? ? ? ? ? ? ? ? ? 'Coxsackievirus A16' 31704 ? ? ? ? ? ? ? ? 'Escherichia coli' 562 ? ? ? ? 
? ? ? ? ? ? ? ? ? ? ? ? ? ? ? ? ? 
2 1 sample ?                     ? ?   ? ? ? ? ? ? ? ? ? 'Coxsackievirus A16' 31704 ? ? ? ? ? ? ? ? 'Escherichia coli' 562 ? ? ? ? 
? ? ? ? ? ? ? ? ? ? ? ? ? ? ? ? ? 
# 
loop_
_chem_comp.id 
_chem_comp.type 
_chem_comp.mon_nstd_flag 
_chem_comp.name 
_chem_comp.pdbx_synonyms 
_chem_comp.formula 
_chem_comp.formula_weight 
ALA 'L-peptide linking' y ALANINE                                                ? 'C3 H7 N O2'     89.093  
ARG 'L-peptide linking' y ARGININE                                               ? 'C6 H15 N4 O2 1' 175.209 
ASN 'L-peptide linking' y ASPARAGINE                                             ? 'C4 H8 N2 O3'    132.118 
ASP 'L-peptide linking' y 'ASPARTIC ACID'                                        ? 'C4 H7 N O4'     133.103 
CYS 'L-peptide linking' y CYSTEINE                                               ? 'C3 H7 N O2 S'   121.158 
DMS non-polymer         . 'DIMETHYL SULFOXIDE'                                   ? 'C2 H6 O S'      78.133  
GLN 'L-peptide linking' y GLUTAMINE                                              ? 'C5 H10 N2 O3'   146.144 
GLU 'L-peptide linking' y 'GLUTAMIC ACID'                                        ? 'C5 H9 N O4'     147.129 
GLY 'peptide linking'   y GLYCINE                                                ? 'C2 H5 N O2'     75.067  
GV4 non-polymer         . '2-cyano-~{N}-(1,3,5-trimethylpyrazol-4-yl)ethanamide' ? 'C9 H12 N4 O'    192.218 
HIS 'L-peptide linking' y HISTIDINE                                              ? 'C6 H10 N3 O2 1' 156.162 
HOH non-polymer         . WATER                                                  ? 'H2 O'           18.015  
ILE 'L-peptide linking' y ISOLEUCINE                                             ? 'C6 H13 N O2'    131.173 
LEU 'L-peptide linking' y LEUCINE                                                ? 'C6 H13 N O2'    131.173 
LYS 'L-peptide linking' y LYSINE                                                 ? 'C6 H15 N2 O2 1' 147.195 
MET 'L-peptide linking' y METHIONINE                                             ? 'C5 H11 N O2 S'  149.211 
PHE 'L-peptide linking' y PHENYLALANINE                                          ? 'C9 H11 N O2'    165.189 
PRO 'L-peptide linking' y PROLINE                                                ? 'C5 H9 N O2'     115.130 
SER 'L-peptide linking' y SERINE                                                 ? 'C3 H7 N O3'     105.093 
THR 'L-peptide linking' y THREONINE                                              ? 'C4 H9 N O3'     119.119 
TRP 'L-peptide linking' y TRYPTOPHAN                                             ? 'C11 H12 N2 O2'  204.225 
TYR 'L-peptide linking' y TYROSINE                                               ? 'C9 H11 N O3'    181.189 
VAL 'L-peptide linking' y VALINE                                                 ? 'C5 H11 N O2'    117.146 
ZN  non-polymer         . 'ZINC ION'                                             ? 'Zn 2'           65.409  
# 
loop_
_pdbx_poly_seq_scheme.asym_id 
_pdbx_poly_seq_scheme.entity_id 
_pdbx_poly_seq_scheme.seq_id 
_pdbx_poly_seq_scheme.mon_id 
_pdbx_poly_seq_scheme.ndb_seq_num 
_pdbx_poly_seq_scheme.pdb_seq_num 
_pdbx_poly_seq_scheme.auth_seq_num 
_pdbx_poly_seq_scheme.pdb_mon_id 
_pdbx_poly_seq_scheme.auth_mon_id 
_pdbx_poly_seq_scheme.pdb_strand_id 
_pdbx_poly_seq_scheme.pdb_ins_code 
_pdbx_poly_seq_scheme.hetero 
A 1 1   GLN 1   1   ?   ?   ?   A . n 
A 1 2   GLU 2   2   ?   ?   ?   A . n 
A 1 3   GLN 3   3   ?   ?   ?   A . n 
A 1 4   THR 4   4   ?   ?   ?   A . n 
A 1 5   GLY 5   5   ?   ?   ?   A . n 
A 1 6   GLY 6   6   ?   ?   ?   A . n 
A 1 7   SER 7   7   7   SER SER A . n 
A 1 8   GLY 8   8   8   GLY GLY A . n 
A 1 9   ALA 9   9   9   ALA ALA A . n 
A 1 10  ILE 10  10  10  ILE ILE A . n 
A 1 11  TYR 11  11  11  TYR TYR A . n 
A 1 12  VAL 12  12  12  VAL VAL A . n 
A 1 13  GLY 13  13  13  GLY GLY A . n 
A 1 14  ASN 14  14  14  ASN ASN A . n 
A 1 15  TYR 15  15  15  TYR TYR A . n 
A 1 16  ARG 16  16  16  ARG ARG A . n 
A 1 17  VAL 17  17  17  VAL VAL A . n 
A 1 18  VAL 18  18  18  VAL VAL A . n 
A 1 19  ASN 19  19  19  ASN ASN A . n 
A 1 20  ARG 20  20  20  ARG ARG A . n 
A 1 21  HIS 21  21  21  HIS HIS A . n 
A 1 22  LEU 22  22  22  LEU LEU A . n 
A 1 23  ALA 23  23  23  ALA ALA A . n 
A 1 24  THR 24  24  24  THR THR A . n 
A 1 25  HIS 25  25  25  HIS HIS A . n 
A 1 26  ASN 26  26  26  ASN ASN A . n 
A 1 27  ASP 27  27  27  ASP ASP A . n 
A 1 28  TRP 28  28  28  TRP TRP A . n 
A 1 29  ALA 29  29  29  ALA ALA A . n 
A 1 30  ASN 30  30  30  ASN ASN A . n 
A 1 31  LEU 31  31  31  LEU LEU A . n 
A 1 32  VAL 32  32  32  VAL VAL A . n 
A 1 33  TRP 33  33  33  TRP TRP A . n 
A 1 34  GLU 34  34  34  GLU GLU A . n 
A 1 35  ASP 35  35  35  ASP ASP A . n 
A 1 36  SER 36  36  36  SER SER A . n 
A 1 37  SER 37  37  37  SER SER A . n 
A 1 38  ARG 38  38  38  ARG ARG A . n 
A 1 39  ASP 39  39  39  ASP ASP A . n 
A 1 40  LEU 40  40  40  LEU LEU A . n 
A 1 41  LEU 41  41  41  LEU LEU A . n 
A 1 42  VAL 42  42  42  VAL VAL A . n 
A 1 43  SER 43  43  43  SER SER A . n 
A 1 44  SER 44  44  44  SER SER A . n 
A 1 45  THR 45  45  45  THR THR A . n 
A 1 46  THR 46  46  46  THR THR A . n 
A 1 47  ALA 47  47  47  ALA ALA A . n 
A 1 48  GLN 48  48  48  GLN GLN A . n 
A 1 49  GLY 49  49  49  GLY GLY A . n 
A 1 50  CYS 50  50  50  CYS CYS A . n 
A 1 51  ASP 51  51  51  ASP ASP A . n 
A 1 52  THR 52  52  52  THR THR A . n 
A 1 53  ILE 53  53  53  ILE ILE A . n 
A 1 54  ALA 54  54  54  ALA ALA A . n 
A 1 55  ARG 55  55  55  ARG ARG A . n 
A 1 56  CYS 56  56  56  CYS CYS A . n 
A 1 57  ASP 57  57  57  ASP ASP A . n 
A 1 58  CYS 58  58  58  CYS CYS A . n 
A 1 59  GLN 59  59  59  GLN GLN A . n 
A 1 60  THR 60  60  60  THR THR A . n 
A 1 61  GLY 61  61  61  GLY GLY A . n 
A 1 62  VAL 62  62  62  VAL VAL A . n 
A 1 63  TYR 63  63  63  TYR TYR A . n 
A 1 64  TYR 64  64  64  TYR TYR A . n 
A 1 65  CYS 65  65  65  CYS CYS A . n 
A 1 66  SER 66  66  66  SER SER A . n 
A 1 67  SER 67  67  67  SER SER A . n 
A 1 68  ARG 68  68  68  ARG ARG A . n 
A 1 69  ARG 69  69  69  ARG ARG A . n 
A 1 70  LYS 70  70  70  LYS LYS A . n 
A 1 71  HIS 71  71  71  HIS HIS A . n 
A 1 72  TYR 72  72  72  TYR TYR A . n 
A 1 73  PRO 73  73  73  PRO PRO A . n 
A 1 74  VAL 74  74  74  VAL VAL A . n 
A 1 75  SER 75  75  75  SER SER A . n 
A 1 76  PHE 76  76  76  PHE PHE A . n 
A 1 77  SER 77  77  77  SER SER A . n 
A 1 78  LYS 78  78  78  LYS LYS A . n 
A 1 79  PRO 79  79  79  PRO PRO A . n 
A 1 80  SER 80  80  80  SER SER A . n 
A 1 81  LEU 81  81  81  LEU LEU A . n 
A 1 82  ILE 82  82  82  ILE ILE A . n 
A 1 83  PHE 83  83  83  PHE PHE A . n 
A 1 84  VAL 84  84  84  VAL VAL A . n 
A 1 85  GLU 85  85  85  GLU GLU A . n 
A 1 86  ALA 86  86  86  ALA ALA A . n 
A 1 87  SER 87  87  87  SER SER A . n 
A 1 88  GLU 88  88  88  GLU GLU A . n 
A 1 89  TYR 89  89  89  TYR TYR A . n 
A 1 90  TYR 90  90  90  TYR TYR A . n 
A 1 91  PRO 91  91  91  PRO PRO A . n 
A 1 92  ALA 92  92  92  ALA ALA A . n 
A 1 93  ARG 93  93  93  ARG ARG A . n 
A 1 94  TYR 94  94  94  TYR TYR A . n 
A 1 95  GLN 95  95  95  GLN GLN A . n 
A 1 96  SER 96  96  96  SER SER A . n 
A 1 97  HIS 97  97  97  HIS HIS A . n 
A 1 98  LEU 98  98  98  LEU LEU A . n 
A 1 99  MET 99  99  99  MET MET A . n 
A 1 100 LEU 100 100 100 LEU LEU A . n 
A 1 101 ALA 101 101 101 ALA ALA A . n 
A 1 102 VAL 102 102 102 VAL VAL A . n 
A 1 103 GLY 103 103 103 GLY GLY A . n 
A 1 104 HIS 104 104 104 HIS HIS A . n 
A 1 105 SER 105 105 105 SER SER A . n 
A 1 106 GLU 106 106 106 GLU GLU A . n 
A 1 107 PRO 107 107 107 PRO PRO A . n 
A 1 108 GLY 108 108 108 GLY GLY A . n 
A 1 109 ASP 109 109 109 ASP ASP A . n 
A 1 110 CYS 110 110 110 CYS CYS A . n 
A 1 111 GLY 111 111 111 GLY GLY A . n 
A 1 112 GLY 112 112 112 GLY GLY A . n 
A 1 113 ILE 113 113 113 ILE ILE A . n 
A 1 114 LEU 114 114 114 LEU LEU A . n 
A 1 115 ARG 115 115 115 ARG ARG A . n 
A 1 116 CYS 116 116 116 CYS CYS A . n 
A 1 117 GLN 117 117 117 GLN GLN A . n 
A 1 118 HIS 118 118 118 HIS HIS A . n 
A 1 119 GLY 119 119 119 GLY GLY A . n 
A 1 120 VAL 120 120 120 VAL VAL A . n 
A 1 121 VAL 121 121 121 VAL VAL A . n 
A 1 122 GLY 122 122 122 GLY GLY A . n 
A 1 123 ILE 123 123 123 ILE ILE A . n 
A 1 124 VAL 124 124 124 VAL VAL A . n 
A 1 125 SER 125 125 125 SER SER A . n 
A 1 126 THR 126 126 126 THR THR A . n 
A 1 127 GLY 127 127 127 GLY GLY A . n 
A 1 128 GLY 128 128 128 GLY GLY A . n 
A 1 129 ASN 129 129 129 ASN ASN A . n 
A 1 130 GLY 130 130 130 GLY GLY A . n 
A 1 131 LEU 131 131 131 LEU LEU A . n 
A 1 132 VAL 132 132 132 VAL VAL A . n 
A 1 133 GLY 133 133 133 GLY GLY A . n 
A 1 134 PHE 134 134 134 PHE PHE A . n 
A 1 135 ALA 135 135 135 ALA ALA A . n 
A 1 136 ASP 136 136 136 ASP ASP A . n 
A 1 137 VAL 137 137 137 VAL VAL A . n 
A 1 138 ARG 138 138 138 ARG ARG A . n 
A 1 139 ASP 139 139 139 ASP ASP A . n 
A 1 140 LEU 140 140 140 LEU LEU A . n 
A 1 141 LEU 141 141 141 LEU LEU A . n 
A 1 142 TRP 142 142 142 TRP TRP A . n 
A 1 143 LEU 143 143 143 LEU LEU A . n 
A 1 144 ASP 144 144 144 ASP ASP A . n 
A 1 145 GLU 145 145 145 GLU GLU A . n 
A 1 146 GLU 146 146 146 GLU GLU A . n 
A 1 147 ALA 147 147 ?   ?   ?   A . n 
A 1 148 MET 148 148 ?   ?   ?   A . n 
A 1 149 GLU 149 149 ?   ?   ?   A . n 
A 1 150 GLN 150 150 ?   ?   ?   A . n 
# 
loop_
_pdbx_nonpoly_scheme.asym_id 
_pdbx_nonpoly_scheme.entity_id 
_pdbx_nonpoly_scheme.mon_id 
_pdbx_nonpoly_scheme.ndb_seq_num 
_pdbx_nonpoly_scheme.pdb_seq_num 
_pdbx_nonpoly_scheme.auth_seq_num 
_pdbx_nonpoly_scheme.pdb_mon_id 
_pdbx_nonpoly_scheme.auth_mon_id 
_pdbx_nonpoly_scheme.pdb_strand_id 
_pdbx_nonpoly_scheme.pdb_ins_code 
B 2 GV4 1   201 147 GV4 LIG A . 
C 3 ZN  1   202 1   ZN  ZN  A . 
D 4 DMS 1   203 -1  DMS DMS A . 
E 4 DMS 1   204 0   DMS DMS A . 
F 4 DMS 1   205 1   DMS DMS A . 
G 4 DMS 1   206 3   DMS DMS A . 
H 5 HOH 1   301 219 HOH HOH A . 
H 5 HOH 2   302 3   HOH HOH A . 
H 5 HOH 3   303 47  HOH HOH A . 
H 5 HOH 4   304 34  HOH HOH A . 
H 5 HOH 5   305 46  HOH HOH A . 
H 5 HOH 6   306 260 HOH HOH A . 
H 5 HOH 7   307 248 HOH HOH A . 
H 5 HOH 8   308 215 HOH HOH A . 
H 5 HOH 9   309 201 HOH HOH A . 
H 5 HOH 10  310 43  HOH HOH A . 
H 5 HOH 11  311 137 HOH HOH A . 
H 5 HOH 12  312 26  HOH HOH A . 
H 5 HOH 13  313 148 HOH HOH A . 
H 5 HOH 14  314 181 HOH HOH A . 
H 5 HOH 15  315 107 HOH HOH A . 
H 5 HOH 16  316 67  HOH HOH A . 
H 5 HOH 17  317 191 HOH HOH A . 
H 5 HOH 18  318 259 HOH HOH A . 
H 5 HOH 19  319 220 HOH HOH A . 
H 5 HOH 20  320 13  HOH HOH A . 
H 5 HOH 21  321 77  HOH HOH A . 
H 5 HOH 22  322 53  HOH HOH A . 
H 5 HOH 23  323 250 HOH HOH A . 
H 5 HOH 24  324 147 HOH HOH A . 
H 5 HOH 25  325 30  HOH HOH A . 
H 5 HOH 26  326 68  HOH HOH A . 
H 5 HOH 27  327 233 HOH HOH A . 
H 5 HOH 28  328 113 HOH HOH A . 
H 5 HOH 29  329 152 HOH HOH A . 
H 5 HOH 30  330 4   HOH HOH A . 
H 5 HOH 31  331 59  HOH HOH A . 
H 5 HOH 32  332 93  HOH HOH A . 
H 5 HOH 33  333 251 HOH HOH A . 
H 5 HOH 34  334 16  HOH HOH A . 
H 5 HOH 35  335 104 HOH HOH A . 
H 5 HOH 36  336 141 HOH HOH A . 
H 5 HOH 37  337 249 HOH HOH A . 
H 5 HOH 38  338 19  HOH HOH A . 
H 5 HOH 39  339 173 HOH HOH A . 
H 5 HOH 40  340 7   HOH HOH A . 
H 5 HOH 41  341 182 HOH HOH A . 
H 5 HOH 42  342 41  HOH HOH A . 
H 5 HOH 43  343 133 HOH HOH A . 
H 5 HOH 44  344 197 HOH HOH A . 
H 5 HOH 45  345 96  HOH HOH A . 
H 5 HOH 46  346 60  HOH HOH A . 
H 5 HOH 47  347 27  HOH HOH A . 
H 5 HOH 48  348 88  HOH HOH A . 
H 5 HOH 49  349 33  HOH HOH A . 
H 5 HOH 50  350 161 HOH HOH A . 
H 5 HOH 51  351 9   HOH HOH A . 
H 5 HOH 52  352 174 HOH HOH A . 
H 5 HOH 53  353 35  HOH HOH A . 
H 5 HOH 54  354 211 HOH HOH A . 
H 5 HOH 55  355 17  HOH HOH A . 
H 5 HOH 56  356 24  HOH HOH A . 
H 5 HOH 57  357 164 HOH HOH A . 
H 5 HOH 58  358 81  HOH HOH A . 
H 5 HOH 59  359 50  HOH HOH A . 
H 5 HOH 60  360 2   HOH HOH A . 
H 5 HOH 61  361 45  HOH HOH A . 
H 5 HOH 62  362 231 HOH HOH A . 
H 5 HOH 63  363 198 HOH HOH A . 
H 5 HOH 64  364 205 HOH HOH A . 
H 5 HOH 65  365 37  HOH HOH A . 
H 5 HOH 66  366 146 HOH HOH A . 
H 5 HOH 67  367 111 HOH HOH A . 
H 5 HOH 68  368 25  HOH HOH A . 
H 5 HOH 69  369 65  HOH HOH A . 
H 5 HOH 70  370 144 HOH HOH A . 
H 5 HOH 71  371 105 HOH HOH A . 
H 5 HOH 72  372 62  HOH HOH A . 
H 5 HOH 73  373 254 HOH HOH A . 
H 5 HOH 74  374 169 HOH HOH A . 
H 5 HOH 75  375 55  HOH HOH A . 
H 5 HOH 76  376 21  HOH HOH A . 
H 5 HOH 77  377 40  HOH HOH A . 
H 5 HOH 78  378 124 HOH HOH A . 
H 5 HOH 79  379 8   HOH HOH A . 
H 5 HOH 80  380 15  HOH HOH A . 
H 5 HOH 81  381 12  HOH HOH A . 
H 5 HOH 82  382 214 HOH HOH A . 
H 5 HOH 83  383 5   HOH HOH A . 
H 5 HOH 84  384 234 HOH HOH A . 
H 5 HOH 85  385 90  HOH HOH A . 
H 5 HOH 86  386 61  HOH HOH A . 
H 5 HOH 87  387 20  HOH HOH A . 
H 5 HOH 88  388 97  HOH HOH A . 
H 5 HOH 89  389 261 HOH HOH A . 
H 5 HOH 90  390 178 HOH HOH A . 
H 5 HOH 91  391 29  HOH HOH A . 
H 5 HOH 92  392 11  HOH HOH A . 
H 5 HOH 93  393 76  HOH HOH A . 
H 5 HOH 94  394 168 HOH HOH A . 
H 5 HOH 95  395 138 HOH HOH A . 
H 5 HOH 96  396 84  HOH HOH A . 
H 5 HOH 97  397 112 HOH HOH A . 
H 5 HOH 98  398 108 HOH HOH A . 
H 5 HOH 99  399 28  HOH HOH A . 
H 5 HOH 100 400 49  HOH HOH A . 
H 5 HOH 101 401 79  HOH HOH A . 
H 5 HOH 102 402 247 HOH HOH A . 
H 5 HOH 103 403 183 HOH HOH A . 
H 5 HOH 104 404 80  HOH HOH A . 
H 5 HOH 105 405 57  HOH HOH A . 
H 5 HOH 106 406 155 HOH HOH A . 
H 5 HOH 107 407 121 HOH HOH A . 
H 5 HOH 108 408 38  HOH HOH A . 
H 5 HOH 109 409 132 HOH HOH A . 
H 5 HOH 110 410 78  HOH HOH A . 
H 5 HOH 111 411 36  HOH HOH A . 
H 5 HOH 112 412 54  HOH HOH A . 
H 5 HOH 113 413 257 HOH HOH A . 
H 5 HOH 114 414 177 HOH HOH A . 
H 5 HOH 115 415 119 HOH HOH A . 
H 5 HOH 116 416 14  HOH HOH A . 
H 5 HOH 117 417 126 HOH HOH A . 
H 5 HOH 118 418 95  HOH HOH A . 
H 5 HOH 119 419 123 HOH HOH A . 
H 5 HOH 120 420 51  HOH HOH A . 
H 5 HOH 121 421 72  HOH HOH A . 
H 5 HOH 122 422 103 HOH HOH A . 
H 5 HOH 123 423 100 HOH HOH A . 
H 5 HOH 124 424 176 HOH HOH A . 
H 5 HOH 125 425 66  HOH HOH A . 
H 5 HOH 126 426 186 HOH HOH A . 
H 5 HOH 127 427 120 HOH HOH A . 
H 5 HOH 128 428 71  HOH HOH A . 
H 5 HOH 129 429 82  HOH HOH A . 
H 5 HOH 130 430 42  HOH HOH A . 
H 5 HOH 131 431 240 HOH HOH A . 
H 5 HOH 132 432 18  HOH HOH A . 
H 5 HOH 133 433 10  HOH HOH A . 
H 5 HOH 134 434 117 HOH HOH A . 
H 5 HOH 135 435 185 HOH HOH A . 
H 5 HOH 136 436 23  HOH HOH A . 
H 5 HOH 137 437 69  HOH HOH A . 
H 5 HOH 138 438 230 HOH HOH A . 
H 5 HOH 139 439 245 HOH HOH A . 
H 5 HOH 140 440 114 HOH HOH A . 
H 5 HOH 141 441 6   HOH HOH A . 
H 5 HOH 142 442 150 HOH HOH A . 
H 5 HOH 143 443 106 HOH HOH A . 
H 5 HOH 144 444 89  HOH HOH A . 
H 5 HOH 145 445 87  HOH HOH A . 
H 5 HOH 146 446 64  HOH HOH A . 
H 5 HOH 147 447 74  HOH HOH A . 
H 5 HOH 148 448 128 HOH HOH A . 
H 5 HOH 149 449 190 HOH HOH A . 
H 5 HOH 150 450 203 HOH HOH A . 
H 5 HOH 151 451 252 HOH HOH A . 
H 5 HOH 152 452 52  HOH HOH A . 
H 5 HOH 153 453 159 HOH HOH A . 
H 5 HOH 154 454 158 HOH HOH A . 
H 5 HOH 155 455 224 HOH HOH A . 
H 5 HOH 156 456 101 HOH HOH A . 
H 5 HOH 157 457 135 HOH HOH A . 
H 5 HOH 158 458 243 HOH HOH A . 
H 5 HOH 159 459 70  HOH HOH A . 
H 5 HOH 160 460 192 HOH HOH A . 
H 5 HOH 161 461 91  HOH HOH A . 
H 5 HOH 162 462 213 HOH HOH A . 
H 5 HOH 163 463 110 HOH HOH A . 
H 5 HOH 164 464 157 HOH HOH A . 
H 5 HOH 165 465 212 HOH HOH A . 
H 5 HOH 166 466 175 HOH HOH A . 
H 5 HOH 167 467 184 HOH HOH A . 
H 5 HOH 168 468 256 HOH HOH A . 
H 5 HOH 169 469 246 HOH HOH A . 
H 5 HOH 170 470 200 HOH HOH A . 
H 5 HOH 171 471 127 HOH HOH A . 
H 5 HOH 172 472 238 HOH HOH A . 
H 5 HOH 173 473 237 HOH HOH A . 
H 5 HOH 174 474 98  HOH HOH A . 
H 5 HOH 175 475 228 HOH HOH A . 
H 5 HOH 176 476 58  HOH HOH A . 
H 5 HOH 177 477 48  HOH HOH A . 
H 5 HOH 178 478 179 HOH HOH A . 
H 5 HOH 179 479 99  HOH HOH A . 
H 5 HOH 180 480 94  HOH HOH A . 
H 5 HOH 181 481 134 HOH HOH A . 
H 5 HOH 182 482 102 HOH HOH A . 
H 5 HOH 183 483 39  HOH HOH A . 
H 5 HOH 184 484 207 HOH HOH A . 
H 5 HOH 185 485 229 HOH HOH A . 
H 5 HOH 186 486 255 HOH HOH A . 
H 5 HOH 187 487 217 HOH HOH A . 
H 5 HOH 188 488 216 HOH HOH A . 
H 5 HOH 189 489 171 HOH HOH A . 
H 5 HOH 190 490 85  HOH HOH A . 
H 5 HOH 191 491 162 HOH HOH A . 
H 5 HOH 192 492 154 HOH HOH A . 
H 5 HOH 193 493 253 HOH HOH A . 
H 5 HOH 194 494 189 HOH HOH A . 
H 5 HOH 195 495 232 HOH HOH A . 
H 5 HOH 196 496 83  HOH HOH A . 
H 5 HOH 197 497 208 HOH HOH A . 
H 5 HOH 198 498 86  HOH HOH A . 
H 5 HOH 199 499 129 HOH HOH A . 
H 5 HOH 200 500 210 HOH HOH A . 
H 5 HOH 201 501 218 HOH HOH A . 
H 5 HOH 202 502 209 HOH HOH A . 
H 5 HOH 203 503 180 HOH HOH A . 
H 5 HOH 204 504 165 HOH HOH A . 
H 5 HOH 205 505 142 HOH HOH A . 
H 5 HOH 206 506 227 HOH HOH A . 
H 5 HOH 207 507 125 HOH HOH A . 
H 5 HOH 208 508 122 HOH HOH A . 
H 5 HOH 209 509 221 HOH HOH A . 
H 5 HOH 210 510 56  HOH HOH A . 
H 5 HOH 211 511 202 HOH HOH A . 
H 5 HOH 212 512 223 HOH HOH A . 
H 5 HOH 213 513 118 HOH HOH A . 
H 5 HOH 214 514 199 HOH HOH A . 
H 5 HOH 215 515 153 HOH HOH A . 
H 5 HOH 216 516 73  HOH HOH A . 
H 5 HOH 217 517 242 HOH HOH A . 
H 5 HOH 218 518 206 HOH HOH A . 
H 5 HOH 219 519 92  HOH HOH A . 
H 5 HOH 220 520 163 HOH HOH A . 
H 5 HOH 221 521 225 HOH HOH A . 
H 5 HOH 222 522 156 HOH HOH A . 
H 5 HOH 223 523 151 HOH HOH A . 
H 5 HOH 224 524 75  HOH HOH A . 
H 5 HOH 225 525 222 HOH HOH A . 
H 5 HOH 226 526 226 HOH HOH A . 
H 5 HOH 227 527 235 HOH HOH A . 
H 5 HOH 228 528 258 HOH HOH A . 
H 5 HOH 229 529 244 HOH HOH A . 
H 5 HOH 230 530 241 HOH HOH A . 
H 5 HOH 231 531 160 HOH HOH A . 
# 
loop_
_software.classification 
_software.name 
_software.version 
_software.citation_id 
_software.pdbx_ordinal 
refinement       REFMAC  5.8.0267 ? 1 
refinement       REFMAC5 .        ? 2 
'data scaling'   Aimless .        ? 3 
phasing          PHASER  .        ? 4 
'data reduction' XDS     .        ? 5 
# 
_cell.entry_id           7H36 
_cell.length_a           86.368 
_cell.length_b           56.571 
_cell.length_c           32.353 
_cell.angle_alpha        90.00 
_cell.angle_beta         94.67 
_cell.angle_gamma        90.00 
_cell.Z_PDB              4 
_cell.pdbx_unique_axis   ? 
# 
_symmetry.entry_id                         7H36 
_symmetry.space_group_name_H-M             'C 1 2 1' 
_symmetry.pdbx_full_space_group_name_H-M   ? 
_symmetry.cell_setting                     ? 
_symmetry.Int_Tables_number                5 
# 
_exptl.entry_id          7H36 
_exptl.method            'X-RAY DIFFRACTION' 
_exptl.crystals_number   1 
# 
_exptl_crystal.id                    1 
_exptl_crystal.density_meas          ? 
_exptl_crystal.density_Matthews      2.39 
_exptl_crystal.density_percent_sol   48.49 
_exptl_crystal.description           ? 
# 
_exptl_crystal_grow.crystal_id      1 
_exptl_crystal_grow.method          'VAPOR DIFFUSION, SITTING DROP' 
_exptl_crystal_grow.pH              6.05 
_exptl_crystal_grow.temp            293.15 
_exptl_crystal_grow.pdbx_details    '0.1 M MES, pH 6.05, 16 % PEG 20,000' 
_exptl_crystal_grow.temp_details    ? 
_exptl_crystal_grow.pdbx_pH_range   ? 
# 
_diffrn.id                     1 
_diffrn.ambient_temp           100 
_diffrn.crystal_id             1 
_diffrn.ambient_temp_details   ? 
# 
_diffrn_detector.detector               PIXEL 
_diffrn_detector.type                   'DECTRIS EIGER2 XE 16M' 
_diffrn_detector.pdbx_collection_date   2023-10-11 
_diffrn_detector.diffrn_id              1 
_diffrn_detector.details                ? 
# 
_diffrn_radiation.diffrn_id                        1 
_diffrn_radiation.wavelength_id                    1 
_diffrn_radiation.pdbx_diffrn_protocol             'SINGLE WAVELENGTH' 
_diffrn_radiation.pdbx_monochromatic_or_laue_m_l   ? 
_diffrn_radiation.monochromator                    ? 
_diffrn_radiation.pdbx_scattering_type             x-ray 
# 
_diffrn_radiation_wavelength.id           1 
_diffrn_radiation_wavelength.wavelength   0.94055 
_diffrn_radiation_wavelength.wt           1.0 
# 
_diffrn_source.diffrn_id                   1 
_diffrn_source.source                      SYNCHROTRON 
_diffrn_source.type                        'DIAMOND BEAMLINE I03' 
_diffrn_source.pdbx_wavelength_list        0.94055 
_diffrn_source.pdbx_synchrotron_site       Diamond 
_diffrn_source.pdbx_synchrotron_beamline   I03 
_diffrn_source.pdbx_wavelength             ? 
# 
_reflns.entry_id                     7H36 
_reflns.pdbx_diffrn_id               1 
_reflns.pdbx_ordinal                 1 
_reflns.d_resolution_low             47.28 
_reflns.d_resolution_high            1.36 
_reflns.number_obs                   33140 
_reflns.percent_possible_obs         99.3 
_reflns.pdbx_Rmerge_I_obs            0.103 
_reflns.pdbx_netI_over_sigmaI        11.4 
_reflns.pdbx_redundancy              6.9 
_reflns.pdbx_Rrim_I_all              0.112 
_reflns.pdbx_Rpim_I_all              0.043 
_reflns.pdbx_CC_half                 0.970 
_reflns.pdbx_number_measured_all     227242 
_reflns.pdbx_chi_squared             0.91 
_reflns.observed_criterion_sigma_I   ? 
_reflns.observed_criterion_sigma_F   ? 
_reflns.number_all                   ? 
_reflns.pdbx_Rsym_value              ? 
_reflns.B_iso_Wilson_estimate        ? 
# 
_reflns_shell.pdbx_diffrn_id              1 
_reflns_shell.pdbx_ordinal                1 
_reflns_shell.d_res_high                  1.36 
_reflns_shell.d_res_low                   1.38 
_reflns_shell.number_measured_all         10057 
_reflns_shell.number_unique_obs           1609 
_reflns_shell.Rmerge_I_obs                2.008 
_reflns_shell.pdbx_chi_squared            0.42 
_reflns_shell.pdbx_redundancy             6.3 
_reflns_shell.percent_possible_obs        98.8 
_reflns_shell.pdbx_netI_over_sigmaI_obs   0.6 
_reflns_shell.pdbx_Rrim_I_all             2.192 
_reflns_shell.pdbx_Rpim_I_all             0.865 
_reflns_shell.pdbx_CC_half                0.268 
_reflns_shell.percent_possible_all        ? 
_reflns_shell.pdbx_Rsym_value             ? 
_reflns_shell.meanI_over_sigI_obs         ? 
# 
_refine.pdbx_refine_id                           'X-RAY DIFFRACTION' 
_refine.entry_id                                 7H36 
_refine.pdbx_diffrn_id                           1 
_refine.pdbx_TLS_residual_ADP_flag               ? 
_refine.ls_number_reflns_obs                     31444 
_refine.ls_number_reflns_all                     ? 
_refine.pdbx_ls_sigma_I                          ? 
_refine.pdbx_ls_sigma_F                          ? 
_refine.pdbx_data_cutoff_high_absF               ? 
_refine.pdbx_data_cutoff_low_absF                ? 
_refine.pdbx_data_cutoff_high_rms_absF           ? 
_refine.ls_d_res_low                             47.28 
_refine.ls_d_res_high                            1.36 
_refine.ls_percent_reflns_obs                    99.11 
_refine.ls_R_factor_obs                          0.25012 
_refine.ls_R_factor_all                          ? 
_refine.ls_R_factor_R_work                       0.24790 
_refine.ls_R_factor_R_free                       0.29165 
_refine.ls_R_factor_R_free_error                 ? 
_refine.ls_R_factor_R_free_error_details         ? 
_refine.ls_percent_reflns_R_free                 5.0 
_refine.ls_number_reflns_R_free                  1659 
_refine.ls_number_parameters                     ? 
_refine.ls_number_restraints                     ? 
_refine.occupancy_min                            ? 
_refine.occupancy_max                            ? 
_refine.correlation_coeff_Fo_to_Fc               0.940 
_refine.correlation_coeff_Fo_to_Fc_free          0.917 
_refine.B_iso_mean                               21.524 
_refine.aniso_B[1][1]                            -0.14 
_refine.aniso_B[2][2]                            0.01 
_refine.aniso_B[3][3]                            0.13 
_refine.aniso_B[1][2]                            -0.00 
_refine.aniso_B[1][3]                            -0.03 
_refine.aniso_B[2][3]                            -0.00 
_refine.solvent_model_details                    MASK 
_refine.solvent_model_param_ksol                 ? 
_refine.solvent_model_param_bsol                 ? 
_refine.pdbx_solvent_vdw_probe_radii             1.20 
_refine.pdbx_solvent_ion_probe_radii             0.80 
_refine.pdbx_solvent_shrinkage_radii             0.80 
_refine.pdbx_ls_cross_valid_method               THROUGHOUT 
_refine.details                                  'HYDROGENS HAVE BEEN ADDED IN THE RIDING POSITIONS' 
_refine.pdbx_starting_model                      ? 
_refine.pdbx_method_to_determine_struct          'MOLECULAR REPLACEMENT' 
_refine.pdbx_isotropic_thermal_model             ? 
_refine.pdbx_stereochemistry_target_values       'MAXIMUM LIKELIHOOD' 
_refine.pdbx_stereochem_target_val_spec_case     ? 
_refine.pdbx_R_Free_selection_details            RANDOM 
_refine.pdbx_overall_ESU_R                       0.100 
_refine.pdbx_overall_ESU_R_Free                  0.102 
_refine.overall_SU_ML                            0.106 
_refine.pdbx_overall_phase_error                 ? 
_refine.overall_SU_B                             2.740 
_refine.overall_SU_R_Cruickshank_DPI             ? 
_refine.pdbx_overall_SU_R_free_Cruickshank_DPI   ? 
_refine.pdbx_overall_SU_R_Blow_DPI               ? 
_refine.pdbx_overall_SU_R_free_Blow_DPI          ? 
# 
_refine_hist.pdbx_refine_id                   'X-RAY DIFFRACTION' 
_refine_hist.cycle_id                         1 
_refine_hist.pdbx_number_atoms_protein        1083 
_refine_hist.pdbx_number_atoms_nucleic_acid   0 
_refine_hist.pdbx_number_atoms_ligand         31 
_refine_hist.number_atoms_solvent             231 
_refine_hist.number_atoms_total               1345 
_refine_hist.d_res_high                       1.36 
_refine_hist.d_res_low                        47.28 
# 
loop_
_refine_ls_restr.type 
_refine_ls_restr.dev_ideal 
_refine_ls_restr.dev_ideal_target 
_refine_ls_restr.weight 
_refine_ls_restr.number 
_refine_ls_restr.pdbx_refine_id 
_refine_ls_restr.pdbx_restraint_function 
r_bond_refined_d             0.009  0.014  ? 2111 'X-RAY DIFFRACTION' ? 
r_bond_other_d               0.001  0.015  ? 1460 'X-RAY DIFFRACTION' ? 
r_angle_refined_deg          1.591  1.631  ? 2353 'X-RAY DIFFRACTION' ? 
r_angle_other_deg            1.379  1.602  ? 3377 'X-RAY DIFFRACTION' ? 
r_dihedral_angle_1_deg       7.790  5.000  ? 232  'X-RAY DIFFRACTION' ? 
r_dihedral_angle_2_deg       31.068 21.630 ? 92   'X-RAY DIFFRACTION' ? 
r_dihedral_angle_3_deg       13.723 15.000 ? 241  'X-RAY DIFFRACTION' ? 
r_dihedral_angle_4_deg       23.252 15.000 ? 12   'X-RAY DIFFRACTION' ? 
r_chiral_restr               0.069  0.200  ? 200  'X-RAY DIFFRACTION' ? 
r_gen_planes_refined         0.009  0.020  ? 2191 'X-RAY DIFFRACTION' ? 
r_gen_planes_other           0.004  0.020  ? 421  'X-RAY DIFFRACTION' ? 
r_nbd_refined                ?      ?      ? ?    'X-RAY DIFFRACTION' ? 
r_nbd_other                  ?      ?      ? ?    'X-RAY DIFFRACTION' ? 
r_nbtor_refined              ?      ?      ? ?    'X-RAY DIFFRACTION' ? 
r_nbtor_other                ?      ?      ? ?    'X-RAY DIFFRACTION' ? 
r_xyhbond_nbd_refined        ?      ?      ? ?    'X-RAY DIFFRACTION' ? 
r_xyhbond_nbd_other          ?      ?      ? ?    'X-RAY DIFFRACTION' ? 
r_metal_ion_refined          ?      ?      ? ?    'X-RAY DIFFRACTION' ? 
r_metal_ion_other            ?      ?      ? ?    'X-RAY DIFFRACTION' ? 
r_symmetry_vdw_refined       ?      ?      ? ?    'X-RAY DIFFRACTION' ? 
r_symmetry_vdw_other         ?      ?      ? ?    'X-RAY DIFFRACTION' ? 
r_symmetry_hbond_refined     ?      ?      ? ?    'X-RAY DIFFRACTION' ? 
r_symmetry_hbond_other       ?      ?      ? ?    'X-RAY DIFFRACTION' ? 
r_symmetry_metal_ion_refined ?      ?      ? ?    'X-RAY DIFFRACTION' ? 
r_symmetry_metal_ion_other   ?      ?      ? ?    'X-RAY DIFFRACTION' ? 
r_mcbond_it                  1.308  2.150  ? 1087 'X-RAY DIFFRACTION' ? 
r_mcbond_other               1.352  2.123  ? 1017 'X-RAY DIFFRACTION' ? 
r_mcangle_it                 2.224  3.123  ? 1110 'X-RAY DIFFRACTION' ? 
r_mcangle_other              2.226  3.131  ? 1109 'X-RAY DIFFRACTION' ? 
r_scbond_it                  1.379  2.277  ? 1023 'X-RAY DIFFRACTION' ? 
r_scbond_other               1.384  2.227  ? 1012 'X-RAY DIFFRACTION' ? 
r_scangle_it                 ?      ?      ? ?    'X-RAY DIFFRACTION' ? 
r_scangle_other              2.089  3.254  ? 1232 'X-RAY DIFFRACTION' ? 
r_long_range_B_refined       6.996  27.066 ? 2209 'X-RAY DIFFRACTION' ? 
r_long_range_B_other         6.994  27.073 ? 2210 'X-RAY DIFFRACTION' ? 
r_rigid_bond_restr           ?      ?      ? ?    'X-RAY DIFFRACTION' ? 
r_sphericity_free            ?      ?      ? ?    'X-RAY DIFFRACTION' ? 
r_sphericity_bonded          ?      ?      ? ?    'X-RAY DIFFRACTION' ? 
# 
_refine_ls_shell.pdbx_refine_id                   'X-RAY DIFFRACTION' 
_refine_ls_shell.pdbx_total_number_of_bins_used   20 
_refine_ls_shell.d_res_high                       1.360 
_refine_ls_shell.d_res_low                        1.395 
_refine_ls_shell.number_reflns_R_work             2298 
_refine_ls_shell.R_factor_R_work                  0.349 
_refine_ls_shell.percent_reflns_obs               97.44 
_refine_ls_shell.R_factor_R_free                  0.308 
_refine_ls_shell.R_factor_R_free_error            ? 
_refine_ls_shell.percent_reflns_R_free            ? 
_refine_ls_shell.number_reflns_R_free             102 
_refine_ls_shell.number_reflns_all                ? 
_refine_ls_shell.R_factor_all                     ? 
# 
_struct.entry_id                  7H36 
_struct.title                     
;Group deposition for crystallographic fragment screening of Coxsackievirus A16 (G-10) 2A protease -- Crystal structure of Coxsackievirus A16 (G-10) 2A protease in complex with Z1688504114 (A71EV2A-x0310)
;
_struct.pdbx_model_details        ? 
_struct.pdbx_CASP_flag            ? 
_struct.pdbx_model_type_details   ? 
# 
_struct_keywords.entry_id        7H36 
_struct_keywords.pdbx_keywords   HYDROLASE 
_struct_keywords.text            
;Diamond Light Source, I03, ASAP, Coxsackievirus A16, crystallographic fragment screening, PanDDA, Pandda2, XChemExplorer, viral protein, HYDROLASE
;
# 
loop_
_struct_asym.id 
_struct_asym.pdbx_blank_PDB_chainid_flag 
_struct_asym.pdbx_modified 
_struct_asym.entity_id 
_struct_asym.details 
A N N 1 ? 
B N N 2 ? 
C N N 3 ? 
D N N 4 ? 
E N N 4 ? 
F N N 4 ? 
G N N 4 ? 
H N N 5 ? 
# 
_struct_ref.id                         1 
_struct_ref.db_name                    UNP 
_struct_ref.db_code                    POLG_CX16G 
_struct_ref.pdbx_db_accession          Q65900 
_struct_ref.pdbx_db_isoform            ? 
_struct_ref.entity_id                  1 
_struct_ref.pdbx_seq_one_letter_code   
;SGAIYVGNYRVVNRHLATHNDWANLVWEDSSRDLLVSSTTAQGCDTIARCDCQTGVYYCSSRRKHYPVSFSKPSLIFVEA
SEYYPARYQSHLMLAVGHSEPGDCGGILRCQHGVVGIVSTGGNGLVGFADVRDLLWLDEEAMEQ
;
_struct_ref.pdbx_align_begin           869 
# 
_struct_ref_seq.align_id                      1 
_struct_ref_seq.ref_id                        1 
_struct_ref_seq.pdbx_PDB_id_code              7H36 
_struct_ref_seq.pdbx_strand_id                A 
_struct_ref_seq.seq_align_beg                 7 
_struct_ref_seq.pdbx_seq_align_beg_ins_code   ? 
_struct_ref_seq.seq_align_end                 150 
_struct_ref_seq.pdbx_seq_align_end_ins_code   ? 
_struct_ref_seq.pdbx_db_accession             Q65900 
_struct_ref_seq.db_align_beg                  869 
_struct_ref_seq.pdbx_db_align_beg_ins_code    ? 
_struct_ref_seq.db_align_end                  1012 
_struct_ref_seq.pdbx_db_align_end_ins_code    ? 
_struct_ref_seq.pdbx_auth_seq_align_beg       7 
_struct_ref_seq.pdbx_auth_seq_align_end       150 
# 
loop_
_struct_ref_seq_dif.align_id 
_struct_ref_seq_dif.pdbx_pdb_id_code 
_struct_ref_seq_dif.mon_id 
_struct_ref_seq_dif.pdbx_pdb_strand_id 
_struct_ref_seq_dif.seq_num 
_struct_ref_seq_dif.pdbx_pdb_ins_code 
_struct_ref_seq_dif.pdbx_seq_db_name 
_struct_ref_seq_dif.pdbx_seq_db_accession_code 
_struct_ref_seq_dif.db_mon_id 
_struct_ref_seq_dif.pdbx_seq_db_seq_num 
_struct_ref_seq_dif.details 
_struct_ref_seq_dif.pdbx_auth_seq_num 
_struct_ref_seq_dif.pdbx_ordinal 
1 7H36 GLN A 1 ? UNP Q65900 ? ? 'expression tag' 1 1 
1 7H36 GLU A 2 ? UNP Q65900 ? ? 'expression tag' 2 2 
1 7H36 GLN A 3 ? UNP Q65900 ? ? 'expression tag' 3 3 
1 7H36 THR A 4 ? UNP Q65900 ? ? 'expression tag' 4 4 
1 7H36 GLY A 5 ? UNP Q65900 ? ? 'expression tag' 5 5 
1 7H36 GLY A 6 ? UNP Q65900 ? ? 'expression tag' 6 6 
# 
_pdbx_struct_assembly.id                   1 
_pdbx_struct_assembly.details              author_and_software_defined_assembly 
_pdbx_struct_assembly.method_details       PISA 
_pdbx_struct_assembly.oligomeric_details   monomeric 
_pdbx_struct_assembly.oligomeric_count     1 
# 
loop_
_pdbx_struct_assembly_prop.biol_id 
_pdbx_struct_assembly_prop.type 
_pdbx_struct_assembly_prop.value 
_pdbx_struct_assembly_prop.details 
1 'ABSA (A^2)' 550  ? 
1 MORE         2    ? 
1 'SSA (A^2)'  7350 ? 
# 
_pdbx_struct_assembly_gen.assembly_id       1 
_pdbx_struct_assembly_gen.oper_expression   1 
_pdbx_struct_assembly_gen.asym_id_list      A,B,C,D,E,F,G,H 
# 
_pdbx_struct_oper_list.id                   1 
_pdbx_struct_oper_list.type                 'identity operation' 
_pdbx_struct_oper_list.name                 1_555 
_pdbx_struct_oper_list.symmetry_operation   x,y,z 
_pdbx_struct_oper_list.matrix[1][1]         1.0000000000 
_pdbx_struct_oper_list.matrix[1][2]         0.0000000000 
_pdbx_struct_oper_list.matrix[1][3]         0.0000000000 
_pdbx_struct_oper_list.vector[1]            0.0000000000 
_pdbx_struct_oper_list.matrix[2][1]         0.0000000000 
_pdbx_struct_oper_list.matrix[2][2]         1.0000000000 
_pdbx_struct_oper_list.matrix[2][3]         0.0000000000 
_pdbx_struct_oper_list.vector[2]            0.0000000000 
_pdbx_struct_oper_list.matrix[3][1]         0.0000000000 
_pdbx_struct_oper_list.matrix[3][2]         0.0000000000 
_pdbx_struct_oper_list.matrix[3][3]         1.0000000000 
_pdbx_struct_oper_list.vector[3]            0.0000000000 
# 
loop_
_struct_conf.conf_type_id 
_struct_conf.id 
_struct_conf.pdbx_PDB_helix_id 
_struct_conf.beg_label_comp_id 
_struct_conf.beg_label_asym_id 
_struct_conf.beg_label_seq_id 
_struct_conf.pdbx_beg_PDB_ins_code 
_struct_conf.end_label_comp_id 
_struct_conf.end_label_asym_id 
_struct_conf.end_label_seq_id 
_struct_conf.pdbx_end_PDB_ins_code 
_struct_conf.beg_auth_comp_id 
_struct_conf.beg_auth_asym_id 
_struct_conf.beg_auth_seq_id 
_struct_conf.end_auth_comp_id 
_struct_conf.end_auth_asym_id 
_struct_conf.end_auth_seq_id 
_struct_conf.pdbx_PDB_helix_class 
_struct_conf.details 
_struct_conf.pdbx_PDB_helix_length 
HELX_P HELX_P1 AA1 HIS A 21  ? ALA A 23  ? HIS A 21  ALA A 23  5 ? 3 
HELX_P HELX_P2 AA2 THR A 24  ? ASN A 30  ? THR A 24  ASN A 30  1 ? 7 
HELX_P HELX_P3 AA3 SER A 36  ? ARG A 38  ? SER A 36  ARG A 38  5 ? 3 
HELX_P HELX_P4 AA4 SER A 66  ? ARG A 69  ? SER A 66  ARG A 69  5 ? 4 
HELX_P HELX_P5 AA5 GLU A 106 ? CYS A 110 ? GLU A 106 CYS A 110 5 ? 5 
HELX_P HELX_P6 AA6 LEU A 140 ? GLU A 145 ? LEU A 140 GLU A 145 5 ? 6 
# 
_struct_conf_type.id          HELX_P 
_struct_conf_type.criteria    ? 
_struct_conf_type.reference   ? 
# 
loop_
_struct_conn.id 
_struct_conn.conn_type_id 
_struct_conn.pdbx_leaving_atom_flag 
_struct_conn.pdbx_PDB_id 
_struct_conn.ptnr1_label_asym_id 
_struct_conn.ptnr1_label_comp_id 
_struct_conn.ptnr1_label_seq_id 
_struct_conn.ptnr1_label_atom_id 
_struct_conn.pdbx_ptnr1_label_alt_id 
_struct_conn.pdbx_ptnr1_PDB_ins_code 
_struct_conn.pdbx_ptnr1_standard_comp_id 
_struct_conn.ptnr1_symmetry 
_struct_conn.ptnr2_label_asym_id 
_struct_conn.ptnr2_label_comp_id 
_struct_conn.ptnr2_label_seq_id 
_struct_conn.ptnr2_label_atom_id 
_struct_conn.pdbx_ptnr2_label_alt_id 
_struct_conn.pdbx_ptnr2_PDB_ins_code 
_struct_conn.ptnr1_auth_asym_id 
_struct_conn.ptnr1_auth_comp_id 
_struct_conn.ptnr1_auth_seq_id 
_struct_conn.ptnr2_auth_asym_id 
_struct_conn.ptnr2_auth_comp_id 
_struct_conn.ptnr2_auth_seq_id 
_struct_conn.ptnr2_symmetry 
_struct_conn.pdbx_ptnr3_label_atom_id 
_struct_conn.pdbx_ptnr3_label_seq_id 
_struct_conn.pdbx_ptnr3_label_comp_id 
_struct_conn.pdbx_ptnr3_label_asym_id 
_struct_conn.pdbx_ptnr3_label_alt_id 
_struct_conn.pdbx_ptnr3_PDB_ins_code 
_struct_conn.details 
_struct_conn.pdbx_dist_value 
_struct_conn.pdbx_value_order 
_struct_conn.pdbx_role 
metalc1 metalc ? ? A CYS 56  SG  ? ? ? 1_555 C ZN . ZN ? ? A CYS 56  A ZN 202 1_555 ? ? ? ? ? ? ? 2.340 ? ? 
metalc2 metalc ? ? A CYS 58  SG  ? ? ? 1_555 C ZN . ZN ? ? A CYS 58  A ZN 202 1_555 ? ? ? ? ? ? ? 2.275 ? ? 
metalc3 metalc ? ? A CYS 116 SG  ? ? ? 1_555 C ZN . ZN ? ? A CYS 116 A ZN 202 1_555 ? ? ? ? ? ? ? 2.288 ? ? 
metalc4 metalc ? ? A HIS 118 ND1 ? ? ? 1_555 C ZN . ZN ? ? A HIS 118 A ZN 202 1_555 ? ? ? ? ? ? ? 2.056 ? ? 
# 
_struct_conn_type.id          metalc 
_struct_conn_type.criteria    ? 
_struct_conn_type.reference   ? 
# 
loop_
_pdbx_struct_conn_angle.id 
_pdbx_struct_conn_angle.ptnr1_label_atom_id 
_pdbx_struct_conn_angle.ptnr1_label_alt_id 
_pdbx_struct_conn_angle.ptnr1_label_asym_id 
_pdbx_struct_conn_angle.ptnr1_label_comp_id 
_pdbx_struct_conn_angle.ptnr1_label_seq_id 
_pdbx_struct_conn_angle.ptnr1_auth_atom_id 
_pdbx_struct_conn_angle.ptnr1_auth_asym_id 
_pdbx_struct_conn_angle.ptnr1_auth_comp_id 
_pdbx_struct_conn_angle.ptnr1_auth_seq_id 
_pdbx_struct_conn_angle.ptnr1_PDB_ins_code 
_pdbx_struct_conn_angle.ptnr1_symmetry 
_pdbx_struct_conn_angle.ptnr2_label_atom_id 
_pdbx_struct_conn_angle.ptnr2_label_alt_id 
_pdbx_struct_conn_angle.ptnr2_label_asym_id 
_pdbx_struct_conn_angle.ptnr2_label_comp_id 
_pdbx_struct_conn_angle.ptnr2_label_seq_id 
_pdbx_struct_conn_angle.ptnr2_auth_atom_id 
_pdbx_struct_conn_angle.ptnr2_auth_asym_id 
_pdbx_struct_conn_angle.ptnr2_auth_comp_id 
_pdbx_struct_conn_angle.ptnr2_auth_seq_id 
_pdbx_struct_conn_angle.ptnr2_PDB_ins_code 
_pdbx_struct_conn_angle.ptnr2_symmetry 
_pdbx_struct_conn_angle.ptnr3_label_atom_id 
_pdbx_struct_conn_angle.ptnr3_label_alt_id 
_pdbx_struct_conn_angle.ptnr3_label_asym_id 
_pdbx_struct_conn_angle.ptnr3_label_comp_id 
_pdbx_struct_conn_angle.ptnr3_label_seq_id 
_pdbx_struct_conn_angle.ptnr3_auth_atom_id 
_pdbx_struct_conn_angle.ptnr3_auth_asym_id 
_pdbx_struct_conn_angle.ptnr3_auth_comp_id 
_pdbx_struct_conn_angle.ptnr3_auth_seq_id 
_pdbx_struct_conn_angle.ptnr3_PDB_ins_code 
_pdbx_struct_conn_angle.ptnr3_symmetry 
_pdbx_struct_conn_angle.value 
_pdbx_struct_conn_angle.value_esd 
1 SG ? A CYS 56  ? A CYS 56  ? 1_555 ZN ? C ZN . ? A ZN 202 ? 1_555 SG  ? A CYS 58  ? A CYS 58  ? 1_555 109.6 ? 
2 SG ? A CYS 56  ? A CYS 56  ? 1_555 ZN ? C ZN . ? A ZN 202 ? 1_555 SG  ? A CYS 116 ? A CYS 116 ? 1_555 107.1 ? 
3 SG ? A CYS 58  ? A CYS 58  ? 1_555 ZN ? C ZN . ? A ZN 202 ? 1_555 SG  ? A CYS 116 ? A CYS 116 ? 1_555 118.5 ? 
4 SG ? A CYS 56  ? A CYS 56  ? 1_555 ZN ? C ZN . ? A ZN 202 ? 1_555 ND1 ? A HIS 118 ? A HIS 118 ? 1_555 103.5 ? 
5 SG ? A CYS 58  ? A CYS 58  ? 1_555 ZN ? C ZN . ? A ZN 202 ? 1_555 ND1 ? A HIS 118 ? A HIS 118 ? 1_555 98.8  ? 
6 SG ? A CYS 116 ? A CYS 116 ? 1_555 ZN ? C ZN . ? A ZN 202 ? 1_555 ND1 ? A HIS 118 ? A HIS 118 ? 1_555 118.1 ? 
# 
loop_
_struct_sheet.id 
_struct_sheet.type 
_struct_sheet.number_strands 
_struct_sheet.details 
AA1 ? 3 ? 
AA2 ? 7 ? 
# 
loop_
_struct_sheet_order.sheet_id 
_struct_sheet_order.range_id_1 
_struct_sheet_order.range_id_2 
_struct_sheet_order.offset 
_struct_sheet_order.sense 
AA1 1 2 ? anti-parallel 
AA1 2 3 ? anti-parallel 
AA2 1 2 ? anti-parallel 
AA2 2 3 ? anti-parallel 
AA2 3 4 ? anti-parallel 
AA2 4 5 ? anti-parallel 
AA2 5 6 ? anti-parallel 
AA2 6 7 ? anti-parallel 
# 
loop_
_struct_sheet_range.sheet_id 
_struct_sheet_range.id 
_struct_sheet_range.beg_label_comp_id 
_struct_sheet_range.beg_label_asym_id 
_struct_sheet_range.beg_label_seq_id 
_struct_sheet_range.pdbx_beg_PDB_ins_code 
_struct_sheet_range.end_label_comp_id 
_struct_sheet_range.end_label_asym_id 
_struct_sheet_range.end_label_seq_id 
_struct_sheet_range.pdbx_end_PDB_ins_code 
_struct_sheet_range.beg_auth_comp_id 
_struct_sheet_range.beg_auth_asym_id 
_struct_sheet_range.beg_auth_seq_id 
_struct_sheet_range.end_auth_comp_id 
_struct_sheet_range.end_auth_asym_id 
_struct_sheet_range.end_auth_seq_id 
AA1 1 LEU A 31  ? ASP A 35  ? LEU A 31  ASP A 35  
AA1 2 LEU A 40  ? CYS A 50  ? LEU A 40  CYS A 50  
AA1 3 ILE A 10  ? ASN A 19  ? ILE A 10  ASN A 19  
AA2 1 LYS A 70  ? SER A 75  ? LYS A 70  SER A 75  
AA2 2 THR A 60  ? CYS A 65  ? THR A 60  CYS A 65  
AA2 3 ILE A 113 ? CYS A 116 ? ILE A 113 CYS A 116 
AA2 4 GLY A 119 ? GLY A 128 ? GLY A 119 GLY A 128 
AA2 5 LEU A 131 ? ASP A 136 ? LEU A 131 ASP A 136 
AA2 6 ARG A 93  ? VAL A 102 ? ARG A 93  VAL A 102 
AA2 7 SER A 80  ? VAL A 84  ? SER A 80  VAL A 84  
# 
loop_
_pdbx_struct_sheet_hbond.sheet_id 
_pdbx_struct_sheet_hbond.range_id_1 
_pdbx_struct_sheet_hbond.range_id_2 
_pdbx_struct_sheet_hbond.range_1_label_atom_id 
_pdbx_struct_sheet_hbond.range_1_label_comp_id 
_pdbx_struct_sheet_hbond.range_1_label_asym_id 
_pdbx_struct_sheet_hbond.range_1_label_seq_id 
_pdbx_struct_sheet_hbond.range_1_PDB_ins_code 
_pdbx_struct_sheet_hbond.range_1_auth_atom_id 
_pdbx_struct_sheet_hbond.range_1_auth_comp_id 
_pdbx_struct_sheet_hbond.range_1_auth_asym_id 
_pdbx_struct_sheet_hbond.range_1_auth_seq_id 
_pdbx_struct_sheet_hbond.range_2_label_atom_id 
_pdbx_struct_sheet_hbond.range_2_label_comp_id 
_pdbx_struct_sheet_hbond.range_2_label_asym_id 
_pdbx_struct_sheet_hbond.range_2_label_seq_id 
_pdbx_struct_sheet_hbond.range_2_PDB_ins_code 
_pdbx_struct_sheet_hbond.range_2_auth_atom_id 
_pdbx_struct_sheet_hbond.range_2_auth_comp_id 
_pdbx_struct_sheet_hbond.range_2_auth_asym_id 
_pdbx_struct_sheet_hbond.range_2_auth_seq_id 
AA1 1 2 N TRP A 33  ? N TRP A 33  O VAL A 42  ? O VAL A 42  
AA1 2 3 N LEU A 41  ? N LEU A 41  O VAL A 18  ? O VAL A 18  
AA2 1 2 O LYS A 70  ? O LYS A 70  N CYS A 65  ? N CYS A 65  
AA2 2 3 N VAL A 62  ? N VAL A 62  O ARG A 115 ? O ARG A 115 
AA2 3 4 N LEU A 114 ? N LEU A 114 O GLY A 122 ? O GLY A 122 
AA2 4 5 N SER A 125 ? N SER A 125 O GLY A 133 ? O GLY A 133 
AA2 5 6 O PHE A 134 ? O PHE A 134 N MET A 99  ? N MET A 99  
AA2 6 7 O GLN A 95  ? O GLN A 95  N ILE A 82  ? N ILE A 82  
# 
_pdbx_entry_details.entry_id                   7H36 
_pdbx_entry_details.compound_details           ? 
_pdbx_entry_details.source_details             ? 
_pdbx_entry_details.nonpolymer_details         ? 
_pdbx_entry_details.sequence_details           ? 
_pdbx_entry_details.has_ligand_of_interest     ? 
_pdbx_entry_details.has_protein_modification   N 
# 
loop_
_pdbx_validate_close_contact.id 
_pdbx_validate_close_contact.PDB_model_num 
_pdbx_validate_close_contact.auth_atom_id_1 
_pdbx_validate_close_contact.auth_asym_id_1 
_pdbx_validate_close_contact.auth_comp_id_1 
_pdbx_validate_close_contact.auth_seq_id_1 
_pdbx_validate_close_contact.PDB_ins_code_1 
_pdbx_validate_close_contact.label_alt_id_1 
_pdbx_validate_close_contact.auth_atom_id_2 
_pdbx_validate_close_contact.auth_asym_id_2 
_pdbx_validate_close_contact.auth_comp_id_2 
_pdbx_validate_close_contact.auth_seq_id_2 
_pdbx_validate_close_contact.PDB_ins_code_2 
_pdbx_validate_close_contact.label_alt_id_2 
_pdbx_validate_close_contact.dist 
1 1 O A HOH 450 ? ? O A HOH 489 ? ? 1.98 
2 1 O A HOH 436 ? ? O A HOH 457 ? ? 2.05 
3 1 O A PRO 79  ? ? O A HOH 301 ? ? 2.12 
4 1 O A GLY 127 ? ? O A HOH 302 ? ? 2.16 
5 1 O A HOH 317 ? ? O A HOH 337 ? ? 2.17 
# 
loop_
_pdbx_validate_symm_contact.id 
_pdbx_validate_symm_contact.PDB_model_num 
_pdbx_validate_symm_contact.auth_atom_id_1 
_pdbx_validate_symm_contact.auth_asym_id_1 
_pdbx_validate_symm_contact.auth_comp_id_1 
_pdbx_validate_symm_contact.auth_seq_id_1 
_pdbx_validate_symm_contact.PDB_ins_code_1 
_pdbx_validate_symm_contact.label_alt_id_1 
_pdbx_validate_symm_contact.site_symmetry_1 
_pdbx_validate_symm_contact.auth_atom_id_2 
_pdbx_validate_symm_contact.auth_asym_id_2 
_pdbx_validate_symm_contact.auth_comp_id_2 
_pdbx_validate_symm_contact.auth_seq_id_2 
_pdbx_validate_symm_contact.PDB_ins_code_2 
_pdbx_validate_symm_contact.label_alt_id_2 
_pdbx_validate_symm_contact.site_symmetry_2 
_pdbx_validate_symm_contact.dist 
1 1 O A HOH 320 ? ? 1_555 O A HOH 320 ? ? 2_556 2.10 
2 1 O A HOH 377 ? ? 1_555 O A HOH 499 ? ? 1_554 2.17 
# 
loop_
_pdbx_validate_torsion.id 
_pdbx_validate_torsion.PDB_model_num 
_pdbx_validate_torsion.auth_comp_id 
_pdbx_validate_torsion.auth_asym_id 
_pdbx_validate_torsion.auth_seq_id 
_pdbx_validate_torsion.PDB_ins_code 
_pdbx_validate_torsion.label_alt_id 
_pdbx_validate_torsion.phi 
_pdbx_validate_torsion.psi 
1 1 ASN A 14  ? ? -104.62 44.55  
2 1 GLU A 85  ? ? -49.09  151.97 
3 1 TYR A 89  ? ? 147.96  -21.25 
4 1 SER A 125 ? ? -135.47 -42.73 
# 
_pdbx_distant_solvent_atoms.id                                1 
_pdbx_distant_solvent_atoms.PDB_model_num                     1 
_pdbx_distant_solvent_atoms.auth_atom_id                      O 
_pdbx_distant_solvent_atoms.label_alt_id                      ? 
_pdbx_distant_solvent_atoms.auth_asym_id                      A 
_pdbx_distant_solvent_atoms.auth_comp_id                      HOH 
_pdbx_distant_solvent_atoms.auth_seq_id                       531 
_pdbx_distant_solvent_atoms.PDB_ins_code                      ? 
_pdbx_distant_solvent_atoms.neighbor_macromolecule_distance   8.18 
_pdbx_distant_solvent_atoms.neighbor_ligand_distance          . 
# 
loop_
_pdbx_unobs_or_zero_occ_residues.id 
_pdbx_unobs_or_zero_occ_residues.PDB_model_num 
_pdbx_unobs_or_zero_occ_residues.polymer_flag 
_pdbx_unobs_or_zero_occ_residues.occupancy_flag 
_pdbx_unobs_or_zero_occ_residues.auth_asym_id 
_pdbx_unobs_or_zero_occ_residues.auth_comp_id 
_pdbx_unobs_or_zero_occ_residues.auth_seq_id 
_pdbx_unobs_or_zero_occ_residues.PDB_ins_code 
_pdbx_unobs_or_zero_occ_residues.label_asym_id 
_pdbx_unobs_or_zero_occ_residues.label_comp_id 
_pdbx_unobs_or_zero_occ_residues.label_seq_id 
1  1 Y 1 A GLN 1   ? A GLN 1   
2  1 Y 1 A GLU 2   ? A GLU 2   
3  1 Y 1 A GLN 3   ? A GLN 3   
4  1 Y 1 A THR 4   ? A THR 4   
5  1 Y 1 A GLY 5   ? A GLY 5   
6  1 Y 1 A GLY 6   ? A GLY 6   
7  1 Y 1 A ALA 147 ? A ALA 147 
8  1 Y 1 A MET 148 ? A MET 148 
9  1 Y 1 A GLU 149 ? A GLU 149 
10 1 Y 1 A GLN 150 ? A GLN 150 
# 
loop_
_chem_comp_atom.comp_id 
_chem_comp_atom.atom_id 
_chem_comp_atom.type_symbol 
_chem_comp_atom.pdbx_aromatic_flag 
_chem_comp_atom.pdbx_stereo_config 
_chem_comp_atom.pdbx_ordinal 
ALA N    N  N N 1   
ALA CA   C  N S 2   
ALA C    C  N N 3   
ALA O    O  N N 4   
ALA CB   C  N N 5   
ALA OXT  O  N N 6   
ALA H    H  N N 7   
ALA H2   H  N N 8   
ALA HA   H  N N 9   
ALA HB1  H  N N 10  
ALA HB2  H  N N 11  
ALA HB3  H  N N 12  
ALA HXT  H  N N 13  
ARG N    N  N N 14  
ARG CA   C  N S 15  
ARG C    C  N N 16  
ARG O    O  N N 17  
ARG CB   C  N N 18  
ARG CG   C  N N 19  
ARG CD   C  N N 20  
ARG NE   N  N N 21  
ARG CZ   C  N N 22  
ARG NH1  N  N N 23  
ARG NH2  N  N N 24  
ARG OXT  O  N N 25  
ARG H    H  N N 26  
ARG H2   H  N N 27  
ARG HA   H  N N 28  
ARG HB2  H  N N 29  
ARG HB3  H  N N 30  
ARG HG2  H  N N 31  
ARG HG3  H  N N 32  
ARG HD2  H  N N 33  
ARG HD3  H  N N 34  
ARG HE   H  N N 35  
ARG HH11 H  N N 36  
ARG HH12 H  N N 37  
ARG HH21 H  N N 38  
ARG HH22 H  N N 39  
ARG HXT  H  N N 40  
ASN N    N  N N 41  
ASN CA   C  N S 42  
ASN C    C  N N 43  
ASN O    O  N N 44  
ASN CB   C  N N 45  
ASN CG   C  N N 46  
ASN OD1  O  N N 47  
ASN ND2  N  N N 48  
ASN OXT  O  N N 49  
ASN H    H  N N 50  
ASN H2   H  N N 51  
ASN HA   H  N N 52  
ASN HB2  H  N N 53  
ASN HB3  H  N N 54  
ASN HD21 H  N N 55  
ASN HD22 H  N N 56  
ASN HXT  H  N N 57  
ASP N    N  N N 58  
ASP CA   C  N S 59  
ASP C    C  N N 60  
ASP O    O  N N 61  
ASP CB   C  N N 62  
ASP CG   C  N N 63  
ASP OD1  O  N N 64  
ASP OD2  O  N N 65  
ASP OXT  O  N N 66  
ASP H    H  N N 67  
ASP H2   H  N N 68  
ASP HA   H  N N 69  
ASP HB2  H  N N 70  
ASP HB3  H  N N 71  
ASP HD2  H  N N 72  
ASP HXT  H  N N 73  
CYS N    N  N N 74  
CYS CA   C  N R 75  
CYS C    C  N N 76  
CYS O    O  N N 77  
CYS CB   C  N N 78  
CYS SG   S  N N 79  
CYS OXT  O  N N 80  
CYS H    H  N N 81  
CYS H2   H  N N 82  
CYS HA   H  N N 83  
CYS HB2  H  N N 84  
CYS HB3  H  N N 85  
CYS HG   H  N N 86  
CYS HXT  H  N N 87  
DMS S    S  N N 88  
DMS O    O  N N 89  
DMS C1   C  N N 90  
DMS C2   C  N N 91  
DMS H11  H  N N 92  
DMS H12  H  N N 93  
DMS H13  H  N N 94  
DMS H21  H  N N 95  
DMS H22  H  N N 96  
DMS H23  H  N N 97  
GLN N    N  N N 98  
GLN CA   C  N S 99  
GLN C    C  N N 100 
GLN O    O  N N 101 
GLN CB   C  N N 102 
GLN CG   C  N N 103 
GLN CD   C  N N 104 
GLN OE1  O  N N 105 
GLN NE2  N  N N 106 
GLN OXT  O  N N 107 
GLN H    H  N N 108 
GLN H2   H  N N 109 
GLN HA   H  N N 110 
GLN HB2  H  N N 111 
GLN HB3  H  N N 112 
GLN HG2  H  N N 113 
GLN HG3  H  N N 114 
GLN HE21 H  N N 115 
GLN HE22 H  N N 116 
GLN HXT  H  N N 117 
GLU N    N  N N 118 
GLU CA   C  N S 119 
GLU C    C  N N 120 
GLU O    O  N N 121 
GLU CB   C  N N 122 
GLU CG   C  N N 123 
GLU CD   C  N N 124 
GLU OE1  O  N N 125 
GLU OE2  O  N N 126 
GLU OXT  O  N N 127 
GLU H    H  N N 128 
GLU H2   H  N N 129 
GLU HA   H  N N 130 
GLU HB2  H  N N 131 
GLU HB3  H  N N 132 
GLU HG2  H  N N 133 
GLU HG3  H  N N 134 
GLU HE2  H  N N 135 
GLU HXT  H  N N 136 
GLY N    N  N N 137 
GLY CA   C  N N 138 
GLY C    C  N N 139 
GLY O    O  N N 140 
GLY OXT  O  N N 141 
GLY H    H  N N 142 
GLY H2   H  N N 143 
GLY HA2  H  N N 144 
GLY HA3  H  N N 145 
GLY HXT  H  N N 146 
GV4 N1   N  Y N 147 
GV4 N3   N  N N 148 
GV4 C4   C  Y N 149 
GV4 C5   C  N N 150 
GV4 C6   C  N N 151 
GV4 C7   C  N N 152 
GV4 C8   C  N N 153 
GV4 C1   C  N N 154 
GV4 C2   C  Y N 155 
GV4 C3   C  Y N 156 
GV4 N2   N  Y N 157 
GV4 O1   O  N N 158 
GV4 C9   C  N N 159 
GV4 N4   N  N N 160 
GV4 H1   H  N N 161 
GV4 H2   H  N N 162 
GV4 H3   H  N N 163 
GV4 H4   H  N N 164 
GV4 H5   H  N N 165 
GV4 H6   H  N N 166 
GV4 H7   H  N N 167 
GV4 H8   H  N N 168 
GV4 H9   H  N N 169 
GV4 H10  H  N N 170 
GV4 H11  H  N N 171 
GV4 H12  H  N N 172 
HIS N    N  N N 173 
HIS CA   C  N S 174 
HIS C    C  N N 175 
HIS O    O  N N 176 
HIS CB   C  N N 177 
HIS CG   C  Y N 178 
HIS ND1  N  Y N 179 
HIS CD2  C  Y N 180 
HIS CE1  C  Y N 181 
HIS NE2  N  Y N 182 
HIS OXT  O  N N 183 
HIS H    H  N N 184 
HIS H2   H  N N 185 
HIS HA   H  N N 186 
HIS HB2  H  N N 187 
HIS HB3  H  N N 188 
HIS HD1  H  N N 189 
HIS HD2  H  N N 190 
HIS HE1  H  N N 191 
HIS HE2  H  N N 192 
HIS HXT  H  N N 193 
HOH O    O  N N 194 
HOH H1   H  N N 195 
HOH H2   H  N N 196 
ILE N    N  N N 197 
ILE CA   C  N S 198 
ILE C    C  N N 199 
ILE O    O  N N 200 
ILE CB   C  N S 201 
ILE CG1  C  N N 202 
ILE CG2  C  N N 203 
ILE CD1  C  N N 204 
ILE OXT  O  N N 205 
ILE H    H  N N 206 
ILE H2   H  N N 207 
ILE HA   H  N N 208 
ILE HB   H  N N 209 
ILE HG12 H  N N 210 
ILE HG13 H  N N 211 
ILE HG21 H  N N 212 
ILE HG22 H  N N 213 
ILE HG23 H  N N 214 
ILE HD11 H  N N 215 
ILE HD12 H  N N 216 
ILE HD13 H  N N 217 
ILE HXT  H  N N 218 
LEU N    N  N N 219 
LEU CA   C  N S 220 
LEU C    C  N N 221 
LEU O    O  N N 222 
LEU CB   C  N N 223 
LEU CG   C  N N 224 
LEU CD1  C  N N 225 
LEU CD2  C  N N 226 
LEU OXT  O  N N 227 
LEU H    H  N N 228 
LEU H2   H  N N 229 
LEU HA   H  N N 230 
LEU HB2  H  N N 231 
LEU HB3  H  N N 232 
LEU HG   H  N N 233 
LEU HD11 H  N N 234 
LEU HD12 H  N N 235 
LEU HD13 H  N N 236 
LEU HD21 H  N N 237 
LEU HD22 H  N N 238 
LEU HD23 H  N N 239 
LEU HXT  H  N N 240 
LYS N    N  N N 241 
LYS CA   C  N S 242 
LYS C    C  N N 243 
LYS O    O  N N 244 
LYS CB   C  N N 245 
LYS CG   C  N N 246 
LYS CD   C  N N 247 
LYS CE   C  N N 248 
LYS NZ   N  N N 249 
LYS OXT  O  N N 250 
LYS H    H  N N 251 
LYS H2   H  N N 252 
LYS HA   H  N N 253 
LYS HB2  H  N N 254 
LYS HB3  H  N N 255 
LYS HG2  H  N N 256 
LYS HG3  H  N N 257 
LYS HD2  H  N N 258 
LYS HD3  H  N N 259 
LYS HE2  H  N N 260 
LYS HE3  H  N N 261 
LYS HZ1  H  N N 262 
LYS HZ2  H  N N 263 
LYS HZ3  H  N N 264 
LYS HXT  H  N N 265 
MET N    N  N N 266 
MET CA   C  N S 267 
MET C    C  N N 268 
MET O    O  N N 269 
MET CB   C  N N 270 
MET CG   C  N N 271 
MET SD   S  N N 272 
MET CE   C  N N 273 
MET OXT  O  N N 274 
MET H    H  N N 275 
MET H2   H  N N 276 
MET HA   H  N N 277 
MET HB2  H  N N 278 
MET HB3  H  N N 279 
MET HG2  H  N N 280 
MET HG3  H  N N 281 
MET HE1  H  N N 282 
MET HE2  H  N N 283 
MET HE3  H  N N 284 
MET HXT  H  N N 285 
PHE N    N  N N 286 
PHE CA   C  N S 287 
PHE C    C  N N 288 
PHE O    O  N N 289 
PHE CB   C  N N 290 
PHE CG   C  Y N 291 
PHE CD1  C  Y N 292 
PHE CD2  C  Y N 293 
PHE CE1  C  Y N 294 
PHE CE2  C  Y N 295 
PHE CZ   C  Y N 296 
PHE OXT  O  N N 297 
PHE H    H  N N 298 
PHE H2   H  N N 299 
PHE HA   H  N N 300 
PHE HB2  H  N N 301 
PHE HB3  H  N N 302 
PHE HD1  H  N N 303 
PHE HD2  H  N N 304 
PHE HE1  H  N N 305 
PHE HE2  H  N N 306 
PHE HZ   H  N N 307 
PHE HXT  H  N N 308 
PRO N    N  N N 309 
PRO CA   C  N S 310 
PRO C    C  N N 311 
PRO O    O  N N 312 
PRO CB   C  N N 313 
PRO CG   C  N N 314 
PRO CD   C  N N 315 
PRO OXT  O  N N 316 
PRO H    H  N N 317 
PRO HA   H  N N 318 
PRO HB2  H  N N 319 
PRO HB3  H  N N 320 
PRO HG2  H  N N 321 
PRO HG3  H  N N 322 
PRO HD2  H  N N 323 
PRO HD3  H  N N 324 
PRO HXT  H  N N 325 
SER N    N  N N 326 
SER CA   C  N S 327 
SER C    C  N N 328 
SER O    O  N N 329 
SER CB   C  N N 330 
SER OG   O  N N 331 
SER OXT  O  N N 332 
SER H    H  N N 333 
SER H2   H  N N 334 
SER HA   H  N N 335 
SER HB2  H  N N 336 
SER HB3  H  N N 337 
SER HG   H  N N 338 
SER HXT  H  N N 339 
THR N    N  N N 340 
THR CA   C  N S 341 
THR C    C  N N 342 
THR O    O  N N 343 
THR CB   C  N R 344 
THR OG1  O  N N 345 
THR CG2  C  N N 346 
THR OXT  O  N N 347 
THR H    H  N N 348 
THR H2   H  N N 349 
THR HA   H  N N 350 
THR HB   H  N N 351 
THR HG1  H  N N 352 
THR HG21 H  N N 353 
THR HG22 H  N N 354 
THR HG23 H  N N 355 
THR HXT  H  N N 356 
TRP N    N  N N 357 
TRP CA   C  N S 358 
TRP C    C  N N 359 
TRP O    O  N N 360 
TRP CB   C  N N 361 
TRP CG   C  Y N 362 
TRP CD1  C  Y N 363 
TRP CD2  C  Y N 364 
TRP NE1  N  Y N 365 
TRP CE2  C  Y N 366 
TRP CE3  C  Y N 367 
TRP CZ2  C  Y N 368 
TRP CZ3  C  Y N 369 
TRP CH2  C  Y N 370 
TRP OXT  O  N N 371 
TRP H    H  N N 372 
TRP H2   H  N N 373 
TRP HA   H  N N 374 
TRP HB2  H  N N 375 
TRP HB3  H  N N 376 
TRP HD1  H  N N 377 
TRP HE1  H  N N 378 
TRP HE3  H  N N 379 
TRP HZ2  H  N N 380 
TRP HZ3  H  N N 381 
TRP HH2  H  N N 382 
TRP HXT  H  N N 383 
TYR N    N  N N 384 
TYR CA   C  N S 385 
TYR C    C  N N 386 
TYR O    O  N N 387 
TYR CB   C  N N 388 
TYR CG   C  Y N 389 
TYR CD1  C  Y N 390 
TYR CD2  C  Y N 391 
TYR CE1  C  Y N 392 
TYR CE2  C  Y N 393 
TYR CZ   C  Y N 394 
TYR OH   O  N N 395 
TYR OXT  O  N N 396 
TYR H    H  N N 397 
TYR H2   H  N N 398 
TYR HA   H  N N 399 
TYR HB2  H  N N 400 
TYR HB3  H  N N 401 
TYR HD1  H  N N 402 
TYR HD2  H  N N 403 
TYR HE1  H  N N 404 
TYR HE2  H  N N 405 
TYR HH   H  N N 406 
TYR HXT  H  N N 407 
VAL N    N  N N 408 
VAL CA   C  N S 409 
VAL C    C  N N 410 
VAL O    O  N N 411 
VAL CB   C  N N 412 
VAL CG1  C  N N 413 
VAL CG2  C  N N 414 
VAL OXT  O  N N 415 
VAL H    H  N N 416 
VAL H2   H  N N 417 
VAL HA   H  N N 418 
VAL HB   H  N N 419 
VAL HG11 H  N N 420 
VAL HG12 H  N N 421 
VAL HG13 H  N N 422 
VAL HG21 H  N N 423 
VAL HG22 H  N N 424 
VAL HG23 H  N N 425 
VAL HXT  H  N N 426 
ZN  ZN   ZN N N 427 
# 
loop_
_chem_comp_bond.comp_id 
_chem_comp_bond.atom_id_1 
_chem_comp_bond.atom_id_2 
_chem_comp_bond.value_order 
_chem_comp_bond.pdbx_aromatic_flag 
_chem_comp_bond.pdbx_stereo_config 
_chem_comp_bond.pdbx_ordinal 
ALA N   CA   sing N N 1   
ALA N   H    sing N N 2   
ALA N   H2   sing N N 3   
ALA CA  C    sing N N 4   
ALA CA  CB   sing N N 5   
ALA CA  HA   sing N N 6   
ALA C   O    doub N N 7   
ALA C   OXT  sing N N 8   
ALA CB  HB1  sing N N 9   
ALA CB  HB2  sing N N 10  
ALA CB  HB3  sing N N 11  
ALA OXT HXT  sing N N 12  
ARG N   CA   sing N N 13  
ARG N   H    sing N N 14  
ARG N   H2   sing N N 15  
ARG CA  C    sing N N 16  
ARG CA  CB   sing N N 17  
ARG CA  HA   sing N N 18  
ARG C   O    doub N N 19  
ARG C   OXT  sing N N 20  
ARG CB  CG   sing N N 21  
ARG CB  HB2  sing N N 22  
ARG CB  HB3  sing N N 23  
ARG CG  CD   sing N N 24  
ARG CG  HG2  sing N N 25  
ARG CG  HG3  sing N N 26  
ARG CD  NE   sing N N 27  
ARG CD  HD2  sing N N 28  
ARG CD  HD3  sing N N 29  
ARG NE  CZ   sing N N 30  
ARG NE  HE   sing N N 31  
ARG CZ  NH1  sing N N 32  
ARG CZ  NH2  doub N N 33  
ARG NH1 HH11 sing N N 34  
ARG NH1 HH12 sing N N 35  
ARG NH2 HH21 sing N N 36  
ARG NH2 HH22 sing N N 37  
ARG OXT HXT  sing N N 38  
ASN N   CA   sing N N 39  
ASN N   H    sing N N 40  
ASN N   H2   sing N N 41  
ASN CA  C    sing N N 42  
ASN CA  CB   sing N N 43  
ASN CA  HA   sing N N 44  
ASN C   O    doub N N 45  
ASN C   OXT  sing N N 46  
ASN CB  CG   sing N N 47  
ASN CB  HB2  sing N N 48  
ASN CB  HB3  sing N N 49  
ASN CG  OD1  doub N N 50  
ASN CG  ND2  sing N N 51  
ASN ND2 HD21 sing N N 52  
ASN ND2 HD22 sing N N 53  
ASN OXT HXT  sing N N 54  
ASP N   CA   sing N N 55  
ASP N   H    sing N N 56  
ASP N   H2   sing N N 57  
ASP CA  C    sing N N 58  
ASP CA  CB   sing N N 59  
ASP CA  HA   sing N N 60  
ASP C   O    doub N N 61  
ASP C   OXT  sing N N 62  
ASP CB  CG   sing N N 63  
ASP CB  HB2  sing N N 64  
ASP CB  HB3  sing N N 65  
ASP CG  OD1  doub N N 66  
ASP CG  OD2  sing N N 67  
ASP OD2 HD2  sing N N 68  
ASP OXT HXT  sing N N 69  
CYS N   CA   sing N N 70  
CYS N   H    sing N N 71  
CYS N   H2   sing N N 72  
CYS CA  C    sing N N 73  
CYS CA  CB   sing N N 74  
CYS CA  HA   sing N N 75  
CYS C   O    doub N N 76  
CYS C   OXT  sing N N 77  
CYS CB  SG   sing N N 78  
CYS CB  HB2  sing N N 79  
CYS CB  HB3  sing N N 80  
CYS SG  HG   sing N N 81  
CYS OXT HXT  sing N N 82  
DMS S   O    doub N N 83  
DMS S   C1   sing N N 84  
DMS S   C2   sing N N 85  
DMS C1  H11  sing N N 86  
DMS C1  H12  sing N N 87  
DMS C1  H13  sing N N 88  
DMS C2  H21  sing N N 89  
DMS C2  H22  sing N N 90  
DMS C2  H23  sing N N 91  
GLN N   CA   sing N N 92  
GLN N   H    sing N N 93  
GLN N   H2   sing N N 94  
GLN CA  C    sing N N 95  
GLN CA  CB   sing N N 96  
GLN CA  HA   sing N N 97  
GLN C   O    doub N N 98  
GLN C   OXT  sing N N 99  
GLN CB  CG   sing N N 100 
GLN CB  HB2  sing N N 101 
GLN CB  HB3  sing N N 102 
GLN CG  CD   sing N N 103 
GLN CG  HG2  sing N N 104 
GLN CG  HG3  sing N N 105 
GLN CD  OE1  doub N N 106 
GLN CD  NE2  sing N N 107 
GLN NE2 HE21 sing N N 108 
GLN NE2 HE22 sing N N 109 
GLN OXT HXT  sing N N 110 
GLU N   CA   sing N N 111 
GLU N   H    sing N N 112 
GLU N   H2   sing N N 113 
GLU CA  C    sing N N 114 
GLU CA  CB   sing N N 115 
GLU CA  HA   sing N N 116 
GLU C   O    doub N N 117 
GLU C   OXT  sing N N 118 
GLU CB  CG   sing N N 119 
GLU CB  HB2  sing N N 120 
GLU CB  HB3  sing N N 121 
GLU CG  CD   sing N N 122 
GLU CG  HG2  sing N N 123 
GLU CG  HG3  sing N N 124 
GLU CD  OE1  doub N N 125 
GLU CD  OE2  sing N N 126 
GLU OE2 HE2  sing N N 127 
GLU OXT HXT  sing N N 128 
GLY N   CA   sing N N 129 
GLY N   H    sing N N 130 
GLY N   H2   sing N N 131 
GLY CA  C    sing N N 132 
GLY CA  HA2  sing N N 133 
GLY CA  HA3  sing N N 134 
GLY C   O    doub N N 135 
GLY C   OXT  sing N N 136 
GLY OXT HXT  sing N N 137 
GV4 N4  C9   trip N N 138 
GV4 C9  C8   sing N N 139 
GV4 C1  C2   sing N N 140 
GV4 O1  C7   doub N N 141 
GV4 C7  C8   sing N N 142 
GV4 C7  N3   sing N N 143 
GV4 C2  N2   doub Y N 144 
GV4 C2  C3   sing Y N 145 
GV4 N3  C3   sing N N 146 
GV4 N2  N1   sing Y N 147 
GV4 C3  C4   doub Y N 148 
GV4 N1  C4   sing Y N 149 
GV4 N1  C5   sing N N 150 
GV4 C4  C6   sing N N 151 
GV4 N3  H1   sing N N 152 
GV4 C5  H2   sing N N 153 
GV4 C5  H3   sing N N 154 
GV4 C5  H4   sing N N 155 
GV4 C6  H5   sing N N 156 
GV4 C6  H6   sing N N 157 
GV4 C6  H7   sing N N 158 
GV4 C8  H8   sing N N 159 
GV4 C8  H9   sing N N 160 
GV4 C1  H10  sing N N 161 
GV4 C1  H11  sing N N 162 
GV4 C1  H12  sing N N 163 
HIS N   CA   sing N N 164 
HIS N   H    sing N N 165 
HIS N   H2   sing N N 166 
HIS CA  C    sing N N 167 
HIS CA  CB   sing N N 168 
HIS CA  HA   sing N N 169 
HIS C   O    doub N N 170 
HIS C   OXT  sing N N 171 
HIS CB  CG   sing N N 172 
HIS CB  HB2  sing N N 173 
HIS CB  HB3  sing N N 174 
HIS CG  ND1  sing Y N 175 
HIS CG  CD2  doub Y N 176 
HIS ND1 CE1  doub Y N 177 
HIS ND1 HD1  sing N N 178 
HIS CD2 NE2  sing Y N 179 
HIS CD2 HD2  sing N N 180 
HIS CE1 NE2  sing Y N 181 
HIS CE1 HE1  sing N N 182 
HIS NE2 HE2  sing N N 183 
HIS OXT HXT  sing N N 184 
HOH O   H1   sing N N 185 
HOH O   H2   sing N N 186 
ILE N   CA   sing N N 187 
ILE N   H    sing N N 188 
ILE N   H2   sing N N 189 
ILE CA  C    sing N N 190 
ILE CA  CB   sing N N 191 
ILE CA  HA   sing N N 192 
ILE C   O    doub N N 193 
ILE C   OXT  sing N N 194 
ILE CB  CG1  sing N N 195 
ILE CB  CG2  sing N N 196 
ILE CB  HB   sing N N 197 
ILE CG1 CD1  sing N N 198 
ILE CG1 HG12 sing N N 199 
ILE CG1 HG13 sing N N 200 
ILE CG2 HG21 sing N N 201 
ILE CG2 HG22 sing N N 202 
ILE CG2 HG23 sing N N 203 
ILE CD1 HD11 sing N N 204 
ILE CD1 HD12 sing N N 205 
ILE CD1 HD13 sing N N 206 
ILE OXT HXT  sing N N 207 
LEU N   CA   sing N N 208 
LEU N   H    sing N N 209 
LEU N   H2   sing N N 210 
LEU CA  C    sing N N 211 
LEU CA  CB   sing N N 212 
LEU CA  HA   sing N N 213 
LEU C   O    doub N N 214 
LEU C   OXT  sing N N 215 
LEU CB  CG   sing N N 216 
LEU CB  HB2  sing N N 217 
LEU CB  HB3  sing N N 218 
LEU CG  CD1  sing N N 219 
LEU CG  CD2  sing N N 220 
LEU CG  HG   sing N N 221 
LEU CD1 HD11 sing N N 222 
LEU CD1 HD12 sing N N 223 
LEU CD1 HD13 sing N N 224 
LEU CD2 HD21 sing N N 225 
LEU CD2 HD22 sing N N 226 
LEU CD2 HD23 sing N N 227 
LEU OXT HXT  sing N N 228 
LYS N   CA   sing N N 229 
LYS N   H    sing N N 230 
LYS N   H2   sing N N 231 
LYS CA  C    sing N N 232 
LYS CA  CB   sing N N 233 
LYS CA  HA   sing N N 234 
LYS C   O    doub N N 235 
LYS C   OXT  sing N N 236 
LYS CB  CG   sing N N 237 
LYS CB  HB2  sing N N 238 
LYS CB  HB3  sing N N 239 
LYS CG  CD   sing N N 240 
LYS CG  HG2  sing N N 241 
LYS CG  HG3  sing N N 242 
LYS CD  CE   sing N N 243 
LYS CD  HD2  sing N N 244 
LYS CD  HD3  sing N N 245 
LYS CE  NZ   sing N N 246 
LYS CE  HE2  sing N N 247 
LYS CE  HE3  sing N N 248 
LYS NZ  HZ1  sing N N 249 
LYS NZ  HZ2  sing N N 250 
LYS NZ  HZ3  sing N N 251 
LYS OXT HXT  sing N N 252 
MET N   CA   sing N N 253 
MET N   H    sing N N 254 
MET N   H2   sing N N 255 
MET CA  C    sing N N 256 
MET CA  CB   sing N N 257 
MET CA  HA   sing N N 258 
MET C   O    doub N N 259 
MET C   OXT  sing N N 260 
MET CB  CG   sing N N 261 
MET CB  HB2  sing N N 262 
MET CB  HB3  sing N N 263 
MET CG  SD   sing N N 264 
MET CG  HG2  sing N N 265 
MET CG  HG3  sing N N 266 
MET SD  CE   sing N N 267 
MET CE  HE1  sing N N 268 
MET CE  HE2  sing N N 269 
MET CE  HE3  sing N N 270 
MET OXT HXT  sing N N 271 
PHE N   CA   sing N N 272 
PHE N   H    sing N N 273 
PHE N   H2   sing N N 274 
PHE CA  C    sing N N 275 
PHE CA  CB   sing N N 276 
PHE CA  HA   sing N N 277 
PHE C   O    doub N N 278 
PHE C   OXT  sing N N 279 
PHE CB  CG   sing N N 280 
PHE CB  HB2  sing N N 281 
PHE CB  HB3  sing N N 282 
PHE CG  CD1  doub Y N 283 
PHE CG  CD2  sing Y N 284 
PHE CD1 CE1  sing Y N 285 
PHE CD1 HD1  sing N N 286 
PHE CD2 CE2  doub Y N 287 
PHE CD2 HD2  sing N N 288 
PHE CE1 CZ   doub Y N 289 
PHE CE1 HE1  sing N N 290 
PHE CE2 CZ   sing Y N 291 
PHE CE2 HE2  sing N N 292 
PHE CZ  HZ   sing N N 293 
PHE OXT HXT  sing N N 294 
PRO N   CA   sing N N 295 
PRO N   CD   sing N N 296 
PRO N   H    sing N N 297 
PRO CA  C    sing N N 298 
PRO CA  CB   sing N N 299 
PRO CA  HA   sing N N 300 
PRO C   O    doub N N 301 
PRO C   OXT  sing N N 302 
PRO CB  CG   sing N N 303 
PRO CB  HB2  sing N N 304 
PRO CB  HB3  sing N N 305 
PRO CG  CD   sing N N 306 
PRO CG  HG2  sing N N 307 
PRO CG  HG3  sing N N 308 
PRO CD  HD2  sing N N 309 
PRO CD  HD3  sing N N 310 
PRO OXT HXT  sing N N 311 
SER N   CA   sing N N 312 
SER N   H    sing N N 313 
SER N   H2   sing N N 314 
SER CA  C    sing N N 315 
SER CA  CB   sing N N 316 
SER CA  HA   sing N N 317 
SER C   O    doub N N 318 
SER C   OXT  sing N N 319 
SER CB  OG   sing N N 320 
SER CB  HB2  sing N N 321 
SER CB  HB3  sing N N 322 
SER OG  HG   sing N N 323 
SER OXT HXT  sing N N 324 
THR N   CA   sing N N 325 
THR N   H    sing N N 326 
THR N   H2   sing N N 327 
THR CA  C    sing N N 328 
THR CA  CB   sing N N 329 
THR CA  HA   sing N N 330 
THR C   O    doub N N 331 
THR C   OXT  sing N N 332 
THR CB  OG1  sing N N 333 
THR CB  CG2  sing N N 334 
THR CB  HB   sing N N 335 
THR OG1 HG1  sing N N 336 
THR CG2 HG21 sing N N 337 
THR CG2 HG22 sing N N 338 
THR CG2 HG23 sing N N 339 
THR OXT HXT  sing N N 340 
TRP N   CA   sing N N 341 
TRP N   H    sing N N 342 
TRP N   H2   sing N N 343 
TRP CA  C    sing N N 344 
TRP CA  CB   sing N N 345 
TRP CA  HA   sing N N 346 
TRP C   O    doub N N 347 
TRP C   OXT  sing N N 348 
TRP CB  CG   sing N N 349 
TRP CB  HB2  sing N N 350 
TRP CB  HB3  sing N N 351 
TRP CG  CD1  doub Y N 352 
TRP CG  CD2  sing Y N 353 
TRP CD1 NE1  sing Y N 354 
TRP CD1 HD1  sing N N 355 
TRP CD2 CE2  doub Y N 356 
TRP CD2 CE3  sing Y N 357 
TRP NE1 CE2  sing Y N 358 
TRP NE1 HE1  sing N N 359 
TRP CE2 CZ2  sing Y N 360 
TRP CE3 CZ3  doub Y N 361 
TRP CE3 HE3  sing N N 362 
TRP CZ2 CH2  doub Y N 363 
TRP CZ2 HZ2  sing N N 364 
TRP CZ3 CH2  sing Y N 365 
TRP CZ3 HZ3  sing N N 366 
TRP CH2 HH2  sing N N 367 
TRP OXT HXT  sing N N 368 
TYR N   CA   sing N N 369 
TYR N   H    sing N N 370 
TYR N   H2   sing N N 371 
TYR CA  C    sing N N 372 
TYR CA  CB   sing N N 373 
TYR CA  HA   sing N N 374 
TYR C   O    doub N N 375 
TYR C   OXT  sing N N 376 
TYR CB  CG   sing N N 377 
TYR CB  HB2  sing N N 378 
TYR CB  HB3  sing N N 379 
TYR CG  CD1  doub Y N 380 
TYR CG  CD2  sing Y N 381 
TYR CD1 CE1  sing Y N 382 
TYR CD1 HD1  sing N N 383 
TYR CD2 CE2  doub Y N 384 
TYR CD2 HD2  sing N N 385 
TYR CE1 CZ   doub Y N 386 
TYR CE1 HE1  sing N N 387 
TYR CE2 CZ   sing Y N 388 
TYR CE2 HE2  sing N N 389 
TYR CZ  OH   sing N N 390 
TYR OH  HH   sing N N 391 
TYR OXT HXT  sing N N 392 
VAL N   CA   sing N N 393 
VAL N   H    sing N N 394 
VAL N   H2   sing N N 395 
VAL CA  C    sing N N 396 
VAL CA  CB   sing N N 397 
VAL CA  HA   sing N N 398 
VAL C   O    doub N N 399 
VAL C   OXT  sing N N 400 
VAL CB  CG1  sing N N 401 
VAL CB  CG2  sing N N 402 
VAL CB  HB   sing N N 403 
VAL CG1 HG11 sing N N 404 
VAL CG1 HG12 sing N N 405 
VAL CG1 HG13 sing N N 406 
VAL CG2 HG21 sing N N 407 
VAL CG2 HG22 sing N N 408 
VAL CG2 HG23 sing N N 409 
VAL OXT HXT  sing N N 410 
# 
_pdbx_audit_support.funding_organization   
'National Institutes of Health/National Institute Of Allergy and Infectious Diseases (NIH/NIAID)' 
_pdbx_audit_support.country                'United States' 
_pdbx_audit_support.grant_number           U19AI171399 
_pdbx_audit_support.ordinal                1 
# 
_pdbx_deposit_group.group_id            G_1002288 
_pdbx_deposit_group.group_description   'Crystallographic fragment screening of Coxsackievirus A16 (G-10) 2A protease' 
_pdbx_deposit_group.group_title         
'Group deposition for crystallographic fragment screening of Coxsackievirus A16 (G-10) 2A protease' 
_pdbx_deposit_group.group_type          'changed state' 
# 
_atom_sites.entry_id                    7H36 
_atom_sites.fract_transf_matrix[1][1]   0.00836637 
_atom_sites.fract_transf_matrix[1][2]   0.00756033 
_atom_sites.fract_transf_matrix[1][3]   -0.00279077 
_atom_sites.fract_transf_matrix[2][1]   -0.01060272 
_atom_sites.fract_transf_matrix[2][2]   0.01340210 
_atom_sites.fract_transf_matrix[2][3]   0.00452133 
_atom_sites.fract_transf_matrix[3][1]   0.01259217 
_atom_sites.fract_transf_matrix[3][2]   0.00040200 
_atom_sites.fract_transf_matrix[3][3]   0.02833761 
_atom_sites.fract_transf_vector[1]      0.185099 
_atom_sites.fract_transf_vector[2]      0.126160 
_atom_sites.fract_transf_vector[3]      0.445920 
# 
loop_
_atom_type.symbol 
C  
N  
O  
S  
ZN 
# 
loop_
_atom_site.group_PDB 
_atom_site.id 
_atom_site.type_symbol 
_atom_site.label_atom_id 
_atom_site.label_alt_id 
_atom_site.label_comp_id 
_atom_site.label_asym_id 
_atom_site.label_entity_id 
_atom_site.label_seq_id 
_atom_site.pdbx_PDB_ins_code 
_atom_site.Cartn_x 
_atom_site.Cartn_y 
_atom_site.Cartn_z 
_atom_site.occupancy 
_atom_site.B_iso_or_equiv 
_atom_site.pdbx_formal_charge 
_atom_site.auth_seq_id 
_atom_site.auth_comp_id 
_atom_site.auth_asym_id 
_atom_site.auth_atom_id 
_atom_site.pdbx_PDB_model_num 
ATOM   1    N  N   . SER A 1 7   ? 7.059   2.072   8.094   1.00 19.27  ? 7   SER A N   1 
ATOM   2    C  CA  . SER A 1 7   ? 7.496   2.962   6.985   1.00 20.20  ? 7   SER A CA  1 
ATOM   3    C  C   . SER A 1 7   ? 7.759   2.145   5.717   1.00 19.37  ? 7   SER A C   1 
ATOM   4    O  O   . SER A 1 7   ? 7.865   0.898   5.821   1.00 23.40  ? 7   SER A O   1 
ATOM   5    C  CB  . SER A 1 7   ? 8.721   3.714   7.394   1.00 21.46  ? 7   SER A CB  1 
ATOM   6    O  OG  . SER A 1 7   ? 9.651   2.805   7.967   1.00 27.28  ? 7   SER A OG  1 
ATOM   7    N  N   . GLY A 1 8   ? 7.829   2.807   4.571   1.00 19.05  ? 8   GLY A N   1 
ATOM   8    C  CA  . GLY A 1 8   ? 8.176   2.123   3.324   1.00 18.54  ? 8   GLY A CA  1 
ATOM   9    C  C   . GLY A 1 8   ? 7.496   2.708   2.111   1.00 16.30  ? 8   GLY A C   1 
ATOM   10   O  O   . GLY A 1 8   ? 6.469   3.400   2.235   1.00 19.34  ? 8   GLY A O   1 
ATOM   11   N  N   . ALA A 1 9   ? 8.090   2.500   0.958   1.00 15.65  ? 9   ALA A N   1 
ATOM   12   C  CA  . ALA A 1 9   ? 7.606   3.079   -0.302  1.00 15.07  ? 9   ALA A CA  1 
ATOM   13   C  C   . ALA A 1 9   ? 7.829   2.101   -1.436  1.00 15.21  ? 9   ALA A C   1 
ATOM   14   O  O   . ALA A 1 9   ? 8.682   1.158   -1.283  1.00 17.17  ? 9   ALA A O   1 
ATOM   15   C  CB  . ALA A 1 9   ? 8.327   4.374   -0.569  1.00 14.43  ? 9   ALA A CB  1 
ATOM   16   N  N   . ILE A 1 10  ? 7.127   2.374   -2.533  1.00 15.46  ? 10  ILE A N   1 
ATOM   17   C  CA  . ILE A 1 10  ? 7.345   1.755   -3.872  1.00 16.45  ? 10  ILE A CA  1 
ATOM   18   C  C   . ILE A 1 10  ? 7.987   2.818   -4.758  1.00 18.51  ? 10  ILE A C   1 
ATOM   19   O  O   . ILE A 1 10  ? 7.494   3.994   -4.768  1.00 18.80  ? 10  ILE A O   1 
ATOM   20   C  CB  . ILE A 1 10  ? 6.031   1.256   -4.497  1.00 15.89  ? 10  ILE A CB  1 
ATOM   21   C  CG1 . ILE A 1 10  ? 5.181   0.455   -3.503  1.00 14.80  ? 10  ILE A CG1 1 
ATOM   22   C  CG2 . ILE A 1 10  ? 6.326   0.477   -5.770  1.00 17.19  ? 10  ILE A CG2 1 
ATOM   23   C  CD1 . ILE A 1 10  ? 3.783   0.247   -3.950  1.00 13.23  ? 10  ILE A CD1 1 
ATOM   24   N  N   . TYR A 1 11  ? 8.964   2.403   -5.565  1.00 18.57  ? 11  TYR A N   1 
ATOM   25   C  CA  . TYR A 1 11  ? 9.742   3.307   -6.440  1.00 20.28  ? 11  TYR A CA  1 
ATOM   26   C  C   . TYR A 1 11  ? 9.638   2.753   -7.852  1.00 19.68  ? 11  TYR A C   1 
ATOM   27   O  O   . TYR A 1 11  ? 10.305  1.731   -8.180  1.00 21.59  ? 11  TYR A O   1 
ATOM   28   C  CB  . TYR A 1 11  ? 11.183  3.405   -5.939  1.00 21.08  ? 11  TYR A CB  1 
ATOM   29   C  CG  . TYR A 1 11  ? 11.312  4.070   -4.605  1.00 20.42  ? 11  TYR A CG  1 
ATOM   30   C  CD1 . TYR A 1 11  ? 11.268  5.449   -4.506  1.00 21.59  ? 11  TYR A CD1 1 
ATOM   31   C  CD2 . TYR A 1 11  ? 11.484  3.331   -3.466  1.00 20.62  ? 11  TYR A CD2 1 
ATOM   32   C  CE1 . TYR A 1 11  ? 11.372  6.073   -3.289  1.00 18.46  ? 11  TYR A CE1 1 
ATOM   33   C  CE2 . TYR A 1 11  ? 11.552  3.938   -2.227  1.00 22.32  ? 11  TYR A CE2 1 
ATOM   34   C  CZ  . TYR A 1 11  ? 11.515  5.321   -2.148  1.00 20.54  ? 11  TYR A CZ  1 
ATOM   35   O  OH  . TYR A 1 11  ? 11.609  5.967   -0.964  1.00 20.54  ? 11  TYR A OH  1 
ATOM   36   N  N   . VAL A 1 12  ? 8.771   3.357   -8.633  1.00 21.83  ? 12  VAL A N   1 
ATOM   37   C  CA  . VAL A 1 12  ? 8.458   2.903   -10.011 1.00 22.42  ? 12  VAL A CA  1 
ATOM   38   C  C   . VAL A 1 12  ? 8.528   4.125   -10.930 1.00 24.51  ? 12  VAL A C   1 
ATOM   39   O  O   . VAL A 1 12  ? 7.865   5.133   -10.627 1.00 24.72  ? 12  VAL A O   1 
ATOM   40   C  CB  . VAL A 1 12  ? 7.097   2.185   -10.003 1.00 24.15  ? 12  VAL A CB  1 
ATOM   41   C  CG1 . VAL A 1 12  ? 6.003   2.992   -9.338  1.00 22.54  ? 12  VAL A CG1 1 
ATOM   42   C  CG2 . VAL A 1 12  ? 6.684   1.751   -11.383 1.00 23.90  ? 12  VAL A CG2 1 
ATOM   43   N  N   . GLY A 1 13  ? 9.261   4.030   -12.046 1.00 26.71  ? 13  GLY A N   1 
ATOM   44   C  CA  . GLY A 1 13  ? 9.453   5.146   -12.994 1.00 26.59  ? 13  GLY A CA  1 
ATOM   45   C  C   . GLY A 1 13  ? 9.881   6.408   -12.270 1.00 26.49  ? 13  GLY A C   1 
ATOM   46   O  O   . GLY A 1 13  ? 10.793  6.334   -11.433 1.00 23.59  ? 13  GLY A O   1 
ATOM   47   N  N   . ASN A 1 14  ? 9.238   7.549   -12.511 1.00 28.66  ? 14  ASN A N   1 
ATOM   48   C  CA  . ASN A 1 14  ? 9.639   8.755   -11.738 1.00 30.23  ? 14  ASN A CA  1 
ATOM   49   C  C   . ASN A 1 14  ? 8.565   9.011   -10.673 1.00 29.59  ? 14  ASN A C   1 
ATOM   50   O  O   . ASN A 1 14  ? 8.221   10.172  -10.433 1.00 29.34  ? 14  ASN A O   1 
ATOM   51   C  CB  . ASN A 1 14  ? 10.057  9.898   -12.667 1.00 33.79  ? 14  ASN A CB  1 
ATOM   52   C  CG  . ASN A 1 14  ? 11.468  9.679   -13.190 1.00 36.54  ? 14  ASN A CG  1 
ATOM   53   O  OD1 . ASN A 1 14  ? 12.447  10.168  -12.626 1.00 41.80  ? 14  ASN A OD1 1 
ATOM   54   N  ND2 . ASN A 1 14  ? 11.598  8.851   -14.209 1.00 40.38  ? 14  ASN A ND2 1 
ATOM   55   N  N   . TYR A 1 15  ? 8.139   7.935   -9.998  1.00 28.90  ? 15  TYR A N   1 
ATOM   56   C  CA  . TYR A 1 15  ? 7.119   7.971   -8.918  1.00 24.14  ? 15  TYR A CA  1 
ATOM   57   C  C   . TYR A 1 15  ? 7.607   7.275   -7.632  1.00 22.65  ? 15  TYR A C   1 
ATOM   58   O  O   . TYR A 1 15  ? 8.337   6.259   -7.633  1.00 22.48  ? 15  TYR A O   1 
ATOM   59   C  CB  . TYR A 1 15  ? 5.803   7.387   -9.431  1.00 26.26  ? 15  TYR A CB  1 
ATOM   60   C  CG  . TYR A 1 15  ? 5.196   8.059   -10.642 1.00 24.68  ? 15  TYR A CG  1 
ATOM   61   C  CD1 . TYR A 1 15  ? 4.901   9.417   -10.657 1.00 26.97  ? 15  TYR A CD1 1 
ATOM   62   C  CD2 . TYR A 1 15  ? 4.909   7.324   -11.788 1.00 27.21  ? 15  TYR A CD2 1 
ATOM   63   C  CE1 . TYR A 1 15  ? 4.327   10.016  -11.771 1.00 27.70  ? 15  TYR A CE1 1 
ATOM   64   C  CE2 . TYR A 1 15  ? 4.349   7.912   -12.913 1.00 27.51  ? 15  TYR A CE2 1 
ATOM   65   C  CZ  . TYR A 1 15  ? 4.049   9.264   -12.902 1.00 26.86  ? 15  TYR A CZ  1 
ATOM   66   O  OH  . TYR A 1 15  ? 3.495   9.839   -14.016 1.00 28.25  ? 15  TYR A OH  1 
ATOM   67   N  N   . ARG A 1 16  ? 7.227   7.867   -6.498  1.00 20.10  ? 16  ARG A N   1 
ATOM   68   C  CA  . ARG A 1 16  ? 7.432   7.310   -5.141  1.00 18.82  ? 16  ARG A CA  1 
ATOM   69   C  C   . ARG A 1 16  ? 6.066   7.131   -4.484  1.00 17.90  ? 16  ARG A C   1 
ATOM   70   O  O   . ARG A 1 16  ? 5.329   8.139   -4.371  1.00 18.28  ? 16  ARG A O   1 
ATOM   71   C  CB  . ARG A 1 16  ? 8.223   8.251   -4.242  1.00 18.91  ? 16  ARG A CB  1 
ATOM   72   C  CG  . ARG A 1 16  ? 8.266   7.869   -2.768  1.00 18.89  ? 16  ARG A CG  1 
ATOM   73   C  CD  . ARG A 1 16  ? 9.160   8.868   -2.041  1.00 18.14  ? 16  ARG A CD  1 
ATOM   74   N  NE  . ARG A 1 16  ? 8.664   9.327   -0.754  1.00 18.26  ? 16  ARG A NE  1 
ATOM   75   C  CZ  . ARG A 1 16  ? 8.878   8.733   0.388   1.00 18.15  ? 16  ARG A CZ  1 
ATOM   76   N  NH1 . ARG A 1 16  ? 9.616   7.627   0.436   1.00 21.00  ? 16  ARG A NH1 1 
ATOM   77   N  NH2 . ARG A 1 16  ? 8.374   9.259   1.487   1.00 18.96  ? 16  ARG A NH2 1 
ATOM   78   N  N   . VAL A 1 17  ? 5.703   5.887   -4.130  1.00 15.64  ? 17  VAL A N   1 
ATOM   79   C  CA  . VAL A 1 17  ? 4.342   5.546   -3.654  1.00 15.03  ? 17  VAL A CA  1 
ATOM   80   C  C   . VAL A 1 17  ? 4.452   5.277   -2.168  1.00 13.91  ? 17  VAL A C   1 
ATOM   81   O  O   . VAL A 1 17  ? 5.151   4.321   -1.774  1.00 14.78  ? 17  VAL A O   1 
ATOM   82   C  CB  . VAL A 1 17  ? 3.742   4.322   -4.353  1.00 14.20  ? 17  VAL A CB  1 
ATOM   83   C  CG1 . VAL A 1 17  ? 2.286   4.210   -3.884  1.00 15.21  ? 17  VAL A CG1 1 
ATOM   84   C  CG2 . VAL A 1 17  ? 3.856   4.402   -5.868  1.00 14.69  ? 17  VAL A CG2 1 
ATOM   85   N  N   . VAL A 1 18  ? 3.755   6.108   -1.408  1.00 12.71  ? 18  VAL A N   1 
ATOM   86   C  CA  . VAL A 1 18  ? 3.746   6.059   0.064   1.00 13.28  ? 18  VAL A CA  1 
ATOM   87   C  C   . VAL A 1 18  ? 2.340   6.073   0.609   1.00 13.30  ? 18  VAL A C   1 
ATOM   88   O  O   . VAL A 1 18  ? 1.426   6.501   -0.073  1.00 14.73  ? 18  VAL A O   1 
ATOM   89   C  CB  . VAL A 1 18  ? 4.554   7.203   0.672   1.00 12.61  ? 18  VAL A CB  1 
ATOM   90   C  CG1 . VAL A 1 18  ? 6.001   7.025   0.285   1.00 14.14  ? 18  VAL A CG1 1 
ATOM   91   C  CG2 . VAL A 1 18  ? 4.017   8.596   0.294   1.00 12.89  ? 18  VAL A CG2 1 
ATOM   92   N  N   . ASN A 1 19  ? 2.217   5.607   1.839   1.00 13.16  ? 19  ASN A N   1 
ATOM   93   C  CA  . ASN A 1 19  ? 0.986   5.822   2.620   1.00 12.19  ? 19  ASN A CA  1 
ATOM   94   C  C   . ASN A 1 19  ? 0.746   7.339   2.736   1.00 12.90  ? 19  ASN A C   1 
ATOM   95   O  O   . ASN A 1 19  ? 1.663   8.031   3.133   1.00 13.27  ? 19  ASN A O   1 
ATOM   96   C  CB  . ASN A 1 19  ? 1.068   5.250   4.031   1.00 12.69  ? 19  ASN A CB  1 
ATOM   97   C  CG  . ASN A 1 19  ? 1.232   3.741   4.067   1.00 12.84  ? 19  ASN A CG  1 
ATOM   98   O  OD1 . ASN A 1 19  ? 2.317   3.208   4.064   1.00 13.28  ? 19  ASN A OD1 1 
ATOM   99   N  ND2 . ASN A 1 19  ? 0.128   3.045   4.062   1.00 13.17  ? 19  ASN A ND2 1 
ATOM   100  N  N   . ARG A 1 20  ? -0.425  7.808   2.371   1.00 13.38  ? 20  ARG A N   1 
ATOM   101  C  CA  . ARG A 1 20  ? -0.763  9.253   2.433   1.00 14.81  ? 20  ARG A CA  1 
ATOM   102  C  C   . ARG A 1 20  ? -0.466  9.779   3.847   1.00 15.15  ? 20  ARG A C   1 
ATOM   103  O  O   . ARG A 1 20  ? 0.183   10.847  3.989   1.00 15.48  ? 20  ARG A O   1 
ATOM   104  C  CB  . ARG A 1 20  ? -2.193  9.510   1.979   1.00 15.39  ? 20  ARG A CB  1 
ATOM   105  C  CG  . ARG A 1 20  ? -2.555  10.997  1.888   1.00 16.81  ? 20  ARG A CG  1 
ATOM   106  C  CD  . ARG A 1 20  ? -4.020  11.218  1.563   1.00 17.66  ? 20  ARG A CD  1 
ATOM   107  N  NE  . ARG A 1 20  ? -4.469  12.610  1.367   1.00 17.89  ? 20  ARG A NE  1 
ATOM   108  C  CZ  . ARG A 1 20  ? -4.720  13.487  2.349   1.00 18.45  ? 20  ARG A CZ  1 
ATOM   109  N  NH1 . ARG A 1 20  ? -4.484  13.180  3.608   1.00 18.74  ? 20  ARG A NH1 1 
ATOM   110  N  NH2 . ARG A 1 20  ? -5.220  14.687  2.070   1.00 22.08  ? 20  ARG A NH2 1 
ATOM   111  N  N   . HIS A 1 21  ? -0.744  9.000   4.886   1.00 15.26  ? 21  HIS A N   1 
ATOM   112  C  CA  . HIS A 1 21  ? -0.573  9.509   6.281   1.00 15.44  ? 21  HIS A CA  1 
ATOM   113  C  C   . HIS A 1 21  ? 0.915   9.610   6.648   1.00 16.49  ? 21  HIS A C   1 
ATOM   114  O  O   . HIS A 1 21  ? 1.221   10.205  7.708   1.00 17.18  ? 21  HIS A O   1 
ATOM   115  C  CB  . HIS A 1 21  ? -1.405  8.692   7.279   1.00 16.68  ? 21  HIS A CB  1 
ATOM   116  C  CG  . HIS A 1 21  ? -0.907  7.312   7.504   1.00 18.10  ? 21  HIS A CG  1 
ATOM   117  N  ND1 . HIS A 1 21  ? -1.284  6.245   6.701   1.00 17.72  ? 21  HIS A ND1 1 
ATOM   118  C  CD2 . HIS A 1 21  ? -0.082  6.818   8.446   1.00 17.31  ? 21  HIS A CD2 1 
ATOM   119  C  CE1 . HIS A 1 21  ? -0.713  5.160   7.170   1.00 20.01  ? 21  HIS A CE1 1 
ATOM   120  N  NE2 . HIS A 1 21  ? -0.005  5.463   8.236   1.00 16.39  ? 21  HIS A NE2 1 
ATOM   121  N  N   . LEU A 1 22  ? 1.818   9.017   5.862   1.00 14.71  ? 22  LEU A N   1 
ATOM   122  C  CA  . LEU A 1 22  ? 3.272   9.044   6.165   1.00 16.02  ? 22  LEU A CA  1 
ATOM   123  C  C   . LEU A 1 22  ? 3.988   9.957   5.175   1.00 15.95  ? 22  LEU A C   1 
ATOM   124  O  O   . LEU A 1 22  ? 5.233   10.030  5.267   1.00 16.85  ? 22  LEU A O   1 
ATOM   125  C  CB  . LEU A 1 22  ? 3.836   7.620   6.115   1.00 17.41  ? 22  LEU A CB  1 
ATOM   126  C  CG  . LEU A 1 22  ? 3.386   6.678   7.231   1.00 16.74  ? 22  LEU A CG  1 
ATOM   127  C  CD1 . LEU A 1 22  ? 4.133   5.344   7.110   1.00 17.87  ? 22  LEU A CD1 1 
ATOM   128  C  CD2 . LEU A 1 22  ? 3.640   7.310   8.608   1.00 18.89  ? 22  LEU A CD2 1 
ATOM   129  N  N   . ALA A 1 23  ? 3.258   10.611  4.263   1.00 16.07  ? 23  ALA A N   1 
ATOM   130  C  CA  . ALA A 1 23  ? 3.857   11.498  3.249   1.00 15.15  ? 23  ALA A CA  1 
ATOM   131  C  C   . ALA A 1 23  ? 4.570   12.666  3.951   1.00 16.34  ? 23  ALA A C   1 
ATOM   132  O  O   . ALA A 1 23  ? 4.011   13.241  4.928   1.00 16.58  ? 23  ALA A O   1 
ATOM   133  C  CB  . ALA A 1 23  ? 2.808   11.986  2.273   1.00 16.76  ? 23  ALA A CB  1 
ATOM   134  N  N   . THR A 1 24  ? 5.744   12.992  3.444   1.00 16.27  ? 24  THR A N   1 
ATOM   135  C  CA  . THR A 1 24  ? 6.602   14.093  3.958   1.00 16.70  ? 24  THR A CA  1 
ATOM   136  C  C   . THR A 1 24  ? 6.177   15.432  3.353   1.00 17.40  ? 24  THR A C   1 
ATOM   137  O  O   . THR A 1 24  ? 5.452   15.463  2.345   1.00 16.39  ? 24  THR A O   1 
ATOM   138  C  CB  . THR A 1 24  ? 8.078   13.780  3.662   1.00 17.49  ? 24  THR A CB  1 
ATOM   139  O  OG1 . THR A 1 24  ? 8.353   13.805  2.258   1.00 19.18  ? 24  THR A OG1 1 
ATOM   140  C  CG2 . THR A 1 24  ? 8.540   12.459  4.246   1.00 19.14  ? 24  THR A CG2 1 
ATOM   141  N  N   . HIS A 1 25  ? 6.693   16.547  3.872   1.00 17.82  ? 25  HIS A N   1 
ATOM   142  C  CA  . HIS A 1 25  ? 6.543   17.839  3.165   1.00 19.38  ? 25  HIS A CA  1 
ATOM   143  C  C   . HIS A 1 25  ? 7.134   17.719  1.759   1.00 18.68  ? 25  HIS A C   1 
ATOM   144  O  O   . HIS A 1 25  ? 6.517   18.245  0.848   1.00 18.01  ? 25  HIS A O   1 
ATOM   145  C  CB  . HIS A 1 25  ? 7.165   19.017  3.927   1.00 21.20  ? 25  HIS A CB  1 
ATOM   146  C  CG  . HIS A 1 25  ? 7.407   20.192  3.034   1.00 21.22  ? 25  HIS A CG  1 
ATOM   147  N  ND1 . HIS A 1 25  ? 6.465   21.175  2.817   1.00 21.49  ? 25  HIS A ND1 1 
ATOM   148  C  CD2 . HIS A 1 25  ? 8.457   20.497  2.230   1.00 22.64  ? 25  HIS A CD2 1 
ATOM   149  C  CE1 . HIS A 1 25  ? 6.959   22.090  2.015   1.00 23.36  ? 25  HIS A CE1 1 
ATOM   150  N  NE2 . HIS A 1 25  ? 8.163   21.679  1.600   1.00 24.23  ? 25  HIS A NE2 1 
ATOM   151  N  N   . ASN A 1 26  ? 8.273   17.040  1.591   1.00 18.78  ? 26  ASN A N   1 
ATOM   152  C  CA  . ASN A 1 26  ? 8.913   16.908  0.270   1.00 19.63  ? 26  ASN A CA  1 
ATOM   153  C  C   . ASN A 1 26  ? 7.964   16.150  -0.660  1.00 18.08  ? 26  ASN A C   1 
ATOM   154  O  O   . ASN A 1 26  ? 7.743   16.568  -1.815  1.00 16.52  ? 26  ASN A O   1 
ATOM   155  C  CB  . ASN A 1 26  ? 10.273  16.221  0.365   1.00 22.30  ? 26  ASN A CB  1 
ATOM   156  C  CG  . ASN A 1 26  ? 10.943  16.127  -0.985  1.00 26.98  ? 26  ASN A CG  1 
ATOM   157  O  OD1 . ASN A 1 26  ? 11.480  17.118  -1.488  1.00 30.01  ? 26  ASN A OD1 1 
ATOM   158  N  ND2 . ASN A 1 26  ? 10.887  14.952  -1.587  1.00 27.35  ? 26  ASN A ND2 1 
ATOM   159  N  N   . ASP A 1 27  ? 7.341   15.079  -0.158  1.00 16.70  ? 27  ASP A N   1 
ATOM   160  C  CA  . ASP A 1 27  ? 6.302   14.384  -0.969  1.00 15.94  ? 27  ASP A CA  1 
ATOM   161  C  C   . ASP A 1 27  ? 5.198   15.360  -1.430  1.00 14.50  ? 27  ASP A C   1 
ATOM   162  O  O   . ASP A 1 27  ? 4.792   15.325  -2.597  1.00 14.31  ? 27  ASP A O   1 
ATOM   163  C  CB  . ASP A 1 27  ? 5.685   13.212  -0.202  1.00 16.92  ? 27  ASP A CB  1 
ATOM   164  C  CG  . ASP A 1 27  ? 6.614   12.033  -0.008  1.00 16.97  ? 27  ASP A CG  1 
ATOM   165  O  OD1 . ASP A 1 27  ? 7.376   11.756  -0.931  1.00 18.22  ? 27  ASP A OD1 1 
ATOM   166  O  OD2 . ASP A 1 27  ? 6.574   11.416  1.075   1.00 18.68  ? 27  ASP A OD2 1 
ATOM   167  N  N   . TRP A 1 28  ? 4.611   16.157  -0.529  1.00 14.33  ? 28  TRP A N   1 
ATOM   168  C  CA  . TRP A 1 28  ? 3.521   17.101  -0.874  1.00 15.34  ? 28  TRP A CA  1 
ATOM   169  C  C   . TRP A 1 28  ? 4.015   18.231  -1.783  1.00 14.65  ? 28  TRP A C   1 
ATOM   170  O  O   . TRP A 1 28  ? 3.220   18.724  -2.559  1.00 15.39  ? 28  TRP A O   1 
ATOM   171  C  CB  . TRP A 1 28  ? 2.929   17.698  0.393   1.00 13.61  ? 28  TRP A CB  1 
ATOM   172  C  CG  . TRP A 1 28  ? 1.966   16.800  1.101   1.00 13.68  ? 28  TRP A CG  1 
ATOM   173  C  CD1 . TRP A 1 28  ? 2.202   16.057  2.215   1.00 14.53  ? 28  TRP A CD1 1 
ATOM   174  C  CD2 . TRP A 1 28  ? 0.605   16.552  0.734   1.00 14.70  ? 28  TRP A CD2 1 
ATOM   175  N  NE1 . TRP A 1 28  ? 1.070   15.398  2.591   1.00 15.14  ? 28  TRP A NE1 1 
ATOM   176  C  CE2 . TRP A 1 28  ? 0.070   15.687  1.707   1.00 15.11  ? 28  TRP A CE2 1 
ATOM   177  C  CE3 . TRP A 1 28  ? -0.236  16.988  -0.288  1.00 14.52  ? 28  TRP A CE3 1 
ATOM   178  C  CZ2 . TRP A 1 28  ? -1.244  15.228  1.656   1.00 17.18  ? 28  TRP A CZ2 1 
ATOM   179  C  CZ3 . TRP A 1 28  ? -1.525  16.533  -0.338  1.00 17.34  ? 28  TRP A CZ3 1 
ATOM   180  C  CH2 . TRP A 1 28  ? -2.029  15.671  0.630   1.00 16.24  ? 28  TRP A CH2 1 
ATOM   181  N  N   . ALA A 1 29  ? 5.291   18.633  -1.657  1.00 14.27  ? 29  ALA A N   1 
ATOM   182  C  CA  . ALA A 1 29  ? 5.907   19.681  -2.504  1.00 15.87  ? 29  ALA A CA  1 
ATOM   183  C  C   . ALA A 1 29  ? 6.194   19.123  -3.902  1.00 18.89  ? 29  ALA A C   1 
ATOM   184  O  O   . ALA A 1 29  ? 6.446   19.926  -4.827  1.00 20.19  ? 29  ALA A O   1 
ATOM   185  C  CB  . ALA A 1 29  ? 7.131   20.221  -1.815  1.00 15.07  ? 29  ALA A CB  1 
ATOM   186  N  N   . ASN A 1 30  ? 6.116   17.793  -4.075  1.00 20.48  ? 30  ASN A N   1 
ATOM   187  C  CA  . ASN A 1 30  ? 6.388   17.132  -5.383  1.00 21.34  ? 30  ASN A CA  1 
ATOM   188  C  C   . ASN A 1 30  ? 5.213   16.213  -5.741  1.00 20.79  ? 30  ASN A C   1 
ATOM   189  O  O   . ASN A 1 30  ? 5.410   15.111  -6.316  1.00 18.61  ? 30  ASN A O   1 
ATOM   190  C  CB  . ASN A 1 30  ? 7.738   16.418  -5.330  1.00 21.69  ? 30  ASN A CB  1 
ATOM   191  C  CG  . ASN A 1 30  ? 8.895   17.382  -5.163  1.00 25.48  ? 30  ASN A CG  1 
ATOM   192  O  OD1 . ASN A 1 30  ? 9.308   18.010  -6.135  1.00 28.40  ? 30  ASN A OD1 1 
ATOM   193  N  ND2 . ASN A 1 30  ? 9.420   17.506  -3.946  1.00 23.22  ? 30  ASN A ND2 1 
ATOM   194  N  N   . LEU A 1 31  ? 3.998   16.656  -5.443  1.00 23.21  ? 31  LEU A N   1 
ATOM   195  C  CA  . LEU A 1 31  ? 2.792   15.802  -5.513  1.00 21.71  ? 31  LEU A CA  1 
ATOM   196  C  C   . LEU A 1 31  ? 2.486   15.465  -6.972  1.00 23.84  ? 31  LEU A C   1 
ATOM   197  O  O   . LEU A 1 31  ? 2.744   16.305  -7.854  1.00 25.63  ? 31  LEU A O   1 
ATOM   198  C  CB  . LEU A 1 31  ? 1.615   16.543  -4.885  1.00 20.18  ? 31  LEU A CB  1 
ATOM   199  C  CG  . LEU A 1 31  ? 0.317   15.742  -4.839  1.00 18.06  ? 31  LEU A CG  1 
ATOM   200  C  CD1 . LEU A 1 31  ? 0.477   14.510  -3.983  1.00 19.13  ? 31  LEU A CD1 1 
ATOM   201  C  CD2 . LEU A 1 31  ? -0.829  16.570  -4.328  1.00 18.27  ? 31  LEU A CD2 1 
ATOM   202  N  N   . VAL A 1 32  ? 1.988   14.246  -7.218  1.00 24.83  ? 32  VAL A N   1 
ATOM   203  C  CA  . VAL A 1 32  ? 1.416   13.790  -8.515  1.00 24.32  ? 32  VAL A CA  1 
ATOM   204  C  C   . VAL A 1 32  ? -0.060  13.460  -8.304  1.00 24.55  ? 32  VAL A C   1 
ATOM   205  O  O   . VAL A 1 32  ? -0.941  13.875  -9.074  1.00 21.80  ? 32  VAL A O   1 
ATOM   206  C  CB  . VAL A 1 32  ? 2.216   12.570  -8.989  1.00 23.78  ? 32  VAL A CB  1 
ATOM   207  C  CG1 . VAL A 1 32  ? 1.565   11.910  -10.196 1.00 22.58  ? 32  VAL A CG1 1 
ATOM   208  C  CG2 . VAL A 1 32  ? 3.650   12.949  -9.254  1.00 24.49  ? 32  VAL A CG2 1 
ATOM   209  N  N   . TRP A 1 33  ? -0.342  12.713  -7.253  1.00 23.68  ? 33  TRP A N   1 
ATOM   210  C  CA  . TRP A 1 33  ? -1.692  12.160  -7.058  1.00 25.26  ? 33  TRP A CA  1 
ATOM   211  C  C   . TRP A 1 33  ? -1.806  11.736  -5.599  1.00 21.50  ? 33  TRP A C   1 
ATOM   212  O  O   . TRP A 1 33  ? -0.811  11.191  -5.059  1.00 22.13  ? 33  TRP A O   1 
ATOM   213  C  CB  . TRP A 1 33  ? -1.912  11.019  -8.062  1.00 27.17  ? 33  TRP A CB  1 
ATOM   214  C  CG  . TRP A 1 33  ? -3.166  10.240  -7.826  1.00 28.23  ? 33  TRP A CG  1 
ATOM   215  C  CD1 . TRP A 1 33  ? -4.411  10.529  -8.300  1.00 29.90  ? 33  TRP A CD1 1 
ATOM   216  C  CD2 . TRP A 1 33  ? -3.290  9.013   -7.084  1.00 27.94  ? 33  TRP A CD2 1 
ATOM   217  N  NE1 . TRP A 1 33  ? -5.309  9.584   -7.880  1.00 30.78  ? 33  TRP A NE1 1 
ATOM   218  C  CE2 . TRP A 1 33  ? -4.649  8.639   -7.138  1.00 29.28  ? 33  TRP A CE2 1 
ATOM   219  C  CE3 . TRP A 1 33  ? -2.401  8.212   -6.360  1.00 26.72  ? 33  TRP A CE3 1 
ATOM   220  C  CZ2 . TRP A 1 33  ? -5.136  7.504   -6.488  1.00 29.29  ? 33  TRP A CZ2 1 
ATOM   221  C  CZ3 . TRP A 1 33  ? -2.878  7.074   -5.738  1.00 25.06  ? 33  TRP A CZ3 1 
ATOM   222  C  CH2 . TRP A 1 33  ? -4.230  6.730   -5.799  1.00 29.07  ? 33  TRP A CH2 1 
ATOM   223  N  N   . GLU A 1 34  ? -2.928  12.055  -4.970  1.00 20.30  ? 34  GLU A N   1 
ATOM   224  C  CA  . GLU A 1 34  ? -3.247  11.561  -3.612  1.00 20.23  ? 34  GLU A CA  1 
ATOM   225  C  C   . GLU A 1 34  ? -4.754  11.294  -3.512  1.00 23.03  ? 34  GLU A C   1 
ATOM   226  O  O   . GLU A 1 34  ? -5.583  11.987  -4.178  1.00 24.37  ? 34  GLU A O   1 
ATOM   227  C  CB  . GLU A 1 34  ? -2.659  12.485  -2.540  1.00 22.12  ? 34  GLU A CB  1 
ATOM   228  C  CG  . GLU A 1 34  ? -3.211  13.906  -2.553  1.00 22.85  ? 34  GLU A CG  1 
ATOM   229  C  CD  . GLU A 1 34  ? -4.620  14.132  -2.016  1.00 22.57  ? 34  GLU A CD  1 
ATOM   230  O  OE1 . GLU A 1 34  ? -5.257  15.108  -2.483  1.00 24.89  ? 34  GLU A OE1 1 
ATOM   231  O  OE2 . GLU A 1 34  ? -5.094  13.380  -1.160  1.00 21.83  ? 34  GLU A OE2 1 
ATOM   232  N  N   . ASP A 1 35  ? -5.099  10.278  -2.730  1.00 20.65  ? 35  ASP A N   1 
ATOM   233  C  CA  . ASP A 1 35  ? -6.494  9.850   -2.462  1.00 21.02  ? 35  ASP A CA  1 
ATOM   234  C  C   . ASP A 1 35  ? -6.540  9.408   -1.009  1.00 21.50  ? 35  ASP A C   1 
ATOM   235  O  O   . ASP A 1 35  ? -5.941  8.361   -0.674  1.00 19.95  ? 35  ASP A O   1 
ATOM   236  C  CB  . ASP A 1 35  ? -6.915  8.782   -3.469  1.00 21.47  ? 35  ASP A CB  1 
ATOM   237  C  CG  . ASP A 1 35  ? -8.322  8.257   -3.283  1.00 22.84  ? 35  ASP A CG  1 
ATOM   238  O  OD1 . ASP A 1 35  ? -8.765  8.139   -2.104  1.00 28.00  ? 35  ASP A OD1 1 
ATOM   239  O  OD2 . ASP A 1 35  ? -8.944  7.930   -4.325  1.00 30.46  ? 35  ASP A OD2 1 
ATOM   240  N  N   A SER A 1 36  ? -7.195  10.200  -0.155  0.28 21.05  ? 36  SER A N   1 
ATOM   241  N  N   B SER A 1 36  ? -7.191  10.198  -0.146  0.32 21.60  ? 36  SER A N   1 
ATOM   242  C  CA  A SER A 1 36  ? -7.329  9.949   1.303   0.28 21.02  ? 36  SER A CA  1 
ATOM   243  C  CA  B SER A 1 36  ? -7.312  9.930   1.313   0.32 21.96  ? 36  SER A CA  1 
ATOM   244  C  C   A SER A 1 36  ? -8.135  8.669   1.554   0.28 21.49  ? 36  SER A C   1 
ATOM   245  C  C   B SER A 1 36  ? -8.127  8.654   1.549   0.32 21.98  ? 36  SER A C   1 
ATOM   246  O  O   A SER A 1 36  ? -7.802  7.948   2.505   0.28 20.89  ? 36  SER A O   1 
ATOM   247  O  O   B SER A 1 36  ? -7.786  7.915   2.483   0.32 21.22  ? 36  SER A O   1 
ATOM   248  C  CB  A SER A 1 36  ? -7.948  11.122  2.015   0.28 20.74  ? 36  SER A CB  1 
ATOM   249  C  CB  B SER A 1 36  ? -7.904  11.095  2.073   0.32 22.25  ? 36  SER A CB  1 
ATOM   250  O  OG  A SER A 1 36  ? -8.323  10.763  3.333   0.28 20.28  ? 36  SER A OG  1 
ATOM   251  O  OG  B SER A 1 36  ? -9.289  11.245  1.802   0.32 23.64  ? 36  SER A OG  1 
ATOM   252  N  N   . SER A 1 37  ? -9.162  8.414   0.737   1.00 22.30  ? 37  SER A N   1 
ATOM   253  C  CA  . SER A 1 37  ? -10.034 7.229   0.871   1.00 23.58  ? 37  SER A CA  1 
ATOM   254  C  C   . SER A 1 37  ? -9.209  5.953   0.673   1.00 25.86  ? 37  SER A C   1 
ATOM   255  O  O   . SER A 1 37  ? -9.638  4.962   1.250   1.00 25.31  ? 37  SER A O   1 
ATOM   256  C  CB  . SER A 1 37  ? -11.203 7.278   -0.072  1.00 25.18  ? 37  SER A CB  1 
ATOM   257  O  OG  . SER A 1 37  ? -10.811 7.162   -1.433  1.00 27.84  ? 37  SER A OG  1 
ATOM   258  N  N   . ARG A 1 38  ? -8.068  6.002   -0.047  1.00 20.84  ? 38  ARG A N   1 
ATOM   259  C  CA  . ARG A 1 38  ? -7.169  4.821   -0.274  1.00 20.29  ? 38  ARG A CA  1 
ATOM   260  C  C   . ARG A 1 38  ? -5.870  4.862   0.532   1.00 17.80  ? 38  ARG A C   1 
ATOM   261  O  O   . ARG A 1 38  ? -5.030  3.929   0.352   1.00 18.07  ? 38  ARG A O   1 
ATOM   262  C  CB  . ARG A 1 38  ? -6.690  4.763   -1.714  1.00 22.26  ? 38  ARG A CB  1 
ATOM   263  C  CG  . ARG A 1 38  ? -7.815  4.720   -2.729  1.00 22.82  ? 38  ARG A CG  1 
ATOM   264  C  CD  . ARG A 1 38  ? -7.262  4.806   -4.099  1.00 21.51  ? 38  ARG A CD  1 
ATOM   265  N  NE  . ARG A 1 38  ? -6.403  3.701   -4.487  1.00 20.51  ? 38  ARG A NE  1 
ATOM   266  C  CZ  . ARG A 1 38  ? -6.397  3.144   -5.695  1.00 21.12  ? 38  ARG A CZ  1 
ATOM   267  N  NH1 . ARG A 1 38  ? -7.218  3.587   -6.635  1.00 21.09  ? 38  ARG A NH1 1 
ATOM   268  N  NH2 . ARG A 1 38  ? -5.588  2.126   -5.950  1.00 22.11  ? 38  ARG A NH2 1 
ATOM   269  N  N   . ASP A 1 39  ? -5.686  5.919   1.329   1.00 18.11  ? 39  ASP A N   1 
ATOM   270  C  CA  . ASP A 1 39  ? -4.431  6.157   2.072   1.00 15.79  ? 39  ASP A CA  1 
ATOM   271  C  C   . ASP A 1 39  ? -3.227  6.065   1.133   1.00 14.91  ? 39  ASP A C   1 
ATOM   272  O  O   . ASP A 1 39  ? -2.220  5.531   1.577   1.00 14.34  ? 39  ASP A O   1 
ATOM   273  C  CB  . ASP A 1 39  ? -4.309  5.154   3.232   1.00 15.65  ? 39  ASP A CB  1 
ATOM   274  C  CG  . ASP A 1 39  ? -3.118  5.385   4.146   1.00 17.86  ? 39  ASP A CG  1 
ATOM   275  O  OD1 . ASP A 1 39  ? -2.708  6.567   4.331   1.00 14.07  ? 39  ASP A OD1 1 
ATOM   276  O  OD2 . ASP A 1 39  ? -2.549  4.388   4.591   1.00 16.28  ? 39  ASP A OD2 1 
ATOM   277  N  N   . LEU A 1 40  ? -3.292  6.586   -0.109  1.00 15.82  ? 40  LEU A N   1 
ATOM   278  C  CA  . LEU A 1 40  ? -2.123  6.578   -1.033  1.00 15.60  ? 40  LEU A CA  1 
ATOM   279  C  C   . LEU A 1 40  ? -1.732  8.019   -1.393  1.00 14.70  ? 40  LEU A C   1 
ATOM   280  O  O   . LEU A 1 40  ? -2.619  8.887   -1.606  1.00 14.96  ? 40  LEU A O   1 
ATOM   281  C  CB  . LEU A 1 40  ? -2.408  5.743   -2.285  1.00 15.07  ? 40  LEU A CB  1 
ATOM   282  C  CG  . LEU A 1 40  ? -2.406  4.225   -2.081  1.00 16.39  ? 40  LEU A CG  1 
ATOM   283  C  CD1 . LEU A 1 40  ? -2.717  3.543   -3.409  1.00 17.11  ? 40  LEU A CD1 1 
ATOM   284  C  CD2 . LEU A 1 40  ? -1.074  3.742   -1.526  1.00 17.46  ? 40  LEU A CD2 1 
ATOM   285  N  N   . LEU A 1 41  ? -0.420  8.224   -1.487  1.00 14.06  ? 41  LEU A N   1 
ATOM   286  C  CA  . LEU A 1 41  ? 0.159   9.427   -2.115  1.00 14.82  ? 41  LEU A CA  1 
ATOM   287  C  C   . LEU A 1 41  ? 1.318   9.031   -3.007  1.00 14.02  ? 41  LEU A C   1 
ATOM   288  O  O   . LEU A 1 41  ? 2.119   8.147   -2.675  1.00 14.79  ? 41  LEU A O   1 
ATOM   289  C  CB  . LEU A 1 41  ? 0.585   10.433  -1.050  1.00 14.64  ? 41  LEU A CB  1 
ATOM   290  C  CG  . LEU A 1 41  ? 1.043   11.795  -1.575  1.00 13.58  ? 41  LEU A CG  1 
ATOM   291  C  CD1 . LEU A 1 41  ? 0.609   12.916  -0.664  1.00 12.50  ? 41  LEU A CD1 1 
ATOM   292  C  CD2 . LEU A 1 41  ? 2.548   11.811  -1.796  1.00 13.28  ? 41  LEU A CD2 1 
ATOM   293  N  N   . VAL A 1 42  ? 1.390   9.709   -4.139  1.00 15.02  ? 42  VAL A N   1 
ATOM   294  C  CA  . VAL A 1 42  ? 2.469   9.498   -5.134  1.00 16.19  ? 42  VAL A CA  1 
ATOM   295  C  C   . VAL A 1 42  ? 3.145   10.848  -5.367  1.00 17.27  ? 42  VAL A C   1 
ATOM   296  O  O   . VAL A 1 42  ? 2.425   11.832  -5.622  1.00 17.85  ? 42  VAL A O   1 
ATOM   297  C  CB  . VAL A 1 42  ? 1.858   8.910   -6.411  1.00 16.26  ? 42  VAL A CB  1 
ATOM   298  C  CG1 . VAL A 1 42  ? 2.887   8.754   -7.504  1.00 18.42  ? 42  VAL A CG1 1 
ATOM   299  C  CG2 . VAL A 1 42  ? 1.192   7.573   -6.108  1.00 16.04  ? 42  VAL A CG2 1 
ATOM   300  N  N   . SER A 1 43  ? 4.448   10.888  -5.188  1.00 17.74  ? 43  SER A N   1 
ATOM   301  C  CA  . SER A 1 43  ? 5.321   12.052  -5.468  1.00 19.96  ? 43  SER A CA  1 
ATOM   302  C  C   . SER A 1 43  ? 6.306   11.734  -6.604  1.00 23.72  ? 43  SER A C   1 
ATOM   303  O  O   . SER A 1 43  ? 6.622   10.527  -6.888  1.00 22.18  ? 43  SER A O   1 
ATOM   304  C  CB  . SER A 1 43  ? 6.012   12.531  -4.194  1.00 18.20  ? 43  SER A CB  1 
ATOM   305  O  OG  . SER A 1 43  ? 6.845   11.545  -3.620  1.00 17.75  ? 43  SER A OG  1 
ATOM   306  N  N   . SER A 1 44  ? 6.793   12.815  -7.208  1.00 22.99  ? 44  SER A N   1 
ATOM   307  C  CA  . SER A 1 44  ? 7.786   12.834  -8.303  1.00 27.40  ? 44  SER A CA  1 
ATOM   308  C  C   . SER A 1 44  ? 9.152   12.454  -7.752  1.00 25.67  ? 44  SER A C   1 
ATOM   309  O  O   . SER A 1 44  ? 9.523   12.844  -6.598  1.00 25.73  ? 44  SER A O   1 
ATOM   310  C  CB  . SER A 1 44  ? 7.888   14.179  -8.905  1.00 30.22  ? 44  SER A CB  1 
ATOM   311  O  OG  . SER A 1 44  ? 8.592   15.003  -7.993  1.00 30.59  ? 44  SER A OG  1 
ATOM   312  N  N   . THR A 1 45  ? 9.938   11.786  -8.583  1.00 29.70  ? 45  THR A N   1 
ATOM   313  C  CA  . THR A 1 45  ? 11.325  11.434  -8.233  1.00 28.32  ? 45  THR A CA  1 
ATOM   314  C  C   . THR A 1 45  ? 12.237  12.037  -9.305  1.00 28.97  ? 45  THR A C   1 
ATOM   315  O  O   . THR A 1 45  ? 11.800  12.136  -10.492 1.00 33.02  ? 45  THR A O   1 
ATOM   316  C  CB  . THR A 1 45  ? 11.496  9.919   -8.116  1.00 29.34  ? 45  THR A CB  1 
ATOM   317  O  OG1 . THR A 1 45  ? 11.186  9.404   -9.408  1.00 28.75  ? 45  THR A OG1 1 
ATOM   318  C  CG2 . THR A 1 45  ? 10.607  9.275   -7.076  1.00 30.65  ? 45  THR A CG2 1 
ATOM   319  N  N   . THR A 1 46  ? 13.456  12.369  -8.893  1.00 32.60  ? 46  THR A N   1 
ATOM   320  C  CA  . THR A 1 46  ? 14.586  12.775  -9.765  1.00 34.79  ? 46  THR A CA  1 
ATOM   321  C  C   . THR A 1 46  ? 15.130  11.514  -10.454 1.00 34.96  ? 46  THR A C   1 
ATOM   322  O  O   . THR A 1 46  ? 15.313  11.527  -11.689 1.00 34.75  ? 46  THR A O   1 
ATOM   323  C  CB  . THR A 1 46  ? 15.653  13.562  -8.978  1.00 33.57  ? 46  THR A CB  1 
ATOM   324  O  OG1 . THR A 1 46  ? 16.245  12.772  -7.945  1.00 38.61  ? 46  THR A OG1 1 
ATOM   325  C  CG2 . THR A 1 46  ? 15.097  14.802  -8.309  1.00 35.43  ? 46  THR A CG2 1 
ATOM   326  N  N   . ALA A 1 47  ? 15.360  10.456  -9.670  0.50 33.59  ? 47  ALA A N   1 
ATOM   327  C  CA  . ALA A 1 47  ? 15.911  9.157   -10.122 0.50 31.12  ? 47  ALA A CA  1 
ATOM   328  C  C   . ALA A 1 47  ? 14.772  8.238   -10.581 0.50 28.86  ? 47  ALA A C   1 
ATOM   329  O  O   . ALA A 1 47  ? 13.761  8.138   -9.855  0.50 26.85  ? 47  ALA A O   1 
ATOM   330  C  CB  . ALA A 1 47  ? 16.710  8.531   -9.003  0.50 31.66  ? 47  ALA A CB  1 
ATOM   331  N  N   . GLN A 1 48  ? 14.933  7.618   -11.756 0.50 26.01  ? 48  GLN A N   1 
ATOM   332  C  CA  . GLN A 1 48  ? 14.075  6.519   -12.273 0.50 25.17  ? 48  GLN A CA  1 
ATOM   333  C  C   . GLN A 1 48  ? 13.992  5.414   -11.216 0.50 23.32  ? 48  GLN A C   1 
ATOM   334  O  O   . GLN A 1 48  ? 15.038  5.072   -10.648 0.50 23.09  ? 48  GLN A O   1 
ATOM   335  C  CB  . GLN A 1 48  ? 14.667  5.906   -13.545 0.50 25.76  ? 48  GLN A CB  1 
ATOM   336  C  CG  . GLN A 1 48  ? 14.143  6.513   -14.839 0.50 27.15  ? 48  GLN A CG  1 
ATOM   337  C  CD  . GLN A 1 48  ? 14.219  5.528   -15.981 0.50 27.62  ? 48  GLN A CD  1 
ATOM   338  O  OE1 . GLN A 1 48  ? 14.869  5.768   -16.998 0.50 28.51  ? 48  GLN A OE1 1 
ATOM   339  N  NE2 . GLN A 1 48  ? 13.555  4.393   -15.816 0.50 27.49  ? 48  GLN A NE2 1 
ATOM   340  N  N   . GLY A 1 49  ? 12.796  4.877   -10.976 0.50 21.56  ? 49  GLY A N   1 
ATOM   341  C  CA  . GLY A 1 49  ? 12.587  3.686   -10.137 0.50 19.84  ? 49  GLY A CA  1 
ATOM   342  C  C   . GLY A 1 49  ? 12.374  2.461   -11.006 0.50 18.74  ? 49  GLY A C   1 
ATOM   343  O  O   . GLY A 1 49  ? 11.967  2.637   -12.171 0.50 18.64  ? 49  GLY A O   1 
ATOM   344  N  N   . CYS A 1 50  ? 12.625  1.267   -10.475 0.50 18.10  ? 50  CYS A N   1 
ATOM   345  C  CA  . CYS A 1 50  ? 12.572  0.004   -11.257 0.50 18.25  ? 50  CYS A CA  1 
ATOM   346  C  C   . CYS A 1 50  ? 11.782  -1.060  -10.483 0.50 18.69  ? 50  CYS A C   1 
ATOM   347  O  O   . CYS A 1 50  ? 11.924  -2.251  -10.824 0.50 18.79  ? 50  CYS A O   1 
ATOM   348  C  CB  . CYS A 1 50  ? 13.982  -0.480  -11.595 0.50 18.13  ? 50  CYS A CB  1 
ATOM   349  S  SG  . CYS A 1 50  ? 14.972  0.706   -12.552 0.50 19.63  ? 50  CYS A SG  1 
ATOM   350  N  N   . ASP A 1 51  ? 10.960  -0.664  -9.503  0.50 19.44  ? 51  ASP A N   1 
ATOM   351  C  CA  . ASP A 1 51  ? 10.041  -1.609  -8.811  0.50 20.86  ? 51  ASP A CA  1 
ATOM   352  C  C   . ASP A 1 51  ? 8.953   -1.955  -9.822  0.50 22.42  ? 51  ASP A C   1 
ATOM   353  O  O   . ASP A 1 51  ? 8.438   -1.027  -10.479 0.50 23.15  ? 51  ASP A O   1 
ATOM   354  C  CB  . ASP A 1 51  ? 9.478   -1.061  -7.490  0.50 21.38  ? 51  ASP A CB  1 
ATOM   355  C  CG  . ASP A 1 51  ? 10.445  -1.170  -6.320  0.50 21.33  ? 51  ASP A CG  1 
ATOM   356  O  OD1 . ASP A 1 51  ? 11.625  -1.467  -6.577  0.50 21.53  ? 51  ASP A OD1 1 
ATOM   357  O  OD2 . ASP A 1 51  ? 10.016  -0.956  -5.151  0.50 22.06  ? 51  ASP A OD2 1 
ATOM   358  N  N   . THR A 1 52  ? 8.640   -3.239  -9.984  1.00 22.98  ? 52  THR A N   1 
ATOM   359  C  CA  . THR A 1 52  ? 7.626   -3.646  -10.983 1.00 24.29  ? 52  THR A CA  1 
ATOM   360  C  C   . THR A 1 52  ? 6.277   -3.715  -10.258 1.00 20.33  ? 52  THR A C   1 
ATOM   361  O  O   . THR A 1 52  ? 6.206   -4.402  -9.190  1.00 21.15  ? 52  THR A O   1 
ATOM   362  C  CB  . THR A 1 52  ? 8.040   -4.981  -11.609 1.00 27.46  ? 52  THR A CB  1 
ATOM   363  O  OG1 . THR A 1 52  ? 9.267   -4.696  -12.282 1.00 30.25  ? 52  THR A OG1 1 
ATOM   364  C  CG2 . THR A 1 52  ? 7.004   -5.538  -12.562 1.00 29.54  ? 52  THR A CG2 1 
ATOM   365  N  N   . ILE A 1 53  ? 5.257   -3.048  -10.791 1.00 21.30  ? 53  ILE A N   1 
ATOM   366  C  CA  . ILE A 1 53  ? 3.872   -3.139  -10.272 1.00 20.31  ? 53  ILE A CA  1 
ATOM   367  C  C   . ILE A 1 53  ? 3.209   -4.368  -10.887 1.00 19.14  ? 53  ILE A C   1 
ATOM   368  O  O   . ILE A 1 53  ? 3.244   -4.525  -12.113 1.00 20.75  ? 53  ILE A O   1 
ATOM   369  C  CB  . ILE A 1 53  ? 3.031   -1.878  -10.535 1.00 19.68  ? 53  ILE A CB  1 
ATOM   370  C  CG1 . ILE A 1 53  ? 3.760   -0.583  -10.136 1.00 20.82  ? 53  ILE A CG1 1 
ATOM   371  C  CG2 . ILE A 1 53  ? 1.673   -2.011  -9.868  1.00 20.02  ? 53  ILE A CG2 1 
ATOM   372  C  CD1 . ILE A 1 53  ? 4.317   -0.579  -8.746  1.00 20.50  ? 53  ILE A CD1 1 
ATOM   373  N  N   . ALA A 1 54  ? 2.641   -5.221  -10.050 1.00 17.85  ? 54  ALA A N   1 
ATOM   374  C  CA  . ALA A 1 54  ? 1.816   -6.367  -10.500 1.00 19.12  ? 54  ALA A CA  1 
ATOM   375  C  C   . ALA A 1 54  ? 0.639   -5.855  -11.336 1.00 15.86  ? 54  ALA A C   1 
ATOM   376  O  O   . ALA A 1 54  ? 0.000   -4.865  -10.927 1.00 17.08  ? 54  ALA A O   1 
ATOM   377  C  CB  . ALA A 1 54  ? 1.341   -7.100  -9.270  1.00 17.11  ? 54  ALA A CB  1 
ATOM   378  N  N   . ARG A 1 55  ? 0.309   -6.524  -12.446 1.00 15.96  ? 55  ARG A N   1 
ATOM   379  C  CA  . ARG A 1 55  ? -0.936  -6.229  -13.206 1.00 15.79  ? 55  ARG A CA  1 
ATOM   380  C  C   . ARG A 1 55  ? -1.658  -7.553  -13.367 1.00 17.04  ? 55  ARG A C   1 
ATOM   381  O  O   . ARG A 1 55  ? -1.274  -8.347  -14.187 1.00 16.60  ? 55  ARG A O   1 
ATOM   382  C  CB  . ARG A 1 55  ? -0.655  -5.540  -14.541 1.00 18.30  ? 55  ARG A CB  1 
ATOM   383  C  CG  . ARG A 1 55  ? 0.128   -4.229  -14.433 1.00 18.97  ? 55  ARG A CG  1 
ATOM   384  C  CD  . ARG A 1 55  ? -0.591  -3.094  -13.730 1.00 19.47  ? 55  ARG A CD  1 
ATOM   385  N  NE  . ARG A 1 55  ? 0.250   -1.896  -13.695 1.00 22.24  ? 55  ARG A NE  1 
ATOM   386  C  CZ  . ARG A 1 55  ? 0.105   -0.883  -12.846 1.00 20.68  ? 55  ARG A CZ  1 
ATOM   387  N  NH1 . ARG A 1 55  ? -0.865  -0.886  -11.955 1.00 20.46  ? 55  ARG A NH1 1 
ATOM   388  N  NH2 . ARG A 1 55  ? 0.914   0.162   -12.897 1.00 22.50  ? 55  ARG A NH2 1 
ATOM   389  N  N   . CYS A 1 56  ? -2.565  -7.820  -12.449 1.00 15.55  ? 56  CYS A N   1 
ATOM   390  C  CA  . CYS A 1 56  ? -3.069  -9.180  -12.211 1.00 17.13  ? 56  CYS A CA  1 
ATOM   391  C  C   . CYS A 1 56  ? -4.211  -9.154  -11.206 1.00 17.47  ? 56  CYS A C   1 
ATOM   392  O  O   . CYS A 1 56  ? -4.531  -8.088  -10.630 1.00 17.30  ? 56  CYS A O   1 
ATOM   393  C  CB  . CYS A 1 56  ? -1.951  -10.040 -11.655 1.00 15.13  ? 56  CYS A CB  1 
ATOM   394  S  SG  . CYS A 1 56  ? -1.531  -9.616  -9.934  1.00 16.42  ? 56  CYS A SG  1 
ATOM   395  N  N   A ASP A 1 57  ? -4.872  -10.292 -11.003 0.28 17.02  ? 57  ASP A N   1 
ATOM   396  N  N   B ASP A 1 57  ? -4.763  -10.350 -10.997 0.32 16.89  ? 57  ASP A N   1 
ATOM   397  C  CA  A ASP A 1 57  ? -5.910  -10.445 -9.950  0.28 17.09  ? 57  ASP A CA  1 
ATOM   398  C  CA  B ASP A 1 57  ? -5.936  -10.674 -10.151 0.32 16.93  ? 57  ASP A CA  1 
ATOM   399  C  C   A ASP A 1 57  ? -5.482  -11.567 -8.997  0.28 16.91  ? 57  ASP A C   1 
ATOM   400  C  C   B ASP A 1 57  ? -5.497  -11.529 -8.949  0.32 16.53  ? 57  ASP A C   1 
ATOM   401  O  O   A ASP A 1 57  ? -6.330  -12.345 -8.571  0.28 18.94  ? 57  ASP A O   1 
ATOM   402  O  O   B ASP A 1 57  ? -6.378  -12.064 -8.263  0.32 17.74  ? 57  ASP A O   1 
ATOM   403  C  CB  A ASP A 1 57  ? -7.302  -10.649 -10.556 0.28 17.06  ? 57  ASP A CB  1 
ATOM   404  C  CB  B ASP A 1 57  ? -6.968  -11.423 -11.004 0.32 16.57  ? 57  ASP A CB  1 
ATOM   405  C  CG  A ASP A 1 57  ? -7.497  -11.958 -11.302 0.28 17.49  ? 57  ASP A CG  1 
ATOM   406  C  CG  B ASP A 1 57  ? -8.382  -11.385 -10.452 0.32 17.17  ? 57  ASP A CG  1 
ATOM   407  O  OD1 A ASP A 1 57  ? -6.512  -12.687 -11.471 0.28 16.59  ? 57  ASP A OD1 1 
ATOM   408  O  OD1 B ASP A 1 57  ? -8.744  -10.335 -9.888  0.32 17.42  ? 57  ASP A OD1 1 
ATOM   409  O  OD2 A ASP A 1 57  ? -8.644  -12.228 -11.725 0.28 18.41  ? 57  ASP A OD2 1 
ATOM   410  O  OD2 B ASP A 1 57  ? -9.093  -12.425 -10.555 0.32 18.10  ? 57  ASP A OD2 1 
ATOM   411  N  N   . CYS A 1 58  ? -4.188  -11.635 -8.685  1.00 17.16  ? 58  CYS A N   1 
ATOM   412  C  CA  . CYS A 1 58  ? -3.652  -12.567 -7.646  1.00 15.49  ? 58  CYS A CA  1 
ATOM   413  C  C   . CYS A 1 58  ? -4.321  -12.278 -6.298  1.00 14.13  ? 58  CYS A C   1 
ATOM   414  O  O   . CYS A 1 58  ? -4.536  -11.071 -5.928  1.00 15.33  ? 58  CYS A O   1 
ATOM   415  C  CB  . CYS A 1 58  ? -2.137  -12.511 -7.444  1.00 15.11  ? 58  CYS A CB  1 
ATOM   416  S  SG  . CYS A 1 58  ? -1.197  -13.207 -8.829  1.00 15.35  ? 58  CYS A SG  1 
ATOM   417  N  N   . GLN A 1 59  ? -4.544  -13.354 -5.529  1.00 14.93  ? 59  GLN A N   1 
ATOM   418  C  CA  . GLN A 1 59  ? -4.995  -13.305 -4.133  1.00 14.90  ? 59  GLN A CA  1 
ATOM   419  C  C   . GLN A 1 59  ? -4.007  -14.111 -3.288  1.00 13.72  ? 59  GLN A C   1 
ATOM   420  O  O   . GLN A 1 59  ? -4.388  -14.391 -2.124  1.00 13.98  ? 59  GLN A O   1 
ATOM   421  C  CB  . GLN A 1 59  ? -6.437  -13.789 -3.990  1.00 15.72  ? 59  GLN A CB  1 
ATOM   422  C  CG  . GLN A 1 59  ? -7.454  -12.856 -4.585  1.00 17.82  ? 59  GLN A CG  1 
ATOM   423  C  CD  . GLN A 1 59  ? -8.847  -13.370 -4.301  1.00 18.07  ? 59  GLN A CD  1 
ATOM   424  O  OE1 . GLN A 1 59  ? -9.525  -13.849 -5.205  1.00 20.52  ? 59  GLN A OE1 1 
ATOM   425  N  NE2 . GLN A 1 59  ? -9.247  -13.316 -3.042  1.00 18.91  ? 59  GLN A NE2 1 
ATOM   426  N  N   . THR A 1 60  ? -2.812  -14.421 -3.808  1.00 11.95  ? 60  THR A N   1 
ATOM   427  C  CA  . THR A 1 60  ? -1.722  -14.975 -2.950  1.00 13.52  ? 60  THR A CA  1 
ATOM   428  C  C   . THR A 1 60  ? -0.436  -14.183 -3.172  1.00 11.85  ? 60  THR A C   1 
ATOM   429  O  O   . THR A 1 60  ? -0.168  -13.704 -4.256  1.00 13.82  ? 60  THR A O   1 
ATOM   430  C  CB  . THR A 1 60  ? -1.499  -16.468 -3.140  1.00 14.84  ? 60  THR A CB  1 
ATOM   431  O  OG1 . THR A 1 60  ? -1.014  -16.606 -4.472  1.00 18.72  ? 60  THR A OG1 1 
ATOM   432  C  CG2 . THR A 1 60  ? -2.751  -17.264 -2.867  1.00 15.48  ? 60  THR A CG2 1 
ATOM   433  N  N   . GLY A 1 61  ? 0.290   -13.971 -2.096  1.00 11.93  ? 61  GLY A N   1 
ATOM   434  C  CA  . GLY A 1 61  ? 1.545   -13.276 -2.172  1.00 9.88   ? 61  GLY A CA  1 
ATOM   435  C  C   . GLY A 1 61  ? 2.265   -13.321 -0.850  1.00 10.51  ? 61  GLY A C   1 
ATOM   436  O  O   . GLY A 1 61  ? 1.962   -14.171 0.002   1.00 11.33  ? 61  GLY A O   1 
ATOM   437  N  N   . VAL A 1 62  ? 3.204   -12.412 -0.704  1.00 9.91   ? 62  VAL A N   1 
ATOM   438  C  CA  . VAL A 1 62  ? 4.045   -12.341 0.511   1.00 10.62  ? 62  VAL A CA  1 
ATOM   439  C  C   . VAL A 1 62  ? 4.093   -10.885 0.935   1.00 10.46  ? 62  VAL A C   1 
ATOM   440  O  O   . VAL A 1 62  ? 4.369   -10.062 0.080   1.00 11.52  ? 62  VAL A O   1 
ATOM   441  C  CB  . VAL A 1 62  ? 5.439   -12.921 0.233   1.00 11.46  ? 62  VAL A CB  1 
ATOM   442  C  CG1 . VAL A 1 62  ? 6.383   -12.708 1.409   1.00 11.83  ? 62  VAL A CG1 1 
ATOM   443  C  CG2 . VAL A 1 62  ? 5.324   -14.356 -0.216  1.00 11.24  ? 62  VAL A CG2 1 
ATOM   444  N  N   . TYR A 1 63  ? 4.021   -10.575 2.219   1.00 11.91  ? 63  TYR A N   1 
ATOM   445  C  CA  . TYR A 1 63  ? 4.164   -9.193  2.708   1.00 10.63  ? 63  TYR A CA  1 
ATOM   446  C  C   . TYR A 1 63  ? 5.307   -9.109  3.711   1.00 11.59  ? 63  TYR A C   1 
ATOM   447  O  O   . TYR A 1 63  ? 5.557   -10.092 4.447   1.00 11.45  ? 63  TYR A O   1 
ATOM   448  C  CB  . TYR A 1 63  ? 2.856   -8.617  3.270   1.00 10.63  ? 63  TYR A CB  1 
ATOM   449  C  CG  . TYR A 1 63  ? 2.508   -9.004  4.692   1.00 10.78  ? 63  TYR A CG  1 
ATOM   450  C  CD1 . TYR A 1 63  ? 1.920   -10.216 4.988   1.00 12.06  ? 63  TYR A CD1 1 
ATOM   451  C  CD2 . TYR A 1 63  ? 2.617   -8.058  5.719   1.00 12.55  ? 63  TYR A CD2 1 
ATOM   452  C  CE1 . TYR A 1 63  ? 1.520   -10.519 6.279   1.00 13.54  ? 63  TYR A CE1 1 
ATOM   453  C  CE2 . TYR A 1 63  ? 2.271   -8.374  7.021   1.00 14.08  ? 63  TYR A CE2 1 
ATOM   454  C  CZ  . TYR A 1 63  ? 1.702   -9.598  7.310   1.00 12.62  ? 63  TYR A CZ  1 
ATOM   455  O  OH  . TYR A 1 63  ? 1.307   -9.873  8.610   1.00 16.16  ? 63  TYR A OH  1 
ATOM   456  N  N   . TYR A 1 64  ? 5.892   -7.915  3.800   1.00 11.79  ? 64  TYR A N   1 
ATOM   457  C  CA  . TYR A 1 64  ? 6.927   -7.601  4.800   1.00 12.30  ? 64  TYR A CA  1 
ATOM   458  C  C   . TYR A 1 64  ? 6.258   -6.984  6.019   1.00 11.94  ? 64  TYR A C   1 
ATOM   459  O  O   . TYR A 1 64  ? 5.550   -5.991  5.923   1.00 12.58  ? 64  TYR A O   1 
ATOM   460  C  CB  . TYR A 1 64  ? 8.021   -6.680  4.275   1.00 13.76  ? 64  TYR A CB  1 
ATOM   461  C  CG  . TYR A 1 64  ? 9.048   -6.438  5.353   1.00 15.56  ? 64  TYR A CG  1 
ATOM   462  C  CD1 . TYR A 1 64  ? 9.808   -7.481  5.863   1.00 17.59  ? 64  TYR A CD1 1 
ATOM   463  C  CD2 . TYR A 1 64  ? 9.199   -5.184  5.899   1.00 17.50  ? 64  TYR A CD2 1 
ATOM   464  C  CE1 . TYR A 1 64  ? 10.741  -7.243  6.867   1.00 18.66  ? 64  TYR A CE1 1 
ATOM   465  C  CE2 . TYR A 1 64  ? 10.119  -4.925  6.898   1.00 20.38  ? 64  TYR A CE2 1 
ATOM   466  C  CZ  . TYR A 1 64  ? 10.884  -5.966  7.386   1.00 21.46  ? 64  TYR A CZ  1 
ATOM   467  O  OH  . TYR A 1 64  ? 11.773  -5.747  8.403   1.00 21.45  ? 64  TYR A OH  1 
ATOM   468  N  N   . CYS A 1 65  ? 6.539   -7.571  7.177   1.00 13.90  ? 65  CYS A N   1 
ATOM   469  C  CA  . CYS A 1 65  ? 5.994   -7.137  8.490   1.00 14.21  ? 65  CYS A CA  1 
ATOM   470  C  C   . CYS A 1 65  ? 7.160   -6.624  9.358   1.00 16.80  ? 65  CYS A C   1 
ATOM   471  O  O   . CYS A 1 65  ? 7.850   -7.443  9.997   1.00 16.46  ? 65  CYS A O   1 
ATOM   472  C  CB  . CYS A 1 65  ? 5.239   -8.283  9.153   1.00 15.87  ? 65  CYS A CB  1 
ATOM   473  S  SG  . CYS A 1 65  ? 4.646   -7.881  10.812  1.00 16.73  ? 65  CYS A SG  1 
ATOM   474  N  N   . SER A 1 66  ? 7.358   -5.298  9.431   1.00 16.25  ? 66  SER A N   1 
ATOM   475  C  CA  . SER A 1 66  ? 8.487   -4.694  10.196  1.00 17.01  ? 66  SER A CA  1 
ATOM   476  C  C   . SER A 1 66  ? 8.403   -5.075  11.671  1.00 16.05  ? 66  SER A C   1 
ATOM   477  O  O   . SER A 1 66  ? 9.488   -5.299  12.240  1.00 18.93  ? 66  SER A O   1 
ATOM   478  C  CB  . SER A 1 66  ? 8.601   -3.186  10.030  1.00 16.51  ? 66  SER A CB  1 
ATOM   479  O  OG  . SER A 1 66  ? 7.527   -2.465  10.613  1.00 19.80  ? 66  SER A OG  1 
ATOM   480  N  N   . SER A 1 67  ? 7.212   -5.172  12.252  1.00 15.55  ? 67  SER A N   1 
ATOM   481  C  CA  . SER A 1 67  ? 7.008   -5.465  13.701  1.00 16.01  ? 67  SER A CA  1 
ATOM   482  C  C   . SER A 1 67  ? 7.329   -6.937  13.992  1.00 15.52  ? 67  SER A C   1 
ATOM   483  O  O   . SER A 1 67  ? 7.335   -7.321  15.229  1.00 16.62  ? 67  SER A O   1 
ATOM   484  C  CB  . SER A 1 67  ? 5.639   -5.071  14.171  1.00 17.29  ? 67  SER A CB  1 
ATOM   485  O  OG  . SER A 1 67  ? 4.608   -5.871  13.577  1.00 16.47  ? 67  SER A OG  1 
ATOM   486  N  N   . ARG A 1 68  ? 7.733   -7.730  12.990  1.00 16.04  ? 68  ARG A N   1 
ATOM   487  C  CA  . ARG A 1 68  ? 8.222   -9.131  13.188  1.00 17.49  ? 68  ARG A CA  1 
ATOM   488  C  C   . ARG A 1 68  ? 9.550   -9.331  12.475  1.00 15.69  ? 68  ARG A C   1 
ATOM   489  O  O   . ARG A 1 68  ? 10.051  -10.448 12.541  1.00 18.34  ? 68  ARG A O   1 
ATOM   490  C  CB  . ARG A 1 68  ? 7.177   -10.137 12.699  1.00 16.44  ? 68  ARG A CB  1 
ATOM   491  C  CG  . ARG A 1 68  ? 5.861   -10.108 13.453  1.00 16.16  ? 68  ARG A CG  1 
ATOM   492  C  CD  . ARG A 1 68  ? 6.016   -10.838 14.796  1.00 16.63  ? 68  ARG A CD  1 
ATOM   493  N  NE  . ARG A 1 68  ? 4.815   -10.815 15.581  1.00 18.88  ? 68  ARG A NE  1 
ATOM   494  C  CZ  . ARG A 1 68  ? 4.447   -9.813  16.370  1.00 18.28  ? 68  ARG A CZ  1 
ATOM   495  N  NH1 . ARG A 1 68  ? 5.234   -8.756  16.516  1.00 17.29  ? 68  ARG A NH1 1 
ATOM   496  N  NH2 . ARG A 1 68  ? 3.316   -9.900  17.058  1.00 19.54  ? 68  ARG A NH2 1 
ATOM   497  N  N   . ARG A 1 69  ? 10.016  -8.327  11.705  1.00 18.95  ? 69  ARG A N   1 
ATOM   498  C  CA  . ARG A 1 69  ? 11.201  -8.463  10.843  1.00 19.33  ? 69  ARG A CA  1 
ATOM   499  C  C   . ARG A 1 69  ? 11.066  -9.736  10.002  1.00 20.29  ? 69  ARG A C   1 
ATOM   500  O  O   . ARG A 1 69  ? 11.998  -10.524 10.010  1.00 20.27  ? 69  ARG A O   1 
ATOM   501  C  CB  . ARG A 1 69  ? 12.450  -8.585  11.722  1.00 19.99  ? 69  ARG A CB  1 
ATOM   502  C  CG  . ARG A 1 69  ? 12.869  -7.271  12.356  1.00 21.94  ? 69  ARG A CG  1 
ATOM   503  C  CD  . ARG A 1 69  ? 14.291  -7.331  12.880  1.00 21.04  ? 69  ARG A CD  1 
ATOM   504  N  NE  . ARG A 1 69  ? 14.681  -6.108  13.593  1.00 25.36  ? 69  ARG A NE  1 
ATOM   505  C  CZ  . ARG A 1 69  ? 14.754  -5.953  14.929  1.00 24.87  ? 69  ARG A CZ  1 
ATOM   506  N  NH1 . ARG A 1 69  ? 14.437  -6.946  15.756  1.00 28.22  ? 69  ARG A NH1 1 
ATOM   507  N  NH2 . ARG A 1 69  ? 15.138  -4.786  15.439  1.00 24.13  ? 69  ARG A NH2 1 
ATOM   508  N  N   . LYS A 1 70  ? 9.926   -9.927  9.348   1.00 20.30  ? 70  LYS A N   1 
ATOM   509  C  CA  . LYS A 1 70  ? 9.607   -11.225 8.704   1.00 20.79  ? 70  LYS A CA  1 
ATOM   510  C  C   . LYS A 1 70  ? 8.725   -10.945 7.497   1.00 16.46  ? 70  LYS A C   1 
ATOM   511  O  O   . LYS A 1 70  ? 7.896   -10.024 7.576   1.00 19.10  ? 70  LYS A O   1 
ATOM   512  C  CB  . LYS A 1 70  ? 8.925   -12.202 9.671   1.00 22.00  ? 70  LYS A CB  1 
ATOM   513  C  CG  . LYS A 1 70  ? 9.911   -13.037 10.490  1.00 25.76  ? 70  LYS A CG  1 
ATOM   514  C  CD  . LYS A 1 70  ? 9.290   -14.257 11.105  1.00 29.59  ? 70  LYS A CD  1 
ATOM   515  C  CE  . LYS A 1 70  ? 10.186  -15.000 12.069  1.00 33.05  ? 70  LYS A CE  1 
ATOM   516  N  NZ  . LYS A 1 70  ? 10.712  -14.117 13.135  1.00 37.11  ? 70  LYS A NZ  1 
ATOM   517  N  N   . HIS A 1 71  ? 8.968   -11.688 6.423   1.00 16.72  ? 71  HIS A N   1 
ATOM   518  C  CA  . HIS A 1 71  ? 8.045   -11.780 5.268   1.00 16.16  ? 71  HIS A CA  1 
ATOM   519  C  C   . HIS A 1 71  ? 7.117   -12.976 5.465   1.00 17.79  ? 71  HIS A C   1 
ATOM   520  O  O   . HIS A 1 71  ? 7.634   -14.083 5.752   1.00 18.46  ? 71  HIS A O   1 
ATOM   521  C  CB  . HIS A 1 71  ? 8.800   -11.899 3.967   1.00 16.01  ? 71  HIS A CB  1 
ATOM   522  C  CG  . HIS A 1 71  ? 9.590   -10.681 3.618   1.00 15.72  ? 71  HIS A CG  1 
ATOM   523  N  ND1 . HIS A 1 71  ? 9.204   -9.774  2.620   1.00 16.75  ? 71  HIS A ND1 1 
ATOM   524  C  CD2 . HIS A 1 71  ? 10.801  -10.287 4.040   1.00 17.97  ? 71  HIS A CD2 1 
ATOM   525  C  CE1 . HIS A 1 71  ? 10.129  -8.853  2.527   1.00 16.35  ? 71  HIS A CE1 1 
ATOM   526  N  NE2 . HIS A 1 71  ? 11.121  -9.159  3.351   1.00 20.53  ? 71  HIS A NE2 1 
ATOM   527  N  N   . TYR A 1 72  ? 5.793   -12.766 5.348   1.00 13.48  ? 72  TYR A N   1 
ATOM   528  C  CA  . TYR A 1 72  ? 4.781   -13.839 5.537   1.00 12.85  ? 72  TYR A CA  1 
ATOM   529  C  C   . TYR A 1 72  ? 4.002   -14.082 4.253   1.00 12.95  ? 72  TYR A C   1 
ATOM   530  O  O   . TYR A 1 72  ? 3.516   -13.160 3.665   1.00 13.87  ? 72  TYR A O   1 
ATOM   531  C  CB  . TYR A 1 72  ? 3.743   -13.492 6.600   1.00 13.75  ? 72  TYR A CB  1 
ATOM   532  C  CG  . TYR A 1 72  ? 4.296   -13.315 7.991   1.00 15.74  ? 72  TYR A CG  1 
ATOM   533  C  CD1 . TYR A 1 72  ? 4.556   -14.445 8.748   1.00 15.42  ? 72  TYR A CD1 1 
ATOM   534  C  CD2 . TYR A 1 72  ? 4.445   -12.071 8.578   1.00 16.30  ? 72  TYR A CD2 1 
ATOM   535  C  CE1 . TYR A 1 72  ? 4.988   -14.351 10.058  1.00 17.82  ? 72  TYR A CE1 1 
ATOM   536  C  CE2 . TYR A 1 72  ? 4.897   -11.969 9.887   1.00 16.29  ? 72  TYR A CE2 1 
ATOM   537  C  CZ  . TYR A 1 72  ? 5.172   -13.106 10.614  1.00 17.83  ? 72  TYR A CZ  1 
ATOM   538  O  OH  . TYR A 1 72  ? 5.588   -12.975 11.915  1.00 19.01  ? 72  TYR A OH  1 
ATOM   539  N  N   . PRO A 1 73  ? 3.842   -15.357 3.858   1.00 12.90  ? 73  PRO A N   1 
ATOM   540  C  CA  . PRO A 1 73  ? 2.961   -15.710 2.768   1.00 13.57  ? 73  PRO A CA  1 
ATOM   541  C  C   . PRO A 1 73  ? 1.524   -15.597 3.255   1.00 13.59  ? 73  PRO A C   1 
ATOM   542  O  O   . PRO A 1 73  ? 1.162   -16.199 4.260   1.00 14.82  ? 73  PRO A O   1 
ATOM   543  C  CB  . PRO A 1 73  ? 3.334   -17.186 2.439   1.00 13.13  ? 73  PRO A CB  1 
ATOM   544  C  CG  . PRO A 1 73  ? 3.948   -17.726 3.695   1.00 14.80  ? 73  PRO A CG  1 
ATOM   545  C  CD  . PRO A 1 73  ? 4.498   -16.536 4.443   1.00 14.17  ? 73  PRO A CD  1 
ATOM   546  N  N   . VAL A 1 74  ? 0.690   -14.971 2.434   1.00 12.66  ? 74  VAL A N   1 
ATOM   547  C  CA  . VAL A 1 74  ? -0.739  -14.756 2.744   1.00 12.39  ? 74  VAL A CA  1 
ATOM   548  C  C   . VAL A 1 74  ? -1.602  -14.983 1.518   1.00 13.59  ? 74  VAL A C   1 
ATOM   549  O  O   . VAL A 1 74  ? -1.211  -14.677 0.376   1.00 12.53  ? 74  VAL A O   1 
ATOM   550  C  CB  . VAL A 1 74  ? -1.001  -13.355 3.313   1.00 15.19  ? 74  VAL A CB  1 
ATOM   551  C  CG1 . VAL A 1 74  ? -0.492  -13.245 4.739   1.00 15.27  ? 74  VAL A CG1 1 
ATOM   552  C  CG2 . VAL A 1 74  ? -0.460  -12.269 2.423   1.00 15.34  ? 74  VAL A CG2 1 
ATOM   553  N  N   . SER A 1 75  ? -2.831  -15.381 1.811   1.00 13.71  ? 75  SER A N   1 
ATOM   554  C  CA  . SER A 1 75  ? -4.012  -15.170 0.938   1.00 14.72  ? 75  SER A CA  1 
ATOM   555  C  C   . SER A 1 75  ? -4.691  -13.832 1.295   1.00 13.79  ? 75  SER A C   1 
ATOM   556  O  O   . SER A 1 75  ? -4.730  -13.453 2.456   1.00 13.60  ? 75  SER A O   1 
ATOM   557  C  CB  . SER A 1 75  ? -4.979  -16.271 1.106   1.00 17.68  ? 75  SER A CB  1 
ATOM   558  O  OG  . SER A 1 75  ? -4.403  -17.512 0.797   1.00 22.03  ? 75  SER A OG  1 
ATOM   559  N  N   . PHE A 1 76  ? -5.137  -13.096 0.298   1.00 13.54  ? 76  PHE A N   1 
ATOM   560  C  CA  . PHE A 1 76  ? -5.786  -11.787 0.551   1.00 14.01  ? 76  PHE A CA  1 
ATOM   561  C  C   . PHE A 1 76  ? -6.986  -11.619 -0.371  1.00 14.53  ? 76  PHE A C   1 
ATOM   562  O  O   . PHE A 1 76  ? -7.034  -12.201 -1.481  1.00 17.07  ? 76  PHE A O   1 
ATOM   563  C  CB  . PHE A 1 76  ? -4.786  -10.627 0.432   1.00 14.86  ? 76  PHE A CB  1 
ATOM   564  C  CG  . PHE A 1 76  ? -4.032  -10.569 -0.869  1.00 12.72  ? 76  PHE A CG  1 
ATOM   565  C  CD1 . PHE A 1 76  ? -2.829  -11.246 -1.039  1.00 13.83  ? 76  PHE A CD1 1 
ATOM   566  C  CD2 . PHE A 1 76  ? -4.562  -9.869  -1.953  1.00 13.78  ? 76  PHE A CD2 1 
ATOM   567  C  CE1 . PHE A 1 76  ? -2.142  -11.203 -2.239  1.00 13.16  ? 76  PHE A CE1 1 
ATOM   568  C  CE2 . PHE A 1 76  ? -3.860  -9.808  -3.147  1.00 13.54  ? 76  PHE A CE2 1 
ATOM   569  C  CZ  . PHE A 1 76  ? -2.662  -10.468 -3.289  1.00 13.47  ? 76  PHE A CZ  1 
ATOM   570  N  N   . SER A 1 77  ? -7.936  -10.801 0.089   1.00 14.93  ? 77  SER A N   1 
ATOM   571  C  CA  . SER A 1 77  ? -9.164  -10.480 -0.685  1.00 18.06  ? 77  SER A CA  1 
ATOM   572  C  C   . SER A 1 77  ? -8.830  -9.525  -1.837  1.00 16.99  ? 77  SER A C   1 
ATOM   573  O  O   . SER A 1 77  ? -7.842  -8.892  -1.786  1.00 18.04  ? 77  SER A O   1 
ATOM   574  C  CB  . SER A 1 77  ? -10.199 -9.912  0.211   1.00 17.62  ? 77  SER A CB  1 
ATOM   575  O  OG  . SER A 1 77  ? -9.772  -8.723  0.845   1.00 18.50  ? 77  SER A OG  1 
ATOM   576  N  N   . LYS A 1 78  ? -9.681  -9.470  -2.867  0.60 18.07  ? 78  LYS A N   1 
ATOM   577  C  CA  . LYS A 1 78  ? -9.567  -8.485  -3.982  0.60 19.17  ? 78  LYS A CA  1 
ATOM   578  C  C   . LYS A 1 78  ? -9.867  -7.090  -3.424  0.60 19.01  ? 78  LYS A C   1 
ATOM   579  O  O   . LYS A 1 78  ? -10.587 -6.949  -2.438  0.60 19.43  ? 78  LYS A O   1 
ATOM   580  C  CB  . LYS A 1 78  ? -10.468 -8.914  -5.148  0.60 20.13  ? 78  LYS A CB  1 
ATOM   581  C  CG  . LYS A 1 78  ? -10.145 -10.284 -5.736  0.60 20.68  ? 78  LYS A CG  1 
ATOM   582  C  CD  . LYS A 1 78  ? -10.802 -10.595 -7.069  0.60 21.34  ? 78  LYS A CD  1 
ATOM   583  C  CE  . LYS A 1 78  ? -10.162 -11.780 -7.764  0.60 22.70  ? 78  LYS A CE  1 
ATOM   584  N  NZ  . LYS A 1 78  ? -11.014 -12.317 -8.852  0.60 23.40  ? 78  LYS A NZ  1 
ATOM   585  N  N   . PRO A 1 79  ? -9.283  -6.011  -4.005  1.00 18.57  ? 79  PRO A N   1 
ATOM   586  C  CA  . PRO A 1 79  ? -9.470  -4.645  -3.469  1.00 19.12  ? 79  PRO A CA  1 
ATOM   587  C  C   . PRO A 1 79  ? -10.963 -4.264  -3.394  1.00 18.58  ? 79  PRO A C   1 
ATOM   588  O  O   . PRO A 1 79  ? -11.683 -4.521  -4.344  1.00 22.89  ? 79  PRO A O   1 
ATOM   589  C  CB  . PRO A 1 79  ? -8.716  -3.729  -4.448  1.00 19.20  ? 79  PRO A CB  1 
ATOM   590  C  CG  . PRO A 1 79  ? -7.843  -4.683  -5.254  1.00 17.53  ? 79  PRO A CG  1 
ATOM   591  C  CD  . PRO A 1 79  ? -8.438  -6.076  -5.169  1.00 17.52  ? 79  PRO A CD  1 
ATOM   592  N  N   . SER A 1 80  ? -11.377 -3.675  -2.270  0.60 19.79  ? 80  SER A N   1 
ATOM   593  C  CA  . SER A 1 80  ? -12.798 -3.386  -1.943  0.60 21.33  ? 80  SER A CA  1 
ATOM   594  C  C   . SER A 1 80  ? -12.931 -2.203  -0.977  0.60 21.52  ? 80  SER A C   1 
ATOM   595  O  O   . SER A 1 80  ? -11.913 -1.772  -0.388  0.60 20.10  ? 80  SER A O   1 
ATOM   596  C  CB  . SER A 1 80  ? -13.452 -4.621  -1.378  0.60 21.17  ? 80  SER A CB  1 
ATOM   597  O  OG  . SER A 1 80  ? -13.246 -5.732  -2.240  0.60 22.85  ? 80  SER A OG  1 
ATOM   598  N  N   . LEU A 1 81  ? -14.165 -1.713  -0.816  1.00 20.54  ? 81  LEU A N   1 
ATOM   599  C  CA  . LEU A 1 81  ? -14.503 -0.621  0.114   1.00 24.25  ? 81  LEU A CA  1 
ATOM   600  C  C   . LEU A 1 81  ? -14.836 -1.290  1.441   1.00 25.77  ? 81  LEU A C   1 
ATOM   601  O  O   . LEU A 1 81  ? -15.898 -1.967  1.546   1.00 25.59  ? 81  LEU A O   1 
ATOM   602  C  CB  . LEU A 1 81  ? -15.699 0.117   -0.480  1.00 23.39  ? 81  LEU A CB  1 
ATOM   603  C  CG  . LEU A 1 81  ? -15.992 1.469   0.140   1.00 26.11  ? 81  LEU A CG  1 
ATOM   604  C  CD1 . LEU A 1 81  ? -14.925 2.470   -0.271  1.00 24.73  ? 81  LEU A CD1 1 
ATOM   605  C  CD2 . LEU A 1 81  ? -17.374 1.925   -0.286  1.00 27.63  ? 81  LEU A CD2 1 
ATOM   606  N  N   . ILE A 1 82  ? -13.969 -1.104  2.439   0.60 24.79  ? 82  ILE A N   1 
ATOM   607  C  CA  . ILE A 1 82  ? -14.025 -1.826  3.743   0.60 25.68  ? 82  ILE A CA  1 
ATOM   608  C  C   . ILE A 1 82  ? -14.100 -0.806  4.879   0.60 25.96  ? 82  ILE A C   1 
ATOM   609  O  O   . ILE A 1 82  ? -13.316 0.161   4.856   0.60 23.85  ? 82  ILE A O   1 
ATOM   610  C  CB  . ILE A 1 82  ? -12.805 -2.753  3.908   0.60 26.73  ? 82  ILE A CB  1 
ATOM   611  C  CG1 . ILE A 1 82  ? -12.575 -3.633  2.675   0.60 27.15  ? 82  ILE A CG1 1 
ATOM   612  C  CG2 . ILE A 1 82  ? -12.935 -3.573  5.180   0.60 27.91  ? 82  ILE A CG2 1 
ATOM   613  C  CD1 . ILE A 1 82  ? -13.673 -4.639  2.409   0.60 28.01  ? 82  ILE A CD1 1 
ATOM   614  N  N   . PHE A 1 83  ? -14.978 -1.055  5.851   1.00 24.19  ? 83  PHE A N   1 
ATOM   615  C  CA  . PHE A 1 83  ? -15.073 -0.248  7.079   1.00 27.20  ? 83  PHE A CA  1 
ATOM   616  C  C   . PHE A 1 83  ? -13.841 -0.604  7.906   1.00 26.70  ? 83  PHE A C   1 
ATOM   617  O  O   . PHE A 1 83  ? -13.564 -1.800  8.132   1.00 27.89  ? 83  PHE A O   1 
ATOM   618  C  CB  . PHE A 1 83  ? -16.363 -0.468  7.872   1.00 26.56  ? 83  PHE A CB  1 
ATOM   619  C  CG  . PHE A 1 83  ? -16.523 0.598   8.919   1.00 26.48  ? 83  PHE A CG  1 
ATOM   620  C  CD1 . PHE A 1 83  ? -16.990 1.854   8.569   1.00 29.08  ? 83  PHE A CD1 1 
ATOM   621  C  CD2 . PHE A 1 83  ? -16.102 0.378   10.216  1.00 28.05  ? 83  PHE A CD2 1 
ATOM   622  C  CE1 . PHE A 1 83  ? -17.102 2.856   9.520   1.00 30.46  ? 83  PHE A CE1 1 
ATOM   623  C  CE2 . PHE A 1 83  ? -16.215 1.378   11.169  1.00 31.42  ? 83  PHE A CE2 1 
ATOM   624  C  CZ  . PHE A 1 83  ? -16.700 2.616   10.811  1.00 29.74  ? 83  PHE A CZ  1 
ATOM   625  N  N   . VAL A 1 84  ? -13.068 0.414   8.264   1.00 26.06  ? 84  VAL A N   1 
ATOM   626  C  CA  . VAL A 1 84  ? -11.828 0.264   9.065   1.00 26.34  ? 84  VAL A CA  1 
ATOM   627  C  C   . VAL A 1 84  ? -12.084 1.022   10.352  1.00 27.47  ? 84  VAL A C   1 
ATOM   628  O  O   . VAL A 1 84  ? -12.567 2.169   10.273  1.00 27.84  ? 84  VAL A O   1 
ATOM   629  C  CB  . VAL A 1 84  ? -10.608 0.850   8.327   1.00 25.48  ? 84  VAL A CB  1 
ATOM   630  C  CG1 . VAL A 1 84  ? -9.327  0.592   9.099   1.00 23.93  ? 84  VAL A CG1 1 
ATOM   631  C  CG2 . VAL A 1 84  ? -10.514 0.342   6.892   1.00 25.49  ? 84  VAL A CG2 1 
ATOM   632  N  N   . GLU A 1 85  ? -11.878 0.379   11.500  0.60 27.21  ? 85  GLU A N   1 
ATOM   633  C  CA  . GLU A 1 85  ? -12.052 1.025   12.823  0.60 27.58  ? 85  GLU A CA  1 
ATOM   634  C  C   . GLU A 1 85  ? -11.293 2.352   12.778  0.60 26.94  ? 85  GLU A C   1 
ATOM   635  O  O   . GLU A 1 85  ? -10.325 2.444   11.985  0.60 25.70  ? 85  GLU A O   1 
ATOM   636  C  CB  . GLU A 1 85  ? -11.559 0.106   13.945  0.60 28.39  ? 85  GLU A CB  1 
ATOM   637  C  CG  . GLU A 1 85  ? -12.500 -1.054  14.228  0.60 29.30  ? 85  GLU A CG  1 
ATOM   638  C  CD  . GLU A 1 85  ? -13.934 -0.633  14.506  0.60 28.90  ? 85  GLU A CD  1 
ATOM   639  O  OE1 . GLU A 1 85  ? -14.126 0.337   15.266  0.60 29.53  ? 85  GLU A OE1 1 
ATOM   640  O  OE2 . GLU A 1 85  ? -14.852 -1.249  13.929  0.60 29.45  ? 85  GLU A OE2 1 
ATOM   641  N  N   . ALA A 1 86  ? -11.726 3.348   13.557  0.60 27.08  ? 86  ALA A N   1 
ATOM   642  C  CA  . ALA A 1 86  ? -10.987 4.616   13.739  0.60 26.81  ? 86  ALA A CA  1 
ATOM   643  C  C   . ALA A 1 86  ? -9.525  4.280   14.058  0.60 25.84  ? 86  ALA A C   1 
ATOM   644  O  O   . ALA A 1 86  ? -9.269  3.338   14.848  0.60 23.74  ? 86  ALA A O   1 
ATOM   645  C  CB  . ALA A 1 86  ? -11.618 5.458   14.819  0.60 27.23  ? 86  ALA A CB  1 
ATOM   646  N  N   . SER A 1 87  ? -8.603  5.005   13.430  0.60 24.91  ? 87  SER A N   1 
ATOM   647  C  CA  . SER A 1 87  ? -7.137  4.849   13.582  0.60 23.72  ? 87  SER A CA  1 
ATOM   648  C  C   . SER A 1 87  ? -6.538  6.221   13.901  0.60 22.86  ? 87  SER A C   1 
ATOM   649  O  O   . SER A 1 87  ? -7.279  7.216   13.814  0.60 23.00  ? 87  SER A O   1 
ATOM   650  C  CB  . SER A 1 87  ? -6.546  4.241   12.336  0.60 23.24  ? 87  SER A CB  1 
ATOM   651  O  OG  . SER A 1 87  ? -6.902  4.998   11.185  0.60 22.64  ? 87  SER A OG  1 
ATOM   652  N  N   . GLU A 1 88  ? -5.263  6.274   14.284  0.60 23.46  ? 88  GLU A N   1 
ATOM   653  C  CA  . GLU A 1 88  ? -4.507  7.548   14.372  0.60 23.90  ? 88  GLU A CA  1 
ATOM   654  C  C   . GLU A 1 88  ? -4.100  7.932   12.945  0.60 24.74  ? 88  GLU A C   1 
ATOM   655  O  O   . GLU A 1 88  ? -3.042  7.453   12.516  0.60 27.03  ? 88  GLU A O   1 
ATOM   656  C  CB  . GLU A 1 88  ? -3.291  7.414   15.295  0.60 24.59  ? 88  GLU A CB  1 
ATOM   657  C  CG  . GLU A 1 88  ? -2.571  8.731   15.551  0.60 25.62  ? 88  GLU A CG  1 
ATOM   658  C  CD  . GLU A 1 88  ? -1.091  8.619   15.885  0.60 26.72  ? 88  GLU A CD  1 
ATOM   659  O  OE1 . GLU A 1 88  ? -0.482  9.652   16.268  0.60 26.85  ? 88  GLU A OE1 1 
ATOM   660  O  OE2 . GLU A 1 88  ? -0.548  7.506   15.773  0.60 27.09  ? 88  GLU A OE2 1 
ATOM   661  N  N   . TYR A 1 89  ? -4.979  8.659   12.244  0.60 23.35  ? 89  TYR A N   1 
ATOM   662  C  CA  . TYR A 1 89  ? -4.767  9.471   11.007  0.60 21.00  ? 89  TYR A CA  1 
ATOM   663  C  C   . TYR A 1 89  ? -6.034  9.463   10.140  0.60 19.82  ? 89  TYR A C   1 
ATOM   664  O  O   . TYR A 1 89  ? -6.181  10.367  9.293   0.60 20.73  ? 89  TYR A O   1 
ATOM   665  C  CB  . TYR A 1 89  ? -3.561  9.030   10.168  0.60 19.80  ? 89  TYR A CB  1 
ATOM   666  C  CG  . TYR A 1 89  ? -2.223  9.334   10.795  0.60 20.08  ? 89  TYR A CG  1 
ATOM   667  C  CD1 . TYR A 1 89  ? -1.390  8.311   11.214  0.60 20.25  ? 89  TYR A CD1 1 
ATOM   668  C  CD2 . TYR A 1 89  ? -1.792  10.636  11.003  0.60 19.45  ? 89  TYR A CD2 1 
ATOM   669  C  CE1 . TYR A 1 89  ? -0.167  8.566   11.809  0.60 19.84  ? 89  TYR A CE1 1 
ATOM   670  C  CE2 . TYR A 1 89  ? -0.569  10.912  11.597  0.60 19.78  ? 89  TYR A CE2 1 
ATOM   671  C  CZ  . TYR A 1 89  ? 0.246   9.870   12.005  0.60 20.21  ? 89  TYR A CZ  1 
ATOM   672  O  OH  . TYR A 1 89  ? 1.455   10.100  12.595  0.60 20.73  ? 89  TYR A OH  1 
ATOM   673  N  N   . TYR A 1 90  ? -6.913  8.476   10.318  0.60 19.41  ? 90  TYR A N   1 
ATOM   674  C  CA  . TYR A 1 90  ? -8.246  8.428   9.663   0.60 19.32  ? 90  TYR A CA  1 
ATOM   675  C  C   . TYR A 1 90  ? -9.327  8.135   10.692  0.60 20.80  ? 90  TYR A C   1 
ATOM   676  O  O   . TYR A 1 90  ? -9.143  7.289   11.561  0.60 19.66  ? 90  TYR A O   1 
ATOM   677  C  CB  . TYR A 1 90  ? -8.260  7.376   8.556   0.60 18.62  ? 90  TYR A CB  1 
ATOM   678  C  CG  . TYR A 1 90  ? -7.295  7.680   7.443   0.60 17.50  ? 90  TYR A CG  1 
ATOM   679  C  CD1 . TYR A 1 90  ? -7.488  8.766   6.599   0.60 17.82  ? 90  TYR A CD1 1 
ATOM   680  C  CD2 . TYR A 1 90  ? -6.168  6.901   7.255   0.60 16.79  ? 90  TYR A CD2 1 
ATOM   681  C  CE1 . TYR A 1 90  ? -6.591  9.052   5.583   0.60 16.21  ? 90  TYR A CE1 1 
ATOM   682  C  CE2 . TYR A 1 90  ? -5.261  7.178   6.251   0.60 16.04  ? 90  TYR A CE2 1 
ATOM   683  C  CZ  . TYR A 1 90  ? -5.476  8.251   5.407   0.60 16.53  ? 90  TYR A CZ  1 
ATOM   684  O  OH  . TYR A 1 90  ? -4.574  8.520   4.423   0.60 15.16  ? 90  TYR A OH  1 
ATOM   685  N  N   . PRO A 1 91  ? -10.502 8.796   10.605  0.60 22.32  ? 91  PRO A N   1 
ATOM   686  C  CA  . PRO A 1 91  ? -11.641 8.416   11.436  0.60 23.68  ? 91  PRO A CA  1 
ATOM   687  C  C   . PRO A 1 91  ? -12.103 7.015   11.014  0.60 23.37  ? 91  PRO A C   1 
ATOM   688  O  O   . PRO A 1 91  ? -11.587 6.494   10.034  0.60 24.51  ? 91  PRO A O   1 
ATOM   689  C  CB  . PRO A 1 91  ? -12.703 9.492   11.152  0.60 23.78  ? 91  PRO A CB  1 
ATOM   690  C  CG  . PRO A 1 91  ? -11.940 10.620  10.480  0.60 24.32  ? 91  PRO A CG  1 
ATOM   691  C  CD  . PRO A 1 91  ? -10.802 9.947   9.737   0.60 23.89  ? 91  PRO A CD  1 
ATOM   692  N  N   . ALA A 1 92  ? -13.019 6.423   11.775  0.60 23.13  ? 92  ALA A N   1 
ATOM   693  C  CA  . ALA A 1 92  ? -13.757 5.207   11.372  0.60 23.78  ? 92  ALA A CA  1 
ATOM   694  C  C   . ALA A 1 92  ? -14.462 5.541   10.054  0.60 23.78  ? 92  ALA A C   1 
ATOM   695  O  O   . ALA A 1 92  ? -15.112 6.606   9.996   0.60 23.96  ? 92  ALA A O   1 
ATOM   696  C  CB  . ALA A 1 92  ? -14.718 4.794   12.458  0.60 24.45  ? 92  ALA A CB  1 
ATOM   697  N  N   . ARG A 1 93  ? -14.271 4.726   9.012   0.60 23.61  ? 93  ARG A N   1 
ATOM   698  C  CA  . ARG A 1 93  ? -14.692 5.087   7.632   0.60 22.06  ? 93  ARG A CA  1 
ATOM   699  C  C   . ARG A 1 93  ? -14.582 3.890   6.687   0.60 22.19  ? 93  ARG A C   1 
ATOM   700  O  O   . ARG A 1 93  ? -14.022 2.859   7.077   0.60 22.15  ? 93  ARG A O   1 
ATOM   701  C  CB  . ARG A 1 93  ? -13.793 6.192   7.071   0.60 21.57  ? 93  ARG A CB  1 
ATOM   702  C  CG  . ARG A 1 93  ? -12.416 5.697   6.651   0.60 20.20  ? 93  ARG A CG  1 
ATOM   703  C  CD  . ARG A 1 93  ? -11.461 6.813   6.302   0.60 20.35  ? 93  ARG A CD  1 
ATOM   704  N  NE  . ARG A 1 93  ? -10.257 6.230   5.736   0.60 20.22  ? 93  ARG A NE  1 
ATOM   705  C  CZ  . ARG A 1 93  ? -9.490  6.803   4.821   0.60 19.59  ? 93  ARG A CZ  1 
ATOM   706  N  NH1 . ARG A 1 93  ? -9.777  8.011   4.362   0.60 20.30  ? 93  ARG A NH1 1 
ATOM   707  N  NH2 . ARG A 1 93  ? -8.439  6.152   4.362   0.60 19.21  ? 93  ARG A NH2 1 
ATOM   708  N  N   . TYR A 1 94  ? -15.084 4.057   5.467   0.60 22.32  ? 94  TYR A N   1 
ATOM   709  C  CA  . TYR A 1 94  ? -14.795 3.167   4.319   0.60 23.41  ? 94  TYR A CA  1 
ATOM   710  C  C   . TYR A 1 94  ? -13.437 3.563   3.738   0.60 22.97  ? 94  TYR A C   1 
ATOM   711  O  O   . TYR A 1 94  ? -13.319 4.655   3.152   0.60 23.32  ? 94  TYR A O   1 
ATOM   712  C  CB  . TYR A 1 94  ? -15.913 3.246   3.277   0.60 25.23  ? 94  TYR A CB  1 
ATOM   713  C  CG  . TYR A 1 94  ? -17.150 2.466   3.642   0.60 26.59  ? 94  TYR A CG  1 
ATOM   714  C  CD1 . TYR A 1 94  ? -17.124 1.081   3.724   0.60 26.96  ? 94  TYR A CD1 1 
ATOM   715  C  CD2 . TYR A 1 94  ? -18.345 3.106   3.926   0.60 26.81  ? 94  TYR A CD2 1 
ATOM   716  C  CE1 . TYR A 1 94  ? -18.253 0.353   4.067   0.60 27.42  ? 94  TYR A CE1 1 
ATOM   717  C  CE2 . TYR A 1 94  ? -19.482 2.395   4.268   0.60 27.95  ? 94  TYR A CE2 1 
ATOM   718  C  CZ  . TYR A 1 94  ? -19.437 1.014   4.345   0.60 28.08  ? 94  TYR A CZ  1 
ATOM   719  O  OH  . TYR A 1 94  ? -20.563 0.317   4.683   0.60 28.89  ? 94  TYR A OH  1 
ATOM   720  N  N   . GLN A 1 95  ? -12.441 2.687   3.874   1.00 23.69  ? 95  GLN A N   1 
ATOM   721  C  CA  . GLN A 1 95  ? -11.198 2.849   3.077   1.00 21.82  ? 95  GLN A CA  1 
ATOM   722  C  C   . GLN A 1 95  ? -11.423 2.098   1.774   1.00 21.20  ? 95  GLN A C   1 
ATOM   723  O  O   . GLN A 1 95  ? -11.976 0.965   1.868   1.00 26.79  ? 95  GLN A O   1 
ATOM   724  C  CB  . GLN A 1 95  ? -9.973  2.290   3.783   1.00 19.97  ? 95  GLN A CB  1 
ATOM   725  C  CG  . GLN A 1 95  ? -8.740  2.578   2.964   1.00 19.95  ? 95  GLN A CG  1 
ATOM   726  C  CD  . GLN A 1 95  ? -7.492  2.640   3.795   1.00 17.55  ? 95  GLN A CD  1 
ATOM   727  O  OE1 . GLN A 1 95  ? -7.453  3.275   4.836   1.00 18.15  ? 95  GLN A OE1 1 
ATOM   728  N  NE2 . GLN A 1 95  ? -6.450  1.997   3.300   1.00 18.76  ? 95  GLN A NE2 1 
ATOM   729  N  N   . SER A 1 96  ? -11.089 2.673   0.623   1.00 18.68  ? 96  SER A N   1 
ATOM   730  C  CA  . SER A 1 96  ? -11.341 2.059   -0.708  1.00 19.82  ? 96  SER A CA  1 
ATOM   731  C  C   . SER A 1 96  ? -10.086 1.311   -1.202  1.00 22.25  ? 96  SER A C   1 
ATOM   732  O  O   . SER A 1 96  ? -8.967  1.661   -0.784  1.00 19.60  ? 96  SER A O   1 
ATOM   733  C  CB  . SER A 1 96  ? -11.809 3.096   -1.706  1.00 21.23  ? 96  SER A CB  1 
ATOM   734  O  OG  . SER A 1 96  ? -10.764 4.017   -1.978  1.00 24.27  ? 96  SER A OG  1 
ATOM   735  N  N   . HIS A 1 97  ? -10.255 0.397   -2.162  1.00 20.66  ? 97  HIS A N   1 
ATOM   736  C  CA  . HIS A 1 97  ? -9.141  -0.296  -2.858  1.00 21.58  ? 97  HIS A CA  1 
ATOM   737  C  C   . HIS A 1 97  ? -8.268  -1.044  -1.832  1.00 20.32  ? 97  HIS A C   1 
ATOM   738  O  O   . HIS A 1 97  ? -7.018  -1.079  -1.992  1.00 19.20  ? 97  HIS A O   1 
ATOM   739  C  CB  . HIS A 1 97  ? -8.347  0.748   -3.639  1.00 21.92  ? 97  HIS A CB  1 
ATOM   740  C  CG  . HIS A 1 97  ? -9.129  1.363   -4.739  1.00 22.09  ? 97  HIS A CG  1 
ATOM   741  N  ND1 . HIS A 1 97  ? -9.048  0.889   -6.025  1.00 21.45  ? 97  HIS A ND1 1 
ATOM   742  C  CD2 . HIS A 1 97  ? -9.971  2.422   -4.753  1.00 22.61  ? 97  HIS A CD2 1 
ATOM   743  C  CE1 . HIS A 1 97  ? -9.795  1.650   -6.810  1.00 19.81  ? 97  HIS A CE1 1 
ATOM   744  N  NE2 . HIS A 1 97  ? -10.399 2.565   -6.044  1.00 23.78  ? 97  HIS A NE2 1 
ATOM   745  N  N   . LEU A 1 98  ? -8.908  -1.553  -0.789  1.00 19.42  ? 98  LEU A N   1 
ATOM   746  C  CA  . LEU A 1 98  ? -8.246  -2.208  0.358   1.00 16.20  ? 98  LEU A CA  1 
ATOM   747  C  C   . LEU A 1 98  ? -8.362  -3.749  0.263   1.00 17.15  ? 98  LEU A C   1 
ATOM   748  O  O   . LEU A 1 98  ? -9.476  -4.270  0.135   1.00 17.18  ? 98  LEU A O   1 
ATOM   749  C  CB  . LEU A 1 98  ? -8.834  -1.686  1.660   1.00 17.11  ? 98  LEU A CB  1 
ATOM   750  C  CG  . LEU A 1 98  ? -8.079  -2.181  2.880   1.00 16.48  ? 98  LEU A CG  1 
ATOM   751  C  CD1 . LEU A 1 98  ? -6.735  -1.553  2.951   1.00 15.68  ? 98  LEU A CD1 1 
ATOM   752  C  CD2 . LEU A 1 98  ? -8.840  -1.978  4.181   1.00 17.03  ? 98  LEU A CD2 1 
ATOM   753  N  N   . MET A 1 99  ? -7.237  -4.455  0.457   1.00 15.17  ? 99  MET A N   1 
ATOM   754  C  CA  . MET A 1 99  ? -7.170  -5.942  0.428   1.00 16.15  ? 99  MET A CA  1 
ATOM   755  C  C   . MET A 1 99  ? -6.906  -6.431  1.849   1.00 14.82  ? 99  MET A C   1 
ATOM   756  O  O   . MET A 1 99  ? -6.047  -5.901  2.523   1.00 18.04  ? 99  MET A O   1 
ATOM   757  C  CB  . MET A 1 99  ? -6.073  -6.463  -0.495  1.00 14.01  ? 99  MET A CB  1 
ATOM   758  C  CG  . MET A 1 99  ? -6.297  -6.106  -1.968  1.00 17.16  ? 99  MET A CG  1 
ATOM   759  S  SD  . MET A 1 99  ? -4.893  -6.252  -2.997  1.00 17.84  ? 99  MET A SD  1 
ATOM   760  C  CE  . MET A 1 99  ? -3.826  -4.964  -2.350  1.00 15.82  ? 99  MET A CE  1 
ATOM   761  N  N   . LEU A 1 100 ? -7.621  -7.448  2.312   1.00 15.59  ? 100 LEU A N   1 
ATOM   762  C  CA  . LEU A 1 100 ? -7.411  -7.938  3.681   1.00 15.07  ? 100 LEU A CA  1 
ATOM   763  C  C   . LEU A 1 100 ? -6.817  -9.361  3.654   1.00 14.41  ? 100 LEU A C   1 
ATOM   764  O  O   . LEU A 1 100 ? -7.130  -10.133 2.762   1.00 14.18  ? 100 LEU A O   1 
ATOM   765  C  CB  . LEU A 1 100 ? -8.764  -7.977  4.404   1.00 19.24  ? 100 LEU A CB  1 
ATOM   766  C  CG  . LEU A 1 100 ? -9.236  -6.655  5.024   1.00 21.30  ? 100 LEU A CG  1 
ATOM   767  C  CD1 . LEU A 1 100 ? -10.601 -6.856  5.678   1.00 24.86  ? 100 LEU A CD1 1 
ATOM   768  C  CD2 . LEU A 1 100 ? -8.223  -6.079  6.010   1.00 21.73  ? 100 LEU A CD2 1 
ATOM   769  N  N   . ALA A 1 101 ? -5.960  -9.661  4.621   1.00 12.02  ? 101 ALA A N   1 
ATOM   770  C  CA  . ALA A 1 101 ? -5.336  -10.981 4.865   1.00 13.25  ? 101 ALA A CA  1 
ATOM   771  C  C   . ALA A 1 101 ? -5.331  -11.236 6.361   1.00 12.70  ? 101 ALA A C   1 
ATOM   772  O  O   . ALA A 1 101 ? -5.305  -10.278 7.153   1.00 13.04  ? 101 ALA A O   1 
ATOM   773  C  CB  . ALA A 1 101 ? -3.927  -11.055 4.316   1.00 13.89  ? 101 ALA A CB  1 
ATOM   774  N  N   . VAL A 1 102 ? -5.313  -12.512 6.738   1.00 12.99  ? 102 VAL A N   1 
ATOM   775  C  CA  . VAL A 1 102 ? -5.063  -12.900 8.152   1.00 14.07  ? 102 VAL A CA  1 
ATOM   776  C  C   . VAL A 1 102 ? -3.565  -12.753 8.396   1.00 13.62  ? 102 VAL A C   1 
ATOM   777  O  O   . VAL A 1 102 ? -2.733  -13.484 7.772   1.00 14.02  ? 102 VAL A O   1 
ATOM   778  C  CB  . VAL A 1 102 ? -5.567  -14.310 8.469   1.00 14.90  ? 102 VAL A CB  1 
ATOM   779  C  CG1 . VAL A 1 102 ? -5.329  -14.649 9.942   1.00 14.58  ? 102 VAL A CG1 1 
ATOM   780  C  CG2 . VAL A 1 102 ? -7.027  -14.419 8.064   1.00 14.35  ? 102 VAL A CG2 1 
ATOM   781  N  N   . GLY A 1 103 ? -3.216  -11.858 9.301   1.00 14.06  ? 103 GLY A N   1 
ATOM   782  C  CA  . GLY A 1 103 ? -1.803  -11.700 9.681   1.00 13.37  ? 103 GLY A CA  1 
ATOM   783  C  C   . GLY A 1 103 ? -1.597  -10.556 10.627  1.00 13.60  ? 103 GLY A C   1 
ATOM   784  O  O   . GLY A 1 103 ? -2.545  -9.834  10.913  1.00 16.73  ? 103 GLY A O   1 
ATOM   785  N  N   . HIS A 1 104 ? -0.370  -10.436 11.095  1.00 14.98  ? 104 HIS A N   1 
ATOM   786  C  CA  . HIS A 1 104 ? 0.006   -9.404  12.075  1.00 16.32  ? 104 HIS A CA  1 
ATOM   787  C  C   . HIS A 1 104 ? 0.315   -8.080  11.385  1.00 17.50  ? 104 HIS A C   1 
ATOM   788  O  O   . HIS A 1 104 ? 1.035   -8.018  10.376  1.00 15.91  ? 104 HIS A O   1 
ATOM   789  C  CB  . HIS A 1 104 ? 1.199   -9.872  12.894  1.00 15.58  ? 104 HIS A CB  1 
ATOM   790  C  CG  . HIS A 1 104 ? 1.495   -8.911  13.977  1.00 17.65  ? 104 HIS A CG  1 
ATOM   791  N  ND1 . HIS A 1 104 ? 0.582   -8.634  14.946  1.00 17.82  ? 104 HIS A ND1 1 
ATOM   792  C  CD2 . HIS A 1 104 ? 2.501   -8.040  14.123  1.00 14.70  ? 104 HIS A CD2 1 
ATOM   793  C  CE1 . HIS A 1 104 ? 1.061   -7.656  15.679  1.00 15.83  ? 104 HIS A CE1 1 
ATOM   794  N  NE2 . HIS A 1 104 ? 2.249   -7.333  15.242  1.00 16.74  ? 104 HIS A NE2 1 
ATOM   795  N  N   A SER A 1 105 ? -0.170  -6.991  11.970  0.28 17.84  ? 105 SER A N   1 
ATOM   796  N  N   B SER A 1 105 ? -0.159  -7.000  11.986  0.32 16.90  ? 105 SER A N   1 
ATOM   797  C  CA  A SER A 1 105 ? 0.242   -5.630  11.562  0.28 17.39  ? 105 SER A CA  1 
ATOM   798  C  CA  B SER A 1 105 ? 0.236   -5.636  11.581  0.32 15.83  ? 105 SER A CA  1 
ATOM   799  C  C   A SER A 1 105 ? -0.031  -4.652  12.699  0.28 17.38  ? 105 SER A C   1 
ATOM   800  C  C   B SER A 1 105 ? 0.006   -4.696  12.758  0.32 16.42  ? 105 SER A C   1 
ATOM   801  O  O   A SER A 1 105 ? -1.080  -4.772  13.371  0.28 18.12  ? 105 SER A O   1 
ATOM   802  O  O   B SER A 1 105 ? -0.954  -4.915  13.533  0.32 17.12  ? 105 SER A O   1 
ATOM   803  C  CB  A SER A 1 105 ? -0.415  -5.202  10.281  0.28 17.03  ? 105 SER A CB  1 
ATOM   804  C  CB  B SER A 1 105 ? -0.494  -5.188  10.354  0.32 14.67  ? 105 SER A CB  1 
ATOM   805  O  OG  A SER A 1 105 ? 0.283   -4.112  9.699   0.28 17.49  ? 105 SER A OG  1 
ATOM   806  O  OG  B SER A 1 105 ? -1.805  -4.753  10.690  0.32 12.97  ? 105 SER A OG  1 
ATOM   807  N  N   . GLU A 1 106 ? 0.916   -3.736  12.877  1.00 17.74  ? 106 GLU A N   1 
ATOM   808  C  CA  . GLU A 1 106 ? 0.841   -2.624  13.821  1.00 19.34  ? 106 GLU A CA  1 
ATOM   809  C  C   . GLU A 1 106 ? 0.988   -1.387  12.948  1.00 19.44  ? 106 GLU A C   1 
ATOM   810  O  O   . GLU A 1 106 ? 1.433   -1.481  11.786  1.00 18.46  ? 106 GLU A O   1 
ATOM   811  C  CB  . GLU A 1 106 ? 1.933   -2.778  14.869  1.00 21.60  ? 106 GLU A CB  1 
ATOM   812  C  CG  . GLU A 1 106 ? 1.758   -4.037  15.688  1.00 22.51  ? 106 GLU A CG  1 
ATOM   813  C  CD  . GLU A 1 106 ? 2.880   -4.321  16.670  1.00 20.95  ? 106 GLU A CD  1 
ATOM   814  O  OE1 . GLU A 1 106 ? 3.599   -3.396  16.992  1.00 23.59  ? 106 GLU A OE1 1 
ATOM   815  O  OE2 . GLU A 1 106 ? 3.071   -5.486  17.043  1.00 24.33  ? 106 GLU A OE2 1 
ATOM   816  N  N   . PRO A 1 107 ? 0.580   -0.200  13.451  1.00 21.23  ? 107 PRO A N   1 
ATOM   817  C  CA  . PRO A 1 107 ? 0.656   1.026   12.658  1.00 20.85  ? 107 PRO A CA  1 
ATOM   818  C  C   . PRO A 1 107 ? 1.985   1.257   11.936  1.00 19.02  ? 107 PRO A C   1 
ATOM   819  O  O   . PRO A 1 107 ? 1.997   1.609   10.787  1.00 20.49  ? 107 PRO A O   1 
ATOM   820  C  CB  . PRO A 1 107 ? 0.428   2.099   13.728  1.00 21.17  ? 107 PRO A CB  1 
ATOM   821  C  CG  . PRO A 1 107 ? -0.585  1.425   14.605  1.00 20.64  ? 107 PRO A CG  1 
ATOM   822  C  CD  . PRO A 1 107 ? 0.037   0.048   14.805  1.00 21.46  ? 107 PRO A CD  1 
ATOM   823  N  N   . GLY A 1 108 ? 3.128   1.024   12.569  1.00 17.99  ? 108 GLY A N   1 
ATOM   824  C  CA  . GLY A 1 108 ? 4.405   1.296   11.899  1.00 17.32  ? 108 GLY A CA  1 
ATOM   825  C  C   . GLY A 1 108 ? 4.798   0.303   10.792  1.00 15.24  ? 108 GLY A C   1 
ATOM   826  O  O   . GLY A 1 108 ? 5.837   0.488   10.148  1.00 15.47  ? 108 GLY A O   1 
ATOM   827  N  N   . ASP A 1 109 ? 4.049   -0.793  10.662  1.00 15.04  ? 109 ASP A N   1 
ATOM   828  C  CA  . ASP A 1 109 ? 4.195   -1.716  9.517   1.00 16.27  ? 109 ASP A CA  1 
ATOM   829  C  C   . ASP A 1 109 ? 3.712   -1.077  8.224   1.00 15.15  ? 109 ASP A C   1 
ATOM   830  O  O   . ASP A 1 109 ? 3.999   -1.650  7.172   1.00 15.64  ? 109 ASP A O   1 
ATOM   831  C  CB  . ASP A 1 109 ? 3.423   -2.992  9.753   1.00 14.76  ? 109 ASP A CB  1 
ATOM   832  C  CG  . ASP A 1 109 ? 4.108   -3.796  10.851  1.00 12.92  ? 109 ASP A CG  1 
ATOM   833  O  OD1 . ASP A 1 109 ? 5.386   -3.734  10.905  1.00 14.29  ? 109 ASP A OD1 1 
ATOM   834  O  OD2 . ASP A 1 109 ? 3.362   -4.488  11.632  1.00 14.47  ? 109 ASP A OD2 1 
ATOM   835  N  N   . CYS A 1 110 ? 2.991   0.047   8.299   1.00 14.64  ? 110 CYS A N   1 
ATOM   836  C  CA  . CYS A 1 110 ? 2.504   0.709   7.085   1.00 14.68  ? 110 CYS A CA  1 
ATOM   837  C  C   . CYS A 1 110 ? 3.685   0.950   6.148   1.00 13.89  ? 110 CYS A C   1 
ATOM   838  O  O   . CYS A 1 110 ? 4.753   1.434   6.615   1.00 14.96  ? 110 CYS A O   1 
ATOM   839  C  CB  . CYS A 1 110 ? 1.818   2.022   7.435   1.00 15.25  ? 110 CYS A CB  1 
ATOM   840  S  SG  . CYS A 1 110 ? 0.103   1.769   7.971   1.00 16.27  ? 110 CYS A SG  1 
ATOM   841  N  N   . GLY A 1 111 ? 3.482   0.614   4.859   1.00 13.29  ? 111 GLY A N   1 
ATOM   842  C  CA  . GLY A 1 111 ? 4.479   0.810   3.798   1.00 13.95  ? 111 GLY A CA  1 
ATOM   843  C  C   . GLY A 1 111 ? 5.237   -0.477  3.494   1.00 13.24  ? 111 GLY A C   1 
ATOM   844  O  O   . GLY A 1 111 ? 5.936   -0.494  2.460   1.00 13.42  ? 111 GLY A O   1 
ATOM   845  N  N   . GLY A 1 112 ? 5.098   -1.545  4.279   1.00 12.80  ? 112 GLY A N   1 
ATOM   846  C  CA  . GLY A 1 112 ? 5.658   -2.850  3.887   1.00 12.41  ? 112 GLY A CA  1 
ATOM   847  C  C   . GLY A 1 112 ? 5.033   -3.339  2.591   1.00 11.81  ? 112 GLY A C   1 
ATOM   848  O  O   . GLY A 1 112 ? 3.826   -3.232  2.431   1.00 10.58  ? 112 GLY A O   1 
ATOM   849  N  N   . ILE A 1 113 ? 5.843   -3.899  1.728   1.00 11.42  ? 113 ILE A N   1 
ATOM   850  C  CA  . ILE A 1 113 ? 5.357   -4.359  0.391   1.00 11.88  ? 113 ILE A CA  1 
ATOM   851  C  C   . ILE A 1 113 ? 4.619   -5.692  0.514   1.00 10.61  ? 113 ILE A C   1 
ATOM   852  O  O   . ILE A 1 113 ? 5.190   -6.645  1.161   1.00 11.45  ? 113 ILE A O   1 
ATOM   853  C  CB  . ILE A 1 113 ? 6.528   -4.445  -0.591  1.00 13.31  ? 113 ILE A CB  1 
ATOM   854  C  CG1 . ILE A 1 113 ? 6.841   -3.014  -1.057  1.00 15.23  ? 113 ILE A CG1 1 
ATOM   855  C  CG2 . ILE A 1 113 ? 6.238   -5.341  -1.791  1.00 15.30  ? 113 ILE A CG2 1 
ATOM   856  C  CD1 . ILE A 1 113 ? 8.149   -2.888  -1.789  1.00 17.71  ? 113 ILE A CD1 1 
ATOM   857  N  N   . LEU A 1 114 ? 3.506   -5.804  -0.231  1.00 11.01  ? 114 LEU A N   1 
ATOM   858  C  CA  . LEU A 1 114 ? 2.860   -7.083  -0.591  1.00 10.64  ? 114 LEU A CA  1 
ATOM   859  C  C   . LEU A 1 114 ? 3.228   -7.347  -2.049  1.00 10.69  ? 114 LEU A C   1 
ATOM   860  O  O   . LEU A 1 114 ? 3.079   -6.407  -2.812  1.00 10.99  ? 114 LEU A O   1 
ATOM   861  C  CB  . LEU A 1 114 ? 1.347   -6.956  -0.400  1.00 10.69  ? 114 LEU A CB  1 
ATOM   862  C  CG  . LEU A 1 114 ? 0.521   -8.168  -0.827  1.00 11.17  ? 114 LEU A CG  1 
ATOM   863  C  CD1 . LEU A 1 114 ? 0.871   -9.422  -0.008  1.00 11.45  ? 114 LEU A CD1 1 
ATOM   864  C  CD2 . LEU A 1 114 ? -0.951  -7.810  -0.782  1.00 12.43  ? 114 LEU A CD2 1 
ATOM   865  N  N   . ARG A 1 115 ? 3.771   -8.533  -2.334  1.00 11.32  ? 115 ARG A N   1 
ATOM   866  C  CA  . ARG A 1 115 ? 4.290   -8.923  -3.668  1.00 11.29  ? 115 ARG A CA  1 
ATOM   867  C  C   . ARG A 1 115 ? 3.718   -10.288 -4.049  1.00 13.01  ? 115 ARG A C   1 
ATOM   868  O  O   . ARG A 1 115 ? 3.456   -11.147 -3.182  1.00 12.12  ? 115 ARG A O   1 
ATOM   869  C  CB  . ARG A 1 115 ? 5.812   -8.857  -3.715  1.00 12.15  ? 115 ARG A CB  1 
ATOM   870  C  CG  . ARG A 1 115 ? 6.503   -9.881  -2.826  1.00 14.61  ? 115 ARG A CG  1 
ATOM   871  C  CD  . ARG A 1 115 ? 7.980   -9.708  -2.890  1.00 16.32  ? 115 ARG A CD  1 
ATOM   872  N  NE  . ARG A 1 115 ? 8.480   -8.547  -2.161  1.00 19.08  ? 115 ARG A NE  1 
ATOM   873  C  CZ  . ARG A 1 115 ? 9.262   -7.573  -2.641  1.00 19.57  ? 115 ARG A CZ  1 
ATOM   874  N  NH1 . ARG A 1 115 ? 9.614   -7.506  -3.916  1.00 24.03  ? 115 ARG A NH1 1 
ATOM   875  N  NH2 . ARG A 1 115 ? 9.678   -6.617  -1.830  1.00 21.90  ? 115 ARG A NH2 1 
ATOM   876  N  N   . CYS A 1 116 ? 3.425   -10.431 -5.330  1.00 12.64  ? 116 CYS A N   1 
ATOM   877  C  CA  . CYS A 1 116 ? 2.973   -11.706 -5.956  1.00 14.61  ? 116 CYS A CA  1 
ATOM   878  C  C   . CYS A 1 116 ? 3.995   -12.083 -7.001  1.00 15.37  ? 116 CYS A C   1 
ATOM   879  O  O   . CYS A 1 116 ? 4.973   -11.354 -7.188  1.00 15.81  ? 116 CYS A O   1 
ATOM   880  C  CB  . CYS A 1 116 ? 1.545   -11.583 -6.463  1.00 13.00  ? 116 CYS A CB  1 
ATOM   881  S  SG  . CYS A 1 116 ? 1.462   -10.482 -7.895  1.00 13.74  ? 116 CYS A SG  1 
ATOM   882  N  N   . GLN A 1 117 ? 3.703   -13.129 -7.752  1.00 18.50  ? 117 GLN A N   1 
ATOM   883  C  CA  . GLN A 1 117 ? 4.586   -13.564 -8.849  1.00 18.14  ? 117 GLN A CA  1 
ATOM   884  C  C   . GLN A 1 117 ? 4.723   -12.447 -9.893  1.00 18.30  ? 117 GLN A C   1 
ATOM   885  O  O   . GLN A 1 117 ? 5.706   -12.492 -10.583 1.00 21.19  ? 117 GLN A O   1 
ATOM   886  C  CB  . GLN A 1 117 ? 4.067   -14.883 -9.441  1.00 19.63  ? 117 GLN A CB  1 
ATOM   887  C  CG  . GLN A 1 117 ? 2.754   -14.695 -10.199 1.00 20.89  ? 117 GLN A CG  1 
ATOM   888  C  CD  . GLN A 1 117 ? 2.179   -15.979 -10.735 1.00 25.67  ? 117 GLN A CD  1 
ATOM   889  O  OE1 . GLN A 1 117 ? 1.538   -16.736 -10.016 1.00 29.50  ? 117 GLN A OE1 1 
ATOM   890  N  NE2 . GLN A 1 117 ? 2.428   -16.233 -12.009 1.00 29.45  ? 117 GLN A NE2 1 
ATOM   891  N  N   . HIS A 1 118 ? 3.794   -11.482 -10.004 1.00 15.89  ? 118 HIS A N   1 
ATOM   892  C  CA  . HIS A 1 118 ? 3.787   -10.400 -11.036 1.00 16.95  ? 118 HIS A CA  1 
ATOM   893  C  C   . HIS A 1 118 ? 4.416   -9.111  -10.498 1.00 18.58  ? 118 HIS A C   1 
ATOM   894  O  O   . HIS A 1 118 ? 4.443   -8.143  -11.282 1.00 26.41  ? 118 HIS A O   1 
ATOM   895  C  CB  . HIS A 1 118 ? 2.337   -10.106 -11.424 1.00 14.96  ? 118 HIS A CB  1 
ATOM   896  C  CG  . HIS A 1 118 ? 1.601   -11.287 -11.954 1.00 17.55  ? 118 HIS A CG  1 
ATOM   897  N  ND1 . HIS A 1 118 ? 0.670   -11.947 -11.230 1.00 14.77  ? 118 HIS A ND1 1 
ATOM   898  C  CD2 . HIS A 1 118 ? 1.660   -11.910 -13.159 1.00 17.68  ? 118 HIS A CD2 1 
ATOM   899  C  CE1 . HIS A 1 118 ? 0.210   -12.972 -11.929 1.00 20.38  ? 118 HIS A CE1 1 
ATOM   900  N  NE2 . HIS A 1 118 ? 0.793   -12.951 -13.100 1.00 16.87  ? 118 HIS A NE2 1 
ATOM   901  N  N   . GLY A 1 119 ? 4.941   -9.100  -9.249  1.00 19.10  ? 119 GLY A N   1 
ATOM   902  C  CA  . GLY A 1 119 ? 5.586   -7.889  -8.698  1.00 17.87  ? 119 GLY A CA  1 
ATOM   903  C  C   . GLY A 1 119 ? 4.827   -7.270  -7.527  1.00 16.53  ? 119 GLY A C   1 
ATOM   904  O  O   . GLY A 1 119 ? 4.187   -7.997  -6.802  1.00 15.55  ? 119 GLY A O   1 
ATOM   905  N  N   . VAL A 1 120 ? 4.870   -5.942  -7.373  1.00 15.99  ? 120 VAL A N   1 
ATOM   906  C  CA  . VAL A 1 120 ? 4.304   -5.234  -6.189  1.00 15.73  ? 120 VAL A CA  1 
ATOM   907  C  C   . VAL A 1 120 ? 2.792   -5.076  -6.323  1.00 14.99  ? 120 VAL A C   1 
ATOM   908  O  O   . VAL A 1 120 ? 2.300   -4.521  -7.329  1.00 15.73  ? 120 VAL A O   1 
ATOM   909  C  CB  . VAL A 1 120 ? 5.006   -3.885  -5.969  1.00 15.36  ? 120 VAL A CB  1 
ATOM   910  C  CG1 . VAL A 1 120 ? 4.312   -3.096  -4.863  1.00 15.35  ? 120 VAL A CG1 1 
ATOM   911  C  CG2 . VAL A 1 120 ? 6.452   -4.099  -5.639  1.00 14.42  ? 120 VAL A CG2 1 
ATOM   912  N  N   . VAL A 1 121 ? 2.077   -5.607  -5.367  1.00 15.16  ? 121 VAL A N   1 
ATOM   913  C  CA  . VAL A 1 121 ? 0.600   -5.581  -5.341  1.00 15.21  ? 121 VAL A CA  1 
ATOM   914  C  C   . VAL A 1 121 ? 0.139   -4.344  -4.580  1.00 13.47  ? 121 VAL A C   1 
ATOM   915  O  O   . VAL A 1 121 ? -0.883  -3.749  -4.919  1.00 13.39  ? 121 VAL A O   1 
ATOM   916  C  CB  . VAL A 1 121 ? 0.106   -6.876  -4.688  1.00 13.38  ? 121 VAL A CB  1 
ATOM   917  C  CG1 . VAL A 1 121 ? -1.395  -6.873  -4.510  1.00 14.24  ? 121 VAL A CG1 1 
ATOM   918  C  CG2 . VAL A 1 121 ? 0.560   -8.096  -5.472  1.00 15.19  ? 121 VAL A CG2 1 
ATOM   919  N  N   . GLY A 1 122 ? 0.806   -4.025  -3.483  1.00 11.83  ? 122 GLY A N   1 
ATOM   920  C  CA  . GLY A 1 122 ? 0.352   -2.956  -2.601  1.00 11.83  ? 122 GLY A CA  1 
ATOM   921  C  C   . GLY A 1 122 ? 1.253   -2.765  -1.424  1.00 11.01  ? 122 GLY A C   1 
ATOM   922  O  O   . GLY A 1 122 ? 2.332   -3.433  -1.317  1.00 11.07  ? 122 GLY A O   1 
ATOM   923  N  N   . ILE A 1 123 ? 0.774   -1.899  -0.516  1.00 12.30  ? 123 ILE A N   1 
ATOM   924  C  CA  . ILE A 1 123 ? 1.543   -1.595  0.718   1.00 11.25  ? 123 ILE A CA  1 
ATOM   925  C  C   . ILE A 1 123 ? 0.615   -1.699  1.922   1.00 11.80  ? 123 ILE A C   1 
ATOM   926  O  O   . ILE A 1 123 ? -0.611  -1.383  1.808   1.00 11.04  ? 123 ILE A O   1 
ATOM   927  C  CB  . ILE A 1 123 ? 2.264   -0.226  0.634   1.00 12.16  ? 123 ILE A CB  1 
ATOM   928  C  CG1 . ILE A 1 123 ? 1.329   0.922   0.236   1.00 12.93  ? 123 ILE A CG1 1 
ATOM   929  C  CG2 . ILE A 1 123 ? 3.469   -0.345  -0.292  1.00 12.90  ? 123 ILE A CG2 1 
ATOM   930  C  CD1 . ILE A 1 123 ? 1.933   2.320   0.444   1.00 13.01  ? 123 ILE A CD1 1 
ATOM   931  N  N   . VAL A 1 124 ? 1.169   -2.188  3.017   1.00 11.51  ? 124 VAL A N   1 
ATOM   932  C  CA  . VAL A 1 124 ? 0.461   -2.270  4.307   1.00 11.88  ? 124 VAL A CA  1 
ATOM   933  C  C   . VAL A 1 124 ? -0.163  -0.901  4.616   1.00 11.61  ? 124 VAL A C   1 
ATOM   934  O  O   . VAL A 1 124 ? 0.544   0.155   4.531   1.00 11.91  ? 124 VAL A O   1 
ATOM   935  C  CB  . VAL A 1 124 ? 1.396   -2.734  5.426   1.00 11.04  ? 124 VAL A CB  1 
ATOM   936  C  CG1 . VAL A 1 124 ? 0.695   -2.656  6.770   1.00 11.79  ? 124 VAL A CG1 1 
ATOM   937  C  CG2 . VAL A 1 124 ? 1.798   -4.170  5.184   1.00 12.15  ? 124 VAL A CG2 1 
ATOM   938  N  N   . SER A 1 125 ? -1.433  -0.916  4.977   1.00 13.28  ? 125 SER A N   1 
ATOM   939  C  CA  . SER A 1 125 ? -2.196  0.343   5.293   1.00 14.57  ? 125 SER A CA  1 
ATOM   940  C  C   . SER A 1 125 ? -3.064  0.252   6.560   1.00 15.46  ? 125 SER A C   1 
ATOM   941  O  O   . SER A 1 125 ? -3.093  1.259   7.332   1.00 15.13  ? 125 SER A O   1 
ATOM   942  C  CB  . SER A 1 125 ? -2.999  0.767   4.103   1.00 14.03  ? 125 SER A CB  1 
ATOM   943  O  OG  . SER A 1 125 ? -3.730  1.960   4.343   1.00 15.81  ? 125 SER A OG  1 
ATOM   944  N  N   . THR A 1 126 ? -3.784  -0.850  6.788   1.00 19.51  ? 126 THR A N   1 
ATOM   945  C  CA  . THR A 1 126 ? -4.723  -0.989  7.937   1.00 21.32  ? 126 THR A CA  1 
ATOM   946  C  C   . THR A 1 126 ? -4.345  -2.247  8.724   1.00 25.19  ? 126 THR A C   1 
ATOM   947  O  O   . THR A 1 126 ? -3.662  -3.112  8.196   1.00 23.80  ? 126 THR A O   1 
ATOM   948  C  CB  . THR A 1 126 ? -6.183  -1.027  7.477   1.00 21.46  ? 126 THR A CB  1 
ATOM   949  O  OG1 . THR A 1 126 ? -6.412  -2.287  6.851   1.00 21.10  ? 126 THR A OG1 1 
ATOM   950  C  CG2 . THR A 1 126 ? -6.545  0.076   6.505   1.00 20.96  ? 126 THR A CG2 1 
ATOM   951  N  N   . GLY A 1 127 ? -4.835  -2.367  9.953   0.60 26.65  ? 127 GLY A N   1 
ATOM   952  C  CA  . GLY A 1 127 ? -4.670  -3.606  10.734  0.60 29.12  ? 127 GLY A CA  1 
ATOM   953  C  C   . GLY A 1 127 ? -5.562  -3.634  11.957  0.60 30.13  ? 127 GLY A C   1 
ATOM   954  O  O   . GLY A 1 127 ? -6.343  -2.677  12.136  0.60 29.49  ? 127 GLY A O   1 
ATOM   955  N  N   . GLY A 1 128 ? -5.421  -4.693  12.763  1.00 32.63  ? 128 GLY A N   1 
ATOM   956  C  CA  . GLY A 1 128 ? -6.247  -4.942  13.973  1.00 33.55  ? 128 GLY A CA  1 
ATOM   957  C  C   . GLY A 1 128 ? -7.004  -6.269  13.899  1.00 35.91  ? 128 GLY A C   1 
ATOM   958  O  O   . GLY A 1 128 ? -7.331  -6.721  12.778  1.00 33.07  ? 128 GLY A O   1 
ATOM   959  N  N   . ASN A 1 129 ? -7.315  -6.868  15.055  1.00 33.70  ? 129 ASN A N   1 
ATOM   960  C  CA  . ASN A 1 129 ? -8.165  -8.089  15.137  1.00 32.61  ? 129 ASN A CA  1 
ATOM   961  C  C   . ASN A 1 129 ? -7.585  -9.166  14.215  1.00 26.25  ? 129 ASN A C   1 
ATOM   962  O  O   . ASN A 1 129 ? -8.383  -9.925  13.589  1.00 30.59  ? 129 ASN A O   1 
ATOM   963  C  CB  . ASN A 1 129 ? -9.611  -7.851  14.685  1.00 34.27  ? 129 ASN A CB  1 
ATOM   964  C  CG  . ASN A 1 129 ? -10.421 -7.005  15.639  1.00 38.59  ? 129 ASN A CG  1 
ATOM   965  O  OD1 . ASN A 1 129 ? -10.166 -6.999  16.844  1.00 42.26  ? 129 ASN A OD1 1 
ATOM   966  N  ND2 . ASN A 1 129 ? -11.414 -6.302  15.105  1.00 41.48  ? 129 ASN A ND2 1 
ATOM   967  N  N   . GLY A 1 130 ? -6.258  -9.223  14.116  1.00 23.97  ? 130 GLY A N   1 
ATOM   968  C  CA  . GLY A 1 130 ? -5.581  -10.310 13.396  1.00 22.87  ? 130 GLY A CA  1 
ATOM   969  C  C   . GLY A 1 130 ? -5.673  -10.162 11.889  1.00 21.14  ? 130 GLY A C   1 
ATOM   970  O  O   . GLY A 1 130 ? -5.410  -11.122 11.209  1.00 18.25  ? 130 GLY A O   1 
ATOM   971  N  N   . LEU A 1 131 ? -6.137  -9.025  11.382  1.00 21.38  ? 131 LEU A N   1 
ATOM   972  C  CA  . LEU A 1 131 ? -6.278  -8.776  9.931   1.00 21.19  ? 131 LEU A CA  1 
ATOM   973  C  C   . LEU A 1 131 ? -5.261  -7.695  9.608   1.00 22.06  ? 131 LEU A C   1 
ATOM   974  O  O   . LEU A 1 131 ? -5.086  -6.809  10.450  1.00 23.05  ? 131 LEU A O   1 
ATOM   975  C  CB  . LEU A 1 131 ? -7.687  -8.291  9.586   1.00 25.18  ? 131 LEU A CB  1 
ATOM   976  C  CG  . LEU A 1 131 ? -8.795  -9.331  9.678   1.00 26.70  ? 131 LEU A CG  1 
ATOM   977  C  CD1 . LEU A 1 131 ? -9.883  -9.022  8.669   1.00 30.16  ? 131 LEU A CD1 1 
ATOM   978  C  CD2 . LEU A 1 131 ? -8.263  -10.734 9.445   1.00 28.26  ? 131 LEU A CD2 1 
ATOM   979  N  N   . VAL A 1 132 ? -4.615  -7.805  8.461   1.00 18.32  ? 132 VAL A N   1 
ATOM   980  C  CA  . VAL A 1 132 ? -3.725  -6.759  7.892   1.00 17.36  ? 132 VAL A CA  1 
ATOM   981  C  C   . VAL A 1 132 ? -4.383  -6.336  6.586   1.00 16.09  ? 132 VAL A C   1 
ATOM   982  O  O   . VAL A 1 132 ? -4.806  -7.210  5.790   1.00 16.59  ? 132 VAL A O   1 
ATOM   983  C  CB  . VAL A 1 132 ? -2.283  -7.286  7.707   1.00 16.63  ? 132 VAL A CB  1 
ATOM   984  C  CG1 . VAL A 1 132 ? -2.165  -8.522  6.838   1.00 19.02  ? 132 VAL A CG1 1 
ATOM   985  C  CG2 . VAL A 1 132 ? -1.351  -6.200  7.174   1.00 16.22  ? 132 VAL A CG2 1 
ATOM   986  N  N   . GLY A 1 133 ? -4.496  -5.033  6.354   1.00 15.51  ? 133 GLY A N   1 
ATOM   987  C  CA  . GLY A 1 133 ? -5.033  -4.522  5.086   1.00 14.84  ? 133 GLY A CA  1 
ATOM   988  C  C   . GLY A 1 133 ? -3.922  -3.877  4.281   1.00 12.83  ? 133 GLY A C   1 
ATOM   989  O  O   . GLY A 1 133 ? -3.057  -3.163  4.855   1.00 13.84  ? 133 GLY A O   1 
ATOM   990  N  N   . PHE A 1 134 ? -4.017  -4.043  2.967   1.00 13.62  ? 134 PHE A N   1 
ATOM   991  C  CA  . PHE A 1 134 ? -3.010  -3.515  2.019   1.00 11.75  ? 134 PHE A CA  1 
ATOM   992  C  C   . PHE A 1 134 ? -3.722  -2.614  1.034   1.00 13.64  ? 134 PHE A C   1 
ATOM   993  O  O   . PHE A 1 134 ? -4.773  -2.999  0.528   1.00 16.78  ? 134 PHE A O   1 
ATOM   994  C  CB  . PHE A 1 134 ? -2.346  -4.653  1.241   1.00 11.65  ? 134 PHE A CB  1 
ATOM   995  C  CG  . PHE A 1 134 ? -1.811  -5.750  2.109   1.00 11.84  ? 134 PHE A CG  1 
ATOM   996  C  CD1 . PHE A 1 134 ? -0.513  -5.706  2.587   1.00 10.96  ? 134 PHE A CD1 1 
ATOM   997  C  CD2 . PHE A 1 134 ? -2.597  -6.843  2.439   1.00 12.05  ? 134 PHE A CD2 1 
ATOM   998  C  CE1 . PHE A 1 134 ? -0.007  -6.721  3.397   1.00 11.30  ? 134 PHE A CE1 1 
ATOM   999  C  CE2 . PHE A 1 134 ? -2.069  -7.855  3.234   1.00 12.38  ? 134 PHE A CE2 1 
ATOM   1000 C  CZ  . PHE A 1 134 ? -0.798  -7.781  3.735   1.00 11.86  ? 134 PHE A CZ  1 
ATOM   1001 N  N   . ALA A 1 135 ? -3.172  -1.424  0.814   1.00 12.96  ? 135 ALA A N   1 
ATOM   1002 C  CA  . ALA A 1 135 ? -3.648  -0.508  -0.243  1.00 13.63  ? 135 ALA A CA  1 
ATOM   1003 C  C   . ALA A 1 135 ? -3.171  -1.025  -1.585  1.00 13.84  ? 135 ALA A C   1 
ATOM   1004 O  O   . ALA A 1 135 ? -1.950  -1.075  -1.863  1.00 13.62  ? 135 ALA A O   1 
ATOM   1005 C  CB  . ALA A 1 135 ? -3.191  0.914   -0.031  1.00 14.92  ? 135 ALA A CB  1 
ATOM   1006 N  N   . ASP A 1 136 ? -4.093  -1.401  -2.451  1.00 13.70  ? 136 ASP A N   1 
ATOM   1007 C  CA  . ASP A 1 136 ? -3.747  -1.914  -3.776  1.00 13.30  ? 136 ASP A CA  1 
ATOM   1008 C  C   . ASP A 1 136 ? -3.139  -0.807  -4.644  1.00 12.57  ? 136 ASP A C   1 
ATOM   1009 O  O   . ASP A 1 136 ? -3.568  0.399   -4.481  1.00 14.41  ? 136 ASP A O   1 
ATOM   1010 C  CB  . ASP A 1 136 ? -4.987  -2.495  -4.458  1.00 14.49  ? 136 ASP A CB  1 
ATOM   1011 C  CG  . ASP A 1 136 ? -4.726  -3.048  -5.828  1.00 17.81  ? 136 ASP A CG  1 
ATOM   1012 O  OD1 . ASP A 1 136 ? -3.879  -3.940  -5.928  1.00 17.89  ? 136 ASP A OD1 1 
ATOM   1013 O  OD2 . ASP A 1 136 ? -5.414  -2.592  -6.788  1.00 18.24  ? 136 ASP A OD2 1 
ATOM   1014 N  N   . VAL A 1 137 ? -2.206  -1.155  -5.511  1.00 14.94  ? 137 VAL A N   1 
ATOM   1015 C  CA  . VAL A 1 137 ? -1.692  -0.189  -6.515  1.00 15.28  ? 137 VAL A CA  1 
ATOM   1016 C  C   . VAL A 1 137 ? -1.836  -0.771  -7.916  1.00 16.43  ? 137 VAL A C   1 
ATOM   1017 O  O   . VAL A 1 137 ? -1.409  -0.111  -8.887  1.00 17.50  ? 137 VAL A O   1 
ATOM   1018 C  CB  . VAL A 1 137 ? -0.249  0.217   -6.200  1.00 13.40  ? 137 VAL A CB  1 
ATOM   1019 C  CG1 . VAL A 1 137 ? -0.173  0.940   -4.870  1.00 13.27  ? 137 VAL A CG1 1 
ATOM   1020 C  CG2 . VAL A 1 137 ? 0.727   -0.941  -6.289  1.00 14.82  ? 137 VAL A CG2 1 
ATOM   1021 N  N   . ARG A 1 138 ? -2.418  -1.971  -8.028  1.00 16.64  ? 138 ARG A N   1 
ATOM   1022 C  CA  . ARG A 1 138 ? -2.368  -2.680  -9.327  1.00 17.19  ? 138 ARG A CA  1 
ATOM   1023 C  C   . ARG A 1 138 ? -3.303  -1.996  -10.341 1.00 16.64  ? 138 ARG A C   1 
ATOM   1024 O  O   . ARG A 1 138 ? -3.111  -2.235  -11.537 1.00 21.04  ? 138 ARG A O   1 
ATOM   1025 C  CB  . ARG A 1 138 ? -2.763  -4.148  -9.190  1.00 15.98  ? 138 ARG A CB  1 
ATOM   1026 C  CG  . ARG A 1 138 ? -1.772  -4.950  -8.367  1.00 16.30  ? 138 ARG A CG  1 
ATOM   1027 C  CD  . ARG A 1 138 ? -2.282  -6.374  -8.197  1.00 14.48  ? 138 ARG A CD  1 
ATOM   1028 N  NE  . ARG A 1 138 ? -3.405  -6.388  -7.315  1.00 15.05  ? 138 ARG A NE  1 
ATOM   1029 C  CZ  . ARG A 1 138 ? -4.059  -7.467  -6.940  1.00 13.45  ? 138 ARG A CZ  1 
ATOM   1030 N  NH1 . ARG A 1 138 ? -3.743  -8.615  -7.513  1.00 12.94  ? 138 ARG A NH1 1 
ATOM   1031 N  NH2 . ARG A 1 138 ? -4.985  -7.376  -5.994  1.00 15.14  ? 138 ARG A NH2 1 
ATOM   1032 N  N   . ASP A 1 139 ? -4.305  -1.256  -9.876  1.00 18.24  ? 139 ASP A N   1 
ATOM   1033 C  CA  . ASP A 1 139 ? -5.239  -0.532  -10.796 1.00 19.22  ? 139 ASP A CA  1 
ATOM   1034 C  C   . ASP A 1 139 ? -4.597  0.787   -11.272 1.00 20.26  ? 139 ASP A C   1 
ATOM   1035 O  O   . ASP A 1 139 ? -5.157  1.383   -12.201 1.00 21.50  ? 139 ASP A O   1 
ATOM   1036 C  CB  . ASP A 1 139 ? -6.574  -0.277  -10.109 1.00 21.27  ? 139 ASP A CB  1 
ATOM   1037 C  CG  . ASP A 1 139 ? -6.554  0.709   -8.957  1.00 23.00  ? 139 ASP A CG  1 
ATOM   1038 O  OD1 . ASP A 1 139 ? -5.623  0.604   -8.104  1.00 24.04  ? 139 ASP A OD1 1 
ATOM   1039 O  OD2 . ASP A 1 139 ? -7.491  1.503   -8.871  1.00 25.97  ? 139 ASP A OD2 1 
ATOM   1040 N  N   . LEU A 1 140 ? -3.467  1.220   -10.701 1.00 19.33  ? 140 LEU A N   1 
ATOM   1041 C  CA  . LEU A 1 140 ? -2.833  2.511   -11.065 1.00 19.71  ? 140 LEU A CA  1 
ATOM   1042 C  C   . LEU A 1 140 ? -1.960  2.291   -12.296 1.00 18.54  ? 140 LEU A C   1 
ATOM   1043 O  O   . LEU A 1 140 ? -0.742  2.216   -12.169 1.00 21.10  ? 140 LEU A O   1 
ATOM   1044 C  CB  . LEU A 1 140 ? -2.026  3.026   -9.867  1.00 18.38  ? 140 LEU A CB  1 
ATOM   1045 C  CG  . LEU A 1 140 ? -2.861  3.326   -8.627  1.00 18.79  ? 140 LEU A CG  1 
ATOM   1046 C  CD1 . LEU A 1 140 ? -1.994  3.842   -7.486  1.00 20.23  ? 140 LEU A CD1 1 
ATOM   1047 C  CD2 . LEU A 1 140 ? -4.010  4.265   -8.926  1.00 18.43  ? 140 LEU A CD2 1 
ATOM   1048 N  N   . LEU A 1 141 ? -2.604  2.118   -13.465 1.00 20.76  ? 141 LEU A N   1 
ATOM   1049 C  CA  . LEU A 1 141 ? -1.886  1.767   -14.710 1.00 22.10  ? 141 LEU A CA  1 
ATOM   1050 C  C   . LEU A 1 141 ? -0.914  2.889   -15.102 1.00 23.06  ? 141 LEU A C   1 
ATOM   1051 O  O   . LEU A 1 141 ? 0.151   2.604   -15.574 1.00 21.50  ? 141 LEU A O   1 
ATOM   1052 C  CB  . LEU A 1 141 ? -2.889  1.464   -15.825 1.00 24.69  ? 141 LEU A CB  1 
ATOM   1053 C  CG  . LEU A 1 141 ? -3.954  0.421   -15.488 1.00 25.75  ? 141 LEU A CG  1 
ATOM   1054 C  CD1 . LEU A 1 141 ? -4.741  0.059   -16.737 1.00 26.51  ? 141 LEU A CD1 1 
ATOM   1055 C  CD2 . LEU A 1 141 ? -3.329  -0.824  -14.860 1.00 24.80  ? 141 LEU A CD2 1 
ATOM   1056 N  N   . TRP A 1 142 ? -1.242  4.145   -14.794 1.00 24.21  ? 142 TRP A N   1 
ATOM   1057 C  CA  . TRP A 1 142 ? -0.367  5.292   -15.140 1.00 22.40  ? 142 TRP A CA  1 
ATOM   1058 C  C   . TRP A 1 142 ? 0.962   5.253   -14.373 1.00 22.27  ? 142 TRP A C   1 
ATOM   1059 O  O   . TRP A 1 142 ? 1.847   6.027   -14.804 1.00 23.96  ? 142 TRP A O   1 
ATOM   1060 C  CB  . TRP A 1 142 ? -1.096  6.613   -14.876 1.00 22.76  ? 142 TRP A CB  1 
ATOM   1061 C  CG  . TRP A 1 142 ? -1.620  6.763   -13.479 1.00 23.46  ? 142 TRP A CG  1 
ATOM   1062 C  CD1 . TRP A 1 142 ? -2.907  6.530   -13.077 1.00 22.65  ? 142 TRP A CD1 1 
ATOM   1063 C  CD2 . TRP A 1 142 ? -0.911  7.240   -12.317 1.00 23.18  ? 142 TRP A CD2 1 
ATOM   1064 N  NE1 . TRP A 1 142 ? -3.041  6.804   -11.741 1.00 23.35  ? 142 TRP A NE1 1 
ATOM   1065 C  CE2 . TRP A 1 142 ? -1.835  7.226   -11.251 1.00 24.84  ? 142 TRP A CE2 1 
ATOM   1066 C  CE3 . TRP A 1 142 ? 0.405   7.635   -12.060 1.00 21.63  ? 142 TRP A CE3 1 
ATOM   1067 C  CZ2 . TRP A 1 142 ? -1.486  7.647   -9.969  1.00 23.99  ? 142 TRP A CZ2 1 
ATOM   1068 C  CZ3 . TRP A 1 142 ? 0.745   8.068   -10.794 1.00 21.60  ? 142 TRP A CZ3 1 
ATOM   1069 C  CH2 . TRP A 1 142 ? -0.183  8.033   -9.761  1.00 21.35  ? 142 TRP A CH2 1 
ATOM   1070 N  N   . LEU A 1 143 ? 1.123   4.458   -13.283 1.00 20.55  ? 143 LEU A N   1 
ATOM   1071 C  CA  . LEU A 1 143 ? 2.428   4.311   -12.593 1.00 22.89  ? 143 LEU A CA  1 
ATOM   1072 C  C   . LEU A 1 143 ? 3.463   3.716   -13.555 1.00 27.33  ? 143 LEU A C   1 
ATOM   1073 O  O   . LEU A 1 143 ? 4.680   3.920   -13.333 1.00 27.82  ? 143 LEU A O   1 
ATOM   1074 C  CB  . LEU A 1 143 ? 2.313   3.399   -11.372 1.00 21.67  ? 143 LEU A CB  1 
ATOM   1075 C  CG  . LEU A 1 143 ? 1.663   3.946   -10.109 1.00 20.50  ? 143 LEU A CG  1 
ATOM   1076 C  CD1 . LEU A 1 143 ? 1.565   2.796   -9.111  1.00 20.83  ? 143 LEU A CD1 1 
ATOM   1077 C  CD2 . LEU A 1 143 ? 2.442   5.099   -9.476  1.00 21.74  ? 143 LEU A CD2 1 
ATOM   1078 N  N   . ASP A 1 144 ? 2.995   2.996   -14.583 1.00 32.97  ? 144 ASP A N   1 
ATOM   1079 C  CA  . ASP A 1 144 ? 3.819   2.290   -15.605 1.00 37.53  ? 144 ASP A CA  1 
ATOM   1080 C  C   . ASP A 1 144 ? 4.455   3.271   -16.597 1.00 42.54  ? 144 ASP A C   1 
ATOM   1081 O  O   . ASP A 1 144 ? 5.575   2.975   -17.044 1.00 47.12  ? 144 ASP A O   1 
ATOM   1082 C  CB  . ASP A 1 144 ? 2.965   1.279   -16.387 1.00 37.48  ? 144 ASP A CB  1 
ATOM   1083 C  CG  . ASP A 1 144 ? 2.765   -0.042  -15.664 1.00 39.18  ? 144 ASP A CG  1 
ATOM   1084 O  OD1 . ASP A 1 144 ? 3.642   -0.384  -14.856 1.00 35.19  ? 144 ASP A OD1 1 
ATOM   1085 O  OD2 . ASP A 1 144 ? 1.737   -0.718  -15.919 1.00 36.15  ? 144 ASP A OD2 1 
ATOM   1086 N  N   . GLU A 1 145 ? 3.776   4.386   -16.916 1.00 49.80  ? 145 GLU A N   1 
ATOM   1087 C  CA  . GLU A 1 145 ? 4.087   5.277   -18.073 1.00 54.71  ? 145 GLU A CA  1 
ATOM   1088 C  C   . GLU A 1 145 ? 4.255   6.739   -17.625 1.00 61.05  ? 145 GLU A C   1 
ATOM   1089 O  O   . GLU A 1 145 ? 4.077   7.029   -16.416 1.00 58.46  ? 145 GLU A O   1 
ATOM   1090 C  CB  . GLU A 1 145 ? 2.981   5.143   -19.128 1.00 54.32  ? 145 GLU A CB  1 
ATOM   1091 C  CG  . GLU A 1 145 ? 1.576   5.460   -18.620 1.00 53.09  ? 145 GLU A CG  1 
ATOM   1092 C  CD  . GLU A 1 145 ? 0.491   4.457   -18.994 1.00 54.50  ? 145 GLU A CD  1 
ATOM   1093 O  OE1 . GLU A 1 145 ? -0.699  4.857   -19.058 1.00 50.68  ? 145 GLU A OE1 1 
ATOM   1094 O  OE2 . GLU A 1 145 ? 0.829   3.271   -19.207 1.00 52.23  ? 145 GLU A OE2 1 
ATOM   1095 N  N   . GLU A 1 146 ? 4.612   7.618   -18.573 1.00 67.67  ? 146 GLU A N   1 
ATOM   1096 C  CA  . GLU A 1 146 ? 4.608   9.103   -18.427 1.00 69.42  ? 146 GLU A CA  1 
ATOM   1097 C  C   . GLU A 1 146 ? 5.326   9.494   -17.128 1.00 71.95  ? 146 GLU A C   1 
ATOM   1098 O  O   . GLU A 1 146 ? 6.558   9.528   -17.060 1.00 72.86  ? 146 GLU A O   1 
ATOM   1099 C  CB  . GLU A 1 146 ? 3.160   9.609   -18.511 1.00 70.59  ? 146 GLU A CB  1 
ATOM   1100 C  CG  . GLU A 1 146 ? 2.788   10.698  -17.513 1.00 71.12  ? 146 GLU A CG  1 
ATOM   1101 C  CD  . GLU A 1 146 ? 3.223   12.108  -17.885 1.00 73.04  ? 146 GLU A CD  1 
ATOM   1102 O  OE1 . GLU A 1 146 ? 2.461   13.055  -17.589 1.00 71.10  ? 146 GLU A OE1 1 
ATOM   1103 O  OE2 . GLU A 1 146 ? 4.321   12.260  -18.461 1.00 75.88  ? 146 GLU A OE2 1 
HETATM 1104 N  N1  . GV4 B 2 .   ? -2.979  -1.575  12.464  0.60 16.79  ? 201 GV4 A N1  1 
HETATM 1105 N  N3  . GV4 B 2 .   ? -2.818  1.104   10.195  0.60 15.40  ? 201 GV4 A N3  1 
HETATM 1106 C  C4  . GV4 B 2 .   ? -3.388  -0.350  12.136  0.60 16.48  ? 201 GV4 A C4  1 
HETATM 1107 C  C5  . GV4 B 2 .   ? -3.282  -2.330  13.671  0.60 15.63  ? 201 GV4 A C5  1 
HETATM 1108 C  C6  . GV4 B 2 .   ? -4.358  0.451   12.938  0.60 16.81  ? 201 GV4 A C6  1 
HETATM 1109 C  C7  . GV4 B 2 .   ? -2.736  2.349   10.721  0.60 15.85  ? 201 GV4 A C7  1 
HETATM 1110 C  C8  . GV4 B 2 .   ? -2.788  3.495   9.730   0.60 15.27  ? 201 GV4 A C8  1 
HETATM 1111 C  C1  . GV4 B 2 .   ? -1.045  -1.383  9.469   0.60 16.06  ? 201 GV4 A C1  1 
HETATM 1112 C  C2  . GV4 B 2 .   ? -1.962  -1.170  10.628  0.60 16.26  ? 201 GV4 A C2  1 
HETATM 1113 C  C3  . GV4 B 2 .   ? -2.753  -0.049  10.971  0.60 16.32  ? 201 GV4 A C3  1 
HETATM 1114 N  N2  . GV4 B 2 .   ? -2.115  -2.102  11.550  0.60 15.83  ? 201 GV4 A N2  1 
HETATM 1115 O  O1  . GV4 B 2 .   ? -2.663  2.546   11.920  0.60 15.66  ? 201 GV4 A O1  1 
HETATM 1116 C  C9  . GV4 B 2 .   ? -3.372  4.684   10.345  0.60 15.43  ? 201 GV4 A C9  1 
HETATM 1117 N  N4  . GV4 B 2 .   ? -3.884  5.566   10.849  0.60 14.62  ? 201 GV4 A N4  1 
HETATM 1118 ZN ZN  . ZN  C 3 .   ? -0.037  -11.335 -9.399  1.00 15.63  ? 202 ZN  A ZN  1 
HETATM 1119 S  S   . DMS D 4 .   ? 8.744   -9.286  -10.298 1.00 111.85 ? 203 DMS A S   1 
HETATM 1120 O  O   . DMS D 4 .   ? 9.863   -9.887  -11.100 1.00 118.46 ? 203 DMS A O   1 
HETATM 1121 C  C1  . DMS D 4 .   ? 8.082   -10.608 -9.317  1.00 110.01 ? 203 DMS A C1  1 
HETATM 1122 C  C2  . DMS D 4 .   ? 9.512   -8.355  -8.997  1.00 107.25 ? 203 DMS A C2  1 
HETATM 1123 S  S   . DMS E 4 .   ? -10.338 10.936  -1.783  1.00 34.00  ? 204 DMS A S   1 
HETATM 1124 O  O   . DMS E 4 .   ? -10.410 10.359  -0.402  1.00 33.50  ? 204 DMS A O   1 
HETATM 1125 C  C1  . DMS E 4 .   ? -11.748 10.265  -2.639  1.00 34.00  ? 204 DMS A C1  1 
HETATM 1126 C  C2  . DMS E 4 .   ? -10.875 12.632  -1.635  1.00 36.75  ? 204 DMS A C2  1 
HETATM 1127 S  S   . DMS F 4 .   ? 13.687  -4.334  4.739   1.00 81.38  ? 205 DMS A S   1 
HETATM 1128 O  O   . DMS F 4 .   ? 14.396  -5.663  4.800   1.00 75.69  ? 205 DMS A O   1 
HETATM 1129 C  C1  . DMS F 4 .   ? 14.377  -3.477  3.343   1.00 83.03  ? 205 DMS A C1  1 
HETATM 1130 C  C2  . DMS F 4 .   ? 12.080  -4.665  4.058   1.00 79.50  ? 205 DMS A C2  1 
HETATM 1131 S  S   . DMS G 4 .   ? -1.526  -16.032 10.622  1.00 44.91  ? 206 DMS A S   1 
HETATM 1132 O  O   . DMS G 4 .   ? -2.109  -14.842 11.322  1.00 37.67  ? 206 DMS A O   1 
HETATM 1133 C  C1  . DMS G 4 .   ? 0.046   -16.331 11.377  1.00 45.70  ? 206 DMS A C1  1 
HETATM 1134 C  C2  . DMS G 4 .   ? -2.376  -17.434 11.316  1.00 44.89  ? 206 DMS A C2  1 
HETATM 1135 O  O   . HOH H 5 .   ? -11.512 -5.225  -6.332  1.00 47.83  ? 301 HOH A O   1 
HETATM 1136 O  O   . HOH H 5 .   ? -8.466  -3.001  11.952  1.00 31.07  ? 302 HOH A O   1 
HETATM 1137 O  O   . HOH H 5 .   ? 13.169  7.299   -7.914  0.50 26.05  ? 303 HOH A O   1 
HETATM 1138 O  O   . HOH H 5 .   ? 12.532  -3.718  9.052   1.00 23.63  ? 304 HOH A O   1 
HETATM 1139 O  O   . HOH H 5 .   ? 9.292   12.396  -4.354  1.00 35.35  ? 305 HOH A O   1 
HETATM 1140 O  O   . HOH H 5 .   ? -6.034  10.281  13.560  0.60 27.43  ? 306 HOH A O   1 
HETATM 1141 O  O   . HOH H 5 .   ? 13.141  -0.108  -5.329  0.50 42.13  ? 307 HOH A O   1 
HETATM 1142 O  O   . HOH H 5 .   ? 13.637  -7.254  8.009   1.00 42.91  ? 308 HOH A O   1 
HETATM 1143 O  O   . HOH H 5 .   ? -5.752  -14.868 -10.663 1.00 53.29  ? 309 HOH A O   1 
HETATM 1144 O  O   . HOH H 5 .   ? -2.544  -7.142  12.547  1.00 26.59  ? 310 HOH A O   1 
HETATM 1145 O  O   . HOH H 5 .   ? 4.538   -1.515  15.704  1.00 64.38  ? 311 HOH A O   1 
HETATM 1146 O  O   . HOH H 5 .   ? 10.477  6.132   -8.995  0.50 20.69  ? 312 HOH A O   1 
HETATM 1147 O  O   . HOH H 5 .   ? 13.719  -11.716 11.317  1.00 27.89  ? 313 HOH A O   1 
HETATM 1148 O  O   . HOH H 5 .   ? -5.439  15.942  -4.827  1.00 29.84  ? 314 HOH A O   1 
HETATM 1149 O  O   . HOH H 5 .   ? 12.260  4.314   0.821   1.00 44.21  ? 315 HOH A O   1 
HETATM 1150 O  O   . HOH H 5 .   ? 7.614   -14.096 -10.222 1.00 39.03  ? 316 HOH A O   1 
HETATM 1151 O  O   . HOH H 5 .   ? 7.228   9.418   6.705   1.00 28.75  ? 317 HOH A O   1 
HETATM 1152 O  O   . HOH H 5 .   ? -8.667  0.986   13.253  0.60 30.54  ? 318 HOH A O   1 
HETATM 1153 O  O   . HOH H 5 .   ? 11.284  5.553   -16.110 1.00 49.97  ? 319 HOH A O   1 
HETATM 1154 O  O   . HOH H 5 .   ? -14.465 -3.916  9.272   1.00 45.26  ? 320 HOH A O   1 
HETATM 1155 O  O   . HOH H 5 .   ? 10.578  -0.129  -2.784  1.00 22.16  ? 321 HOH A O   1 
HETATM 1156 O  O   . HOH H 5 .   ? -8.201  -5.213  10.885  1.00 44.49  ? 322 HOH A O   1 
HETATM 1157 O  O   . HOH H 5 .   ? 12.018  2.411   -14.748 1.00 35.38  ? 323 HOH A O   1 
HETATM 1158 O  O   . HOH H 5 .   ? -11.236 6.734   -4.516  1.00 41.81  ? 324 HOH A O   1 
HETATM 1159 O  O   . HOH H 5 .   ? -11.123 -6.629  0.115   1.00 28.06  ? 325 HOH A O   1 
HETATM 1160 O  O   . HOH H 5 .   ? 6.111   -15.014 13.445  1.00 22.70  ? 326 HOH A O   1 
HETATM 1161 O  O   . HOH H 5 .   ? -3.015  3.696   -18.690 1.00 37.65  ? 327 HOH A O   1 
HETATM 1162 O  O   . HOH H 5 .   ? -11.615 10.348  2.619   1.00 42.16  ? 328 HOH A O   1 
HETATM 1163 O  O   . HOH H 5 .   ? -8.050  -8.604  -8.036  1.00 26.28  ? 329 HOH A O   1 
HETATM 1164 O  O   . HOH H 5 .   ? 4.523   4.559   3.572   1.00 13.38  ? 330 HOH A O   1 
HETATM 1165 O  O   . HOH H 5 .   ? -7.749  -1.382  -6.685  1.00 16.84  ? 331 HOH A O   1 
HETATM 1166 O  O   . HOH H 5 .   ? -16.417 8.182   11.657  1.00 43.79  ? 332 HOH A O   1 
HETATM 1167 O  O   . HOH H 5 .   ? -0.739  5.125   14.651  0.60 26.47  ? 333 HOH A O   1 
HETATM 1168 O  O   . HOH H 5 .   ? -7.687  13.072  -0.777  1.00 30.89  ? 334 HOH A O   1 
HETATM 1169 O  O   . HOH H 5 .   ? 1.266   -16.012 6.894   1.00 24.62  ? 335 HOH A O   1 
HETATM 1170 O  O   . HOH H 5 .   ? 10.969  2.551   5.678   1.00 42.53  ? 336 HOH A O   1 
HETATM 1171 O  O   . HOH H 5 .   ? 7.300   8.431   4.778   1.00 34.90  ? 337 HOH A O   1 
HETATM 1172 O  O   . HOH H 5 .   ? -6.695  -9.409  -5.765  1.00 20.03  ? 338 HOH A O   1 
HETATM 1173 O  O   . HOH H 5 .   ? -13.141 2.323   16.750  1.00 38.24  ? 339 HOH A O   1 
HETATM 1174 O  O   . HOH H 5 .   ? -6.517  -6.843  -9.350  1.00 14.58  ? 340 HOH A O   1 
HETATM 1175 O  O   . HOH H 5 .   ? 7.272   7.998   -14.991 1.00 44.15  ? 341 HOH A O   1 
HETATM 1176 O  O   . HOH H 5 .   ? -11.901 -14.891 -4.541  1.00 55.03  ? 342 HOH A O   1 
HETATM 1177 O  O   . HOH H 5 .   ? 9.878   12.625  -0.529  1.00 28.42  ? 343 HOH A O   1 
HETATM 1178 O  O   . HOH H 5 .   ? 9.597   -6.302  -14.414 1.00 49.97  ? 344 HOH A O   1 
HETATM 1179 O  O   . HOH H 5 .   ? -16.172 -2.026  -2.586  1.00 43.47  ? 345 HOH A O   1 
HETATM 1180 O  O   . HOH H 5 .   ? 11.460  -4.790  -10.047 1.00 38.89  ? 346 HOH A O   1 
HETATM 1181 O  O   . HOH H 5 .   ? 0.866   13.309  4.873   1.00 25.94  ? 347 HOH A O   1 
HETATM 1182 O  O   . HOH H 5 .   ? 3.633   15.823  5.674   1.00 25.17  ? 348 HOH A O   1 
HETATM 1183 O  O   . HOH H 5 .   ? -5.442  -14.633 4.796   1.00 13.06  ? 349 HOH A O   1 
HETATM 1184 O  O   . HOH H 5 .   ? -9.821  -10.732 -13.666 1.00 36.43  ? 350 HOH A O   1 
HETATM 1185 O  O   . HOH H 5 .   ? 7.293   -6.094  17.656  1.00 18.29  ? 351 HOH A O   1 
HETATM 1186 O  O   . HOH H 5 .   ? 3.345   -7.614  18.719  1.00 21.52  ? 352 HOH A O   1 
HETATM 1187 O  O   . HOH H 5 .   ? 16.651  -6.341  3.429   1.00 41.52  ? 353 HOH A O   1 
HETATM 1188 O  O   . HOH H 5 .   ? 11.615  -3.587  12.336  1.00 32.13  ? 354 HOH A O   1 
HETATM 1189 O  O   . HOH H 5 .   ? 10.191  16.647  3.497   1.00 24.38  ? 355 HOH A O   1 
HETATM 1190 O  O   . HOH H 5 .   ? -6.404  -4.243  -8.728  1.00 16.44  ? 356 HOH A O   1 
HETATM 1191 O  O   . HOH H 5 .   ? 3.213   8.059   12.132  0.60 28.57  ? 357 HOH A O   1 
HETATM 1192 O  O   . HOH H 5 .   ? 3.214   19.960  -5.000  1.00 25.64  ? 358 HOH A O   1 
HETATM 1193 O  O   . HOH H 5 .   ? -3.564  11.078  5.103   1.00 20.86  ? 359 HOH A O   1 
HETATM 1194 O  O   . HOH H 5 .   ? 5.898   -3.669  7.338   1.00 12.48  ? 360 HOH A O   1 
HETATM 1195 O  O   . HOH H 5 .   ? -5.474  3.344   6.734   0.60 21.34  ? 361 HOH A O   1 
HETATM 1196 O  O   . HOH H 5 .   ? -14.469 6.905   2.075   1.00 44.14  ? 362 HOH A O   1 
HETATM 1197 O  O   . HOH H 5 .   ? -0.186  -14.956 -14.700 1.00 32.98  ? 363 HOH A O   1 
HETATM 1198 O  O   . HOH H 5 .   ? 2.790   -2.319  -17.895 1.00 37.29  ? 364 HOH A O   1 
HETATM 1199 O  O   . HOH H 5 .   ? -2.441  -16.152 7.137   1.00 22.29  ? 365 HOH A O   1 
HETATM 1200 O  O   . HOH H 5 .   ? 2.209   19.012  -7.813  1.00 31.27  ? 366 HOH A O   1 
HETATM 1201 O  O   . HOH H 5 .   ? -7.987  3.634   -10.555 1.00 32.17  ? 367 HOH A O   1 
HETATM 1202 O  O   . HOH H 5 .   ? -4.055  -13.012 12.700  1.00 22.89  ? 368 HOH A O   1 
HETATM 1203 O  O   . HOH H 5 .   ? -1.701  -12.736 13.078  1.00 39.80  ? 369 HOH A O   1 
HETATM 1204 O  O   . HOH H 5 .   ? -1.718  -4.913  16.225  1.00 37.10  ? 370 HOH A O   1 
HETATM 1205 O  O   . HOH H 5 .   ? -8.881  5.743   -7.288  1.00 34.82  ? 371 HOH A O   1 
HETATM 1206 O  O   . HOH H 5 .   ? 11.111  -13.494 6.391   1.00 22.71  ? 372 HOH A O   1 
HETATM 1207 O  O   . HOH H 5 .   ? -3.206  -8.667  13.386  0.60 20.57  ? 373 HOH A O   1 
HETATM 1208 O  O   . HOH H 5 .   ? -4.175  -12.441 -13.027 1.00 20.44  ? 374 HOH A O   1 
HETATM 1209 O  O   . HOH H 5 .   ? -9.511  4.594   10.176  0.60 19.86  ? 375 HOH A O   1 
HETATM 1210 O  O   . HOH H 5 .   ? 1.523   4.444   10.376  1.00 22.30  ? 376 HOH A O   1 
HETATM 1211 O  O   . HOH H 5 .   ? 1.527   -8.252  -14.518 1.00 20.50  ? 377 HOH A O   1 
HETATM 1212 O  O   . HOH H 5 .   ? -1.839  -9.968  15.519  1.00 28.60  ? 378 HOH A O   1 
HETATM 1213 O  O   . HOH H 5 .   ? -12.621 -0.105  -3.618  1.00 25.96  ? 379 HOH A O   1 
HETATM 1214 O  O   . HOH H 5 .   ? 7.343   -8.331  0.453   1.00 22.08  ? 380 HOH A O   1 
HETATM 1215 O  O   . HOH H 5 .   ? -5.256  1.640   -2.584  1.00 17.91  ? 381 HOH A O   1 
HETATM 1216 O  O   . HOH H 5 .   ? 8.874   0.032   8.838   1.00 31.79  ? 382 HOH A O   1 
HETATM 1217 O  O   . HOH H 5 .   ? 14.949  10.373  -6.870  1.00 57.78  ? 383 HOH A O   1 
HETATM 1218 O  O   . HOH H 5 .   ? -2.119  7.219   -18.380 1.00 38.44  ? 384 HOH A O   1 
HETATM 1219 O  O   . HOH H 5 .   ? 8.497   -0.895  1.303   1.00 22.77  ? 385 HOH A O   1 
HETATM 1220 O  O   . HOH H 5 .   ? 10.072  -6.407  0.977   1.00 20.75  ? 386 HOH A O   1 
HETATM 1221 O  O   . HOH H 5 .   ? 5.235   -4.904  18.798  1.00 23.32  ? 387 HOH A O   1 
HETATM 1222 O  O   . HOH H 5 .   ? 3.772   20.425  3.355   1.00 21.52  ? 388 HOH A O   1 
HETATM 1223 O  O   . HOH H 5 .   ? 3.415   11.383  9.087   0.60 24.25  ? 389 HOH A O   1 
HETATM 1224 O  O   . HOH H 5 .   ? 10.688  12.226  1.857   1.00 30.53  ? 390 HOH A O   1 
HETATM 1225 O  O   . HOH H 5 .   ? 7.951   -1.856  6.558   1.00 19.79  ? 391 HOH A O   1 
HETATM 1226 O  O   . HOH H 5 .   ? 1.469   -12.418 10.179  1.00 16.14  ? 392 HOH A O   1 
HETATM 1227 O  O   . HOH H 5 .   ? -6.619  -13.459 -14.221 1.00 30.18  ? 393 HOH A O   1 
HETATM 1228 O  O   . HOH H 5 .   ? -17.070 -2.995  6.066   1.00 42.36  ? 394 HOH A O   1 
HETATM 1229 O  O   . HOH H 5 .   ? -0.349  -18.630 4.439   1.00 33.87  ? 395 HOH A O   1 
HETATM 1230 O  O   . HOH H 5 .   ? 6.457   4.030   10.103  1.00 20.35  ? 396 HOH A O   1 
HETATM 1231 O  O   . HOH H 5 .   ? 8.638   21.720  -5.351  1.00 29.40  ? 397 HOH A O   1 
HETATM 1232 O  O   . HOH H 5 .   ? -13.045 -8.524  -2.945  1.00 34.08  ? 398 HOH A O   1 
HETATM 1233 O  O   . HOH H 5 .   ? -6.347  1.350   0.389   1.00 19.52  ? 399 HOH A O   1 
HETATM 1234 O  O   . HOH H 5 .   ? -6.466  16.335  -0.163  1.00 24.86  ? 400 HOH A O   1 
HETATM 1235 O  O   . HOH H 5 .   ? 9.045   -12.190 14.621  1.00 24.17  ? 401 HOH A O   1 
HETATM 1236 O  O   . HOH H 5 .   ? 5.710   -1.218  -16.705 1.00 32.99  ? 402 HOH A O   1 
HETATM 1237 O  O   . HOH H 5 .   ? -10.155 1.732   17.089  0.60 26.73  ? 403 HOH A O   1 
HETATM 1238 O  O   . HOH H 5 .   ? -3.193  -16.327 4.527   1.00 19.03  ? 404 HOH A O   1 
HETATM 1239 O  O   . HOH H 5 .   ? 4.847   -8.416  -14.141 1.00 32.73  ? 405 HOH A O   1 
HETATM 1240 O  O   . HOH H 5 .   ? 3.226   -13.057 14.646  1.00 28.10  ? 406 HOH A O   1 
HETATM 1241 O  O   . HOH H 5 .   ? 6.526   5.580   -14.850 1.00 34.73  ? 407 HOH A O   1 
HETATM 1242 O  O   . HOH H 5 .   ? 0.171   -13.751 7.987   1.00 18.74  ? 408 HOH A O   1 
HETATM 1243 O  O   . HOH H 5 .   ? -0.085  0.651   -17.753 1.00 34.46  ? 409 HOH A O   1 
HETATM 1244 O  O   . HOH H 5 .   ? 7.136   -12.535 -5.610  1.00 39.80  ? 410 HOH A O   1 
HETATM 1245 O  O   . HOH H 5 .   ? 5.822   -1.513  -13.261 1.00 27.17  ? 411 HOH A O   1 
HETATM 1246 O  O   . HOH H 5 .   ? -5.862  2.806   9.546   0.60 24.62  ? 412 HOH A O   1 
HETATM 1247 O  O   . HOH H 5 .   ? -2.864  -10.984 13.606  0.60 23.55  ? 413 HOH A O   1 
HETATM 1248 O  O   . HOH H 5 .   ? -11.997 -11.301 -2.994  1.00 20.32  ? 414 HOH A O   1 
HETATM 1249 O  O   . HOH H 5 .   ? 11.133  -5.479  -5.445  1.00 29.25  ? 415 HOH A O   1 
HETATM 1250 O  O   . HOH H 5 .   ? -11.090 -3.411  7.902   1.00 39.74  ? 416 HOH A O   1 
HETATM 1251 O  O   . HOH H 5 .   ? 0.806   -16.889 -0.241  1.00 27.54  ? 417 HOH A O   1 
HETATM 1252 O  O   . HOH H 5 .   ? 9.511   -5.371  -8.117  1.00 33.60  ? 418 HOH A O   1 
HETATM 1253 O  O   . HOH H 5 .   ? 1.839   -14.848 -6.119  1.00 27.28  ? 419 HOH A O   1 
HETATM 1254 O  O   . HOH H 5 .   ? 8.762   -3.981  2.273   1.00 17.45  ? 420 HOH A O   1 
HETATM 1255 O  O   . HOH H 5 .   ? -7.766  -14.756 -7.576  1.00 56.20  ? 421 HOH A O   1 
HETATM 1256 O  O   . HOH H 5 .   ? 9.550   0.936   -12.541 0.50 22.16  ? 422 HOH A O   1 
HETATM 1257 O  O   . HOH H 5 .   ? -5.867  7.153   -10.814 1.00 48.50  ? 423 HOH A O   1 
HETATM 1258 O  O   . HOH H 5 .   ? -16.584 6.610   5.008   1.00 31.17  ? 424 HOH A O   1 
HETATM 1259 O  O   . HOH H 5 .   ? -8.938  4.078   7.351   0.60 19.47  ? 425 HOH A O   1 
HETATM 1260 O  O   . HOH H 5 .   ? -8.016  13.165  5.101   0.60 27.30  ? 426 HOH A O   1 
HETATM 1261 O  O   . HOH H 5 .   ? 12.816  8.730   -1.012  1.00 30.54  ? 427 HOH A O   1 
HETATM 1262 O  O   . HOH H 5 .   ? 4.852   20.594  -7.309  1.00 30.84  ? 428 HOH A O   1 
HETATM 1263 O  O   . HOH H 5 .   ? 3.773   0.929   15.527  1.00 25.22  ? 429 HOH A O   1 
HETATM 1264 O  O   . HOH H 5 .   ? 7.081   -16.644 7.285   1.00 27.19  ? 430 HOH A O   1 
HETATM 1265 O  O   . HOH H 5 .   ? -4.932  9.226   -11.878 1.00 38.15  ? 431 HOH A O   1 
HETATM 1266 O  O   . HOH H 5 .   ? -8.673  -3.241  8.713   1.00 34.81  ? 432 HOH A O   1 
HETATM 1267 O  O   . HOH H 5 .   ? 6.805   5.707   4.837   1.00 19.18  ? 433 HOH A O   1 
HETATM 1268 O  O   . HOH H 5 .   ? -11.253 10.665  4.937   1.00 35.50  ? 434 HOH A O   1 
HETATM 1269 O  O   . HOH H 5 .   ? -7.641  -1.428  14.651  0.60 21.55  ? 435 HOH A O   1 
HETATM 1270 O  O   . HOH H 5 .   ? -4.600  13.890  -6.837  1.00 27.11  ? 436 HOH A O   1 
HETATM 1271 O  O   . HOH H 5 .   ? 9.136   5.917   2.986   1.00 25.97  ? 437 HOH A O   1 
HETATM 1272 O  O   . HOH H 5 .   ? 9.170   23.439  -0.761  1.00 38.10  ? 438 HOH A O   1 
HETATM 1273 O  O   . HOH H 5 .   ? 6.558   10.403  -14.059 1.00 34.03  ? 439 HOH A O   1 
HETATM 1274 O  O   . HOH H 5 .   ? 6.816   12.404  -12.113 1.00 35.36  ? 440 HOH A O   1 
HETATM 1275 O  O   . HOH H 5 .   ? -6.163  0.406   10.522  0.60 12.52  ? 441 HOH A O   1 
HETATM 1276 O  O   . HOH H 5 .   ? 15.719  2.272   -14.897 1.00 73.29  ? 442 HOH A O   1 
HETATM 1277 O  O   . HOH H 5 .   ? -3.582  -16.126 -6.752  1.00 38.45  ? 443 HOH A O   1 
HETATM 1278 O  O   . HOH H 5 .   ? 11.185  1.785   1.099   1.00 24.37  ? 444 HOH A O   1 
HETATM 1279 O  O   . HOH H 5 .   ? 17.417  8.628   -13.476 1.00 37.10  ? 445 HOH A O   1 
HETATM 1280 O  O   . HOH H 5 .   ? 17.142  4.506   -15.085 1.00 93.39  ? 446 HOH A O   1 
HETATM 1281 O  O   . HOH H 5 .   ? 9.985   8.771   4.274   1.00 31.00  ? 447 HOH A O   1 
HETATM 1282 O  O   . HOH H 5 .   ? -11.290 -1.435  -5.561  1.00 42.77  ? 448 HOH A O   1 
HETATM 1283 O  O   . HOH H 5 .   ? -16.488 7.896   7.333   1.00 44.20  ? 449 HOH A O   1 
HETATM 1284 O  O   . HOH H 5 .   ? -10.379 -2.416  10.704  1.00 45.21  ? 450 HOH A O   1 
HETATM 1285 O  O   . HOH H 5 .   ? -2.305  8.506   18.752  0.60 22.92  ? 451 HOH A O   1 
HETATM 1286 O  O   . HOH H 5 .   ? 0.589   15.549  -11.472 1.00 39.85  ? 452 HOH A O   1 
HETATM 1287 O  O   . HOH H 5 .   ? -5.317  3.656   -14.598 1.00 26.08  ? 453 HOH A O   1 
HETATM 1288 O  O   . HOH H 5 .   ? -6.021  4.589   -12.268 1.00 38.73  ? 454 HOH A O   1 
HETATM 1289 O  O   . HOH H 5 .   ? 18.294  -4.386  14.419  1.00 46.94  ? 455 HOH A O   1 
HETATM 1290 O  O   . HOH H 5 .   ? 11.804  15.249  -7.023  1.00 49.14  ? 456 HOH A O   1 
HETATM 1291 O  O   . HOH H 5 .   ? -4.292  13.793  -8.859  1.00 39.40  ? 457 HOH A O   1 
HETATM 1292 O  O   . HOH H 5 .   ? -19.762 -0.161  1.454   1.00 46.28  ? 458 HOH A O   1 
HETATM 1293 O  O   . HOH H 5 .   ? 9.182   13.293  -12.273 1.00 34.46  ? 459 HOH A O   1 
HETATM 1294 O  O   . HOH H 5 .   ? 13.945  12.285  -5.489  1.00 40.21  ? 460 HOH A O   1 
HETATM 1295 O  O   . HOH H 5 .   ? -6.615  16.382  4.676   1.00 32.63  ? 461 HOH A O   1 
HETATM 1296 O  O   . HOH H 5 .   ? -1.057  -18.172 0.786   1.00 35.37  ? 462 HOH A O   1 
HETATM 1297 O  O   . HOH H 5 .   ? 7.887   -14.188 15.067  1.00 24.05  ? 463 HOH A O   1 
HETATM 1298 O  O   . HOH H 5 .   ? 5.388   12.935  8.054   1.00 31.20  ? 464 HOH A O   1 
HETATM 1299 O  O   . HOH H 5 .   ? 0.552   16.399  5.837   1.00 31.04  ? 465 HOH A O   1 
HETATM 1300 O  O   . HOH H 5 .   ? -3.223  -14.272 -10.665 1.00 29.84  ? 466 HOH A O   1 
HETATM 1301 O  O   . HOH H 5 .   ? -7.037  8.878   16.816  0.60 34.44  ? 467 HOH A O   1 
HETATM 1302 O  O   . HOH H 5 .   ? 0.003   -13.758 13.847  0.60 21.47  ? 468 HOH A O   1 
HETATM 1303 O  O   . HOH H 5 .   ? 4.027   3.946   14.242  1.00 34.33  ? 469 HOH A O   1 
HETATM 1304 O  O   . HOH H 5 .   ? 2.900   -18.084 -7.093  1.00 47.64  ? 470 HOH A O   1 
HETATM 1305 O  O   . HOH H 5 .   ? -7.432  6.957   -8.914  1.00 39.45  ? 471 HOH A O   1 
HETATM 1306 O  O   . HOH H 5 .   ? 13.117  13.171  -14.366 1.00 56.64  ? 472 HOH A O   1 
HETATM 1307 O  O   . HOH H 5 .   ? 15.118  9.765   -14.969 1.00 47.11  ? 473 HOH A O   1 
HETATM 1308 O  O   . HOH H 5 .   ? 1.152   -1.156  18.398  1.00 32.21  ? 474 HOH A O   1 
HETATM 1309 O  O   . HOH H 5 .   ? 11.285  10.404  3.361   1.00 39.24  ? 475 HOH A O   1 
HETATM 1310 O  O   . HOH H 5 .   ? -3.149  -7.660  15.376  1.00 31.60  ? 476 HOH A O   1 
HETATM 1311 O  O   . HOH H 5 .   ? -6.018  -5.048  18.013  1.00 39.03  ? 477 HOH A O   1 
HETATM 1312 O  O   . HOH H 5 .   ? -4.953  2.891   15.851  0.60 29.35  ? 478 HOH A O   1 
HETATM 1313 O  O   . HOH H 5 .   ? 1.932   -13.738 12.351  1.00 26.04  ? 479 HOH A O   1 
HETATM 1314 O  O   . HOH H 5 .   ? 1.907   13.223  -13.374 0.50 25.46  ? 480 HOH A O   1 
HETATM 1315 O  O   . HOH H 5 .   ? 3.923   4.854   11.215  1.00 28.22  ? 481 HOH A O   1 
HETATM 1316 O  O   . HOH H 5 .   ? 8.273   15.454  7.211   1.00 30.94  ? 482 HOH A O   1 
HETATM 1317 O  O   . HOH H 5 .   ? 18.470  6.322   -12.577 1.00 50.92  ? 483 HOH A O   1 
HETATM 1318 O  O   . HOH H 5 .   ? -4.639  5.257   -16.338 1.00 29.53  ? 484 HOH A O   1 
HETATM 1319 O  O   . HOH H 5 .   ? -0.313  9.843   -14.897 0.50 27.46  ? 485 HOH A O   1 
HETATM 1320 O  O   . HOH H 5 .   ? -0.785  -12.249 15.597  0.60 41.69  ? 486 HOH A O   1 
HETATM 1321 O  O   . HOH H 5 .   ? -13.980 8.357   4.289   1.00 79.27  ? 487 HOH A O   1 
HETATM 1322 O  O   . HOH H 5 .   ? -11.179 -1.183  -8.606  1.00 46.77  ? 488 HOH A O   1 
HETATM 1323 O  O   . HOH H 5 .   ? -10.655 -3.251  12.479  1.00 35.03  ? 489 HOH A O   1 
HETATM 1324 O  O   . HOH H 5 .   ? -3.082  11.882  7.357   1.00 38.41  ? 490 HOH A O   1 
HETATM 1325 O  O   . HOH H 5 .   ? -1.219  13.516  16.755  1.00 44.96  ? 491 HOH A O   1 
HETATM 1326 O  O   . HOH H 5 .   ? 13.362  -11.844 6.517   1.00 37.28  ? 492 HOH A O   1 
HETATM 1327 O  O   . HOH H 5 .   ? -2.219  10.686  -12.185 1.00 38.89  ? 493 HOH A O   1 
HETATM 1328 O  O   . HOH H 5 .   ? -1.977  -15.825 -12.465 1.00 38.37  ? 494 HOH A O   1 
HETATM 1329 O  O   . HOH H 5 .   ? -14.718 6.113   -0.355  1.00 41.67  ? 495 HOH A O   1 
HETATM 1330 O  O   . HOH H 5 .   ? 14.921  3.742   -1.644  1.00 39.70  ? 496 HOH A O   1 
HETATM 1331 O  O   . HOH H 5 .   ? 2.564   -17.675 7.821   1.00 46.32  ? 497 HOH A O   1 
HETATM 1332 O  O   . HOH H 5 .   ? -9.017  -3.639  -8.468  1.00 24.25  ? 498 HOH A O   1 
HETATM 1333 O  O   . HOH H 5 .   ? 14.067  -10.897 14.627  1.00 29.80  ? 499 HOH A O   1 
HETATM 1334 O  O   . HOH H 5 .   ? 1.622   5.612   12.816  1.00 28.49  ? 500 HOH A O   1 
HETATM 1335 O  O   . HOH H 5 .   ? -12.502 -2.347  17.951  1.00 41.84  ? 501 HOH A O   1 
HETATM 1336 O  O   . HOH H 5 .   ? 2.943   -16.124 12.892  1.00 42.28  ? 502 HOH A O   1 
HETATM 1337 O  O   . HOH H 5 .   ? -13.132 10.142  7.518   1.00 73.03  ? 503 HOH A O   1 
HETATM 1338 O  O   . HOH H 5 .   ? 16.177  -10.643 11.177  1.00 38.09  ? 504 HOH A O   1 
HETATM 1339 O  O   . HOH H 5 .   ? 6.583   -16.164 -13.377 1.00 48.24  ? 505 HOH A O   1 
HETATM 1340 O  O   . HOH H 5 .   ? -22.549 4.183   4.146   1.00 68.19  ? 506 HOH A O   1 
HETATM 1341 O  O   . HOH H 5 .   ? 7.044   -17.047 11.030  1.00 32.81  ? 507 HOH A O   1 
HETATM 1342 O  O   . HOH H 5 .   ? 11.743  9.883   -3.900  1.00 59.21  ? 508 HOH A O   1 
HETATM 1343 O  O   . HOH H 5 .   ? -11.171 -6.746  -8.155  1.00 46.04  ? 509 HOH A O   1 
HETATM 1344 O  O   . HOH H 5 .   ? 7.696   6.743   7.024   1.00 26.57  ? 510 HOH A O   1 
HETATM 1345 O  O   . HOH H 5 .   ? -12.318 -5.907  9.450   1.00 32.07  ? 511 HOH A O   1 
HETATM 1346 O  O   . HOH H 5 .   ? -6.182  8.776   -14.274 1.00 32.49  ? 512 HOH A O   1 
HETATM 1347 O  O   . HOH H 5 .   ? 1.958   1.757   17.262  1.00 41.38  ? 513 HOH A O   1 
HETATM 1348 O  O   . HOH H 5 .   ? 8.839   11.430  7.622   1.00 38.77  ? 514 HOH A O   1 
HETATM 1349 O  O   . HOH H 5 .   ? -3.868  7.818   -20.542 1.00 36.66  ? 515 HOH A O   1 
HETATM 1350 O  O   . HOH H 5 .   ? 13.783  8.412   -5.261  1.00 36.54  ? 516 HOH A O   1 
HETATM 1351 O  O   . HOH H 5 .   ? -17.915 5.755   2.083   1.00 42.07  ? 517 HOH A O   1 
HETATM 1352 O  O   . HOH H 5 .   ? 9.517   23.282  -3.305  1.00 33.99  ? 518 HOH A O   1 
HETATM 1353 O  O   . HOH H 5 .   ? 4.754   -17.949 7.849   1.00 38.18  ? 519 HOH A O   1 
HETATM 1354 O  O   . HOH H 5 .   ? -1.773  -2.580  17.712  0.60 34.41  ? 520 HOH A O   1 
HETATM 1355 O  O   . HOH H 5 .   ? -18.280 7.369   13.640  1.00 47.68  ? 521 HOH A O   1 
HETATM 1356 O  O   . HOH H 5 .   ? 15.040  1.455   -4.567  1.00 40.96  ? 522 HOH A O   1 
HETATM 1357 O  O   . HOH H 5 .   ? 18.652  -9.461  14.864  1.00 52.02  ? 523 HOH A O   1 
HETATM 1358 O  O   . HOH H 5 .   ? -16.299 4.876   15.439  1.00 33.44  ? 524 HOH A O   1 
HETATM 1359 O  O   . HOH H 5 .   ? -4.783  7.866   -16.391 1.00 29.14  ? 525 HOH A O   1 
HETATM 1360 O  O   . HOH H 5 .   ? -18.038 4.620   13.781  1.00 47.42  ? 526 HOH A O   1 
HETATM 1361 O  O   . HOH H 5 .   ? -9.645  -2.122  18.545  1.00 34.79  ? 527 HOH A O   1 
HETATM 1362 O  O   . HOH H 5 .   ? 3.070   -17.345 10.575  1.00 38.65  ? 528 HOH A O   1 
HETATM 1363 O  O   . HOH H 5 .   ? -20.528 2.164   -0.275  1.00 55.35  ? 529 HOH A O   1 
HETATM 1364 O  O   . HOH H 5 .   ? -2.535  9.528   -16.926 1.00 32.18  ? 530 HOH A O   1 
HETATM 1365 O  O   . HOH H 5 .   ? 21.453  9.908   -19.535 1.00 37.01  ? 531 HOH A O   1 
# 
